data_3ELE
#
_entry.id   3ELE
#
_cell.length_a   65.564
_cell.length_b   68.387
_cell.length_c   98.112
_cell.angle_alpha   82.510
_cell.angle_beta   79.520
_cell.angle_gamma   75.680
#
_symmetry.space_group_name_H-M   'P 1'
#
loop_
_entity.id
_entity.type
_entity.pdbx_description
1 polymer 'Amino Transferase'
2 non-polymer "PYRIDOXAL-5'-PHOSPHATE"
3 non-polymer 1,2-ETHANEDIOL
4 non-polymer 'CHLORIDE ION'
5 water water
#
_entity_poly.entity_id   1
_entity_poly.type   'polypeptide(L)'
_entity_poly.pdbx_seq_one_letter_code
;G(MSE)VVNES(MSE)YQLGSVRSAIRELFEYGKKRAAIVGKENVYDFSIGNPSIPAPQIVNDTIKELVTDYDSVALHGY
TSAQGDVETRAAIAEFLNNTHGTHFNADNLY(MSE)T(MSE)GAAASLSICFRALTSDAYDEFITIAPYFPEYKVFVNAA
GARLVEVPADTEHFQIDFDALEERINAHTRGVIINSPNNPSGTVYSEETIKKLSDLLEKKSKEIGRPIFIIADEPYREIV
YDGIKVPFVTKYYDNTLVCYSYSKSLSLPGERIGYVLVPDEVYDKAELYAAVCGAGRALGYVCAPSLFQK(MSE)IVKCQ
GATGDINAYKENRDLLYEGLTRIGYHCFKPDGAFY(MSE)FVKALEDDSNAFCEKAKEEDVLIVAADGFGCPGWVRISYC
VDRE(MSE)IKHS(MSE)PAFEKIYKKYNK
;
_entity_poly.pdbx_strand_id   A,B,C,D
#
loop_
_chem_comp.id
_chem_comp.type
_chem_comp.name
_chem_comp.formula
CL non-polymer 'CHLORIDE ION' 'Cl -1'
EDO non-polymer 1,2-ETHANEDIOL 'C2 H6 O2'
PLP non-polymer PYRIDOXAL-5'-PHOSPHATE 'C8 H10 N O6 P'
#
# COMPACT_ATOMS: atom_id res chain seq x y z
N GLY A 1 3.02 0.79 22.39
CA GLY A 1 1.87 1.16 23.29
C GLY A 1 1.23 2.52 23.02
N MSE A 2 1.42 3.05 21.80
CA MSE A 2 0.88 4.35 21.40
C MSE A 2 -0.47 4.19 20.68
O MSE A 2 -0.59 3.43 19.68
CB MSE A 2 1.91 5.09 20.56
CG MSE A 2 1.54 6.51 20.22
SE MSE A 2 3.08 7.62 19.75
CE MSE A 2 3.88 7.65 21.43
N VAL A 3 -1.49 4.88 21.18
CA VAL A 3 -2.87 4.83 20.63
C VAL A 3 -2.99 5.61 19.31
N VAL A 4 -2.26 6.72 19.19
CA VAL A 4 -2.27 7.57 17.99
C VAL A 4 -1.28 7.09 16.93
N ASN A 5 -1.39 7.67 15.73
CA ASN A 5 -0.47 7.40 14.63
C ASN A 5 0.90 7.99 15.02
N GLU A 6 1.95 7.16 15.04
CA GLU A 6 3.30 7.63 15.43
C GLU A 6 3.90 8.75 14.58
N SER A 7 3.70 8.71 13.26
CA SER A 7 4.19 9.78 12.37
C SER A 7 3.54 11.11 12.65
N MSE A 8 2.23 11.07 12.96
CA MSE A 8 1.49 12.28 13.30
C MSE A 8 1.97 12.79 14.64
O MSE A 8 2.26 13.96 14.76
CB MSE A 8 -0.02 12.05 13.29
CG MSE A 8 -0.58 11.67 11.92
SE MSE A 8 -0.22 12.88 10.50
CE MSE A 8 1.50 12.25 9.85
N TYR A 9 2.11 11.90 15.63
CA TYR A 9 2.69 12.28 16.93
C TYR A 9 4.06 12.97 16.74
N GLN A 10 4.94 12.35 15.96
CA GLN A 10 6.27 12.92 15.71
C GLN A 10 6.24 14.25 14.99
N LEU A 11 5.39 14.36 13.98
CA LEU A 11 5.23 15.59 13.24
C LEU A 11 4.66 16.73 14.11
N GLY A 12 3.83 16.42 15.10
CA GLY A 12 3.29 17.44 16.01
C GLY A 12 4.11 17.73 17.26
N SER A 13 5.04 16.85 17.60
CA SER A 13 5.87 16.98 18.78
C SER A 13 7.29 17.51 18.46
N VAL A 14 7.75 17.34 17.20
CA VAL A 14 9.07 17.79 16.76
C VAL A 14 9.18 19.31 16.97
N ARG A 15 10.26 19.72 17.61
CA ARG A 15 10.50 21.12 17.96
C ARG A 15 11.21 21.78 16.79
N SER A 16 10.73 22.95 16.38
CA SER A 16 11.33 23.68 15.26
C SER A 16 12.54 24.48 15.74
N ALA A 17 13.72 24.17 15.19
CA ALA A 17 14.97 24.91 15.50
C ALA A 17 14.85 26.43 15.24
N ILE A 18 14.17 26.80 14.15
CA ILE A 18 13.93 28.20 13.77
C ILE A 18 12.99 28.93 14.74
N ARG A 19 11.87 28.28 15.10
CA ARG A 19 10.90 28.82 16.06
C ARG A 19 11.53 28.97 17.44
N GLU A 20 12.34 27.99 17.82
CA GLU A 20 13.06 28.03 19.12
C GLU A 20 14.07 29.19 19.12
N LEU A 21 14.70 29.43 17.96
CA LEU A 21 15.62 30.57 17.79
C LEU A 21 14.84 31.88 17.93
N PHE A 22 13.66 31.96 17.29
CA PHE A 22 12.78 33.15 17.42
C PHE A 22 12.38 33.44 18.88
N GLU A 23 11.92 32.41 19.58
CA GLU A 23 11.54 32.52 21.02
C GLU A 23 12.75 32.81 21.90
N TYR A 24 13.90 32.21 21.58
CA TYR A 24 15.17 32.54 22.26
C TYR A 24 15.48 34.05 22.19
N GLY A 25 15.25 34.67 21.03
CA GLY A 25 15.45 36.12 20.85
C GLY A 25 14.57 37.00 21.73
N LYS A 26 13.32 36.58 21.93
CA LYS A 26 12.38 37.27 22.83
C LYS A 26 12.87 37.21 24.28
N LYS A 27 13.39 36.05 24.69
CA LYS A 27 13.99 35.84 26.02
C LYS A 27 15.24 36.70 26.18
N ARG A 28 16.05 36.79 25.12
CA ARG A 28 17.23 37.66 25.08
C ARG A 28 16.86 39.16 25.09
N ALA A 29 15.76 39.53 24.43
CA ALA A 29 15.25 40.90 24.42
C ALA A 29 14.94 41.36 25.85
N ALA A 30 14.36 40.46 26.66
CA ALA A 30 14.09 40.75 28.08
C ALA A 30 15.35 41.05 28.90
N ILE A 31 16.48 40.44 28.52
CA ILE A 31 17.76 40.58 29.23
C ILE A 31 18.61 41.75 28.74
N VAL A 32 18.77 41.88 27.41
CA VAL A 32 19.63 42.91 26.79
C VAL A 32 18.90 43.99 25.97
N GLY A 33 17.57 43.94 25.86
CA GLY A 33 16.79 44.92 25.09
C GLY A 33 16.64 44.49 23.65
N LYS A 34 15.47 44.70 23.06
CA LYS A 34 15.20 44.33 21.66
C LYS A 34 16.12 45.05 20.68
N GLU A 35 16.52 46.29 20.98
CA GLU A 35 17.49 47.04 20.14
C GLU A 35 18.85 46.29 19.99
N ASN A 36 19.22 45.49 21.00
CA ASN A 36 20.48 44.74 21.05
C ASN A 36 20.37 43.23 20.69
N VAL A 37 19.25 42.83 20.08
CA VAL A 37 19.02 41.47 19.60
C VAL A 37 18.79 41.58 18.08
N TYR A 38 19.59 40.84 17.31
CA TYR A 38 19.57 40.91 15.85
C TYR A 38 19.00 39.61 15.30
N ASP A 39 17.68 39.58 15.29
CA ASP A 39 16.90 38.43 14.87
C ASP A 39 16.61 38.42 13.38
N PHE A 40 17.34 37.55 12.66
CA PHE A 40 17.15 37.30 11.24
C PHE A 40 16.63 35.87 11.00
N SER A 41 15.92 35.28 11.97
CA SER A 41 15.48 33.88 11.88
C SER A 41 14.19 33.59 11.06
N ILE A 42 13.01 33.80 11.65
CA ILE A 42 11.73 33.46 10.97
C ILE A 42 11.40 34.36 9.77
N GLY A 43 10.93 33.74 8.68
CA GLY A 43 10.61 34.41 7.43
C GLY A 43 9.19 34.93 7.26
N ASN A 44 8.74 35.80 8.18
CA ASN A 44 7.38 36.34 8.14
C ASN A 44 7.29 37.66 7.39
N PRO A 45 6.29 37.81 6.48
CA PRO A 45 6.05 39.11 5.87
C PRO A 45 6.04 40.26 6.89
N SER A 46 6.84 41.28 6.63
CA SER A 46 7.00 42.43 7.51
C SER A 46 6.43 43.75 6.97
N ILE A 47 6.03 43.82 5.70
CA ILE A 47 5.42 45.06 5.12
C ILE A 47 3.89 44.91 5.18
N PRO A 48 3.15 46.02 5.46
CA PRO A 48 1.69 45.90 5.49
C PRO A 48 1.08 45.69 4.11
N ALA A 49 -0.09 45.06 4.09
CA ALA A 49 -0.84 44.83 2.85
C ALA A 49 -1.11 46.19 2.19
N PRO A 50 -1.25 46.24 0.85
CA PRO A 50 -1.62 47.50 0.22
C PRO A 50 -3.03 47.90 0.70
N GLN A 51 -3.30 49.19 0.75
CA GLN A 51 -4.57 49.68 1.31
C GLN A 51 -5.84 49.12 0.63
N ILE A 52 -5.75 48.73 -0.65
CA ILE A 52 -6.87 48.10 -1.38
C ILE A 52 -7.45 46.84 -0.69
N VAL A 53 -6.61 46.08 0.04
CA VAL A 53 -7.04 44.90 0.81
C VAL A 53 -8.06 45.27 1.89
N ASN A 54 -7.65 46.07 2.87
CA ASN A 54 -8.51 46.52 3.98
C ASN A 54 -9.72 47.33 3.51
N ASP A 55 -9.51 48.23 2.54
CA ASP A 55 -10.59 48.98 1.88
C ASP A 55 -11.63 48.05 1.25
N THR A 56 -11.18 47.03 0.52
CA THR A 56 -12.10 46.06 -0.12
C THR A 56 -12.83 45.22 0.91
N ILE A 57 -12.12 44.71 1.93
CA ILE A 57 -12.75 43.93 3.02
C ILE A 57 -13.88 44.75 3.67
N LYS A 58 -13.60 46.02 3.97
CA LYS A 58 -14.61 46.94 4.51
C LYS A 58 -15.85 47.07 3.61
N GLU A 59 -15.62 47.20 2.30
CA GLU A 59 -16.71 47.32 1.30
C GLU A 59 -17.61 46.08 1.20
N LEU A 60 -17.01 44.89 1.24
CA LEU A 60 -17.77 43.65 1.14
C LEU A 60 -18.64 43.45 2.38
N VAL A 61 -18.04 43.63 3.54
CA VAL A 61 -18.73 43.58 4.84
C VAL A 61 -19.89 44.59 4.93
N THR A 62 -19.74 45.76 4.30
CA THR A 62 -20.76 46.82 4.32
C THR A 62 -21.86 46.69 3.26
N ASP A 63 -21.49 46.28 2.03
CA ASP A 63 -22.42 46.28 0.86
C ASP A 63 -22.78 44.95 0.19
N TYR A 64 -21.99 43.90 0.39
CA TYR A 64 -22.27 42.60 -0.24
C TYR A 64 -23.29 41.88 0.66
N ASP A 65 -24.33 41.28 0.07
CA ASP A 65 -25.33 40.46 0.81
C ASP A 65 -24.59 39.49 1.76
N SER A 66 -24.85 39.61 3.07
CA SER A 66 -24.16 38.82 4.11
C SER A 66 -24.24 37.30 3.92
N VAL A 67 -25.41 36.77 3.57
CA VAL A 67 -25.55 35.31 3.32
C VAL A 67 -24.62 34.85 2.17
N ALA A 68 -24.67 35.62 1.08
CA ALA A 68 -23.87 35.38 -0.12
C ALA A 68 -22.37 35.59 0.14
N LEU A 69 -22.01 36.69 0.83
CA LEU A 69 -20.62 36.99 1.21
C LEU A 69 -19.96 35.84 2.00
N HIS A 70 -20.66 35.39 3.05
CA HIS A 70 -20.12 34.37 3.96
C HIS A 70 -20.41 32.91 3.63
N GLY A 71 -21.14 32.65 2.54
CA GLY A 71 -21.55 31.30 2.17
C GLY A 71 -20.48 30.48 1.52
N TYR A 72 -20.71 29.17 1.41
CA TYR A 72 -19.78 28.30 0.68
C TYR A 72 -19.72 28.74 -0.79
N THR A 73 -18.52 28.75 -1.35
CA THR A 73 -18.33 28.93 -2.78
C THR A 73 -18.32 27.44 -3.28
N SER A 74 -18.19 27.24 -4.59
CA SER A 74 -17.96 25.88 -5.11
C SER A 74 -16.61 25.39 -4.56
N ALA A 75 -16.35 24.09 -4.66
CA ALA A 75 -15.08 23.48 -4.20
C ALA A 75 -13.84 24.17 -4.78
N GLN A 76 -13.88 24.43 -6.08
CA GLN A 76 -12.79 25.06 -6.82
C GLN A 76 -12.70 26.56 -6.66
N GLY A 77 -13.73 27.21 -6.11
CA GLY A 77 -13.78 28.64 -5.85
C GLY A 77 -14.74 29.34 -6.78
N ASP A 78 -15.13 30.57 -6.42
CA ASP A 78 -16.00 31.40 -7.26
C ASP A 78 -15.43 31.53 -8.67
N VAL A 79 -16.30 31.44 -9.68
CA VAL A 79 -15.89 31.60 -11.07
C VAL A 79 -15.36 33.04 -11.30
N GLU A 80 -15.90 34.03 -10.58
CA GLU A 80 -15.48 35.43 -10.69
C GLU A 80 -14.06 35.65 -10.17
N THR A 81 -13.70 34.92 -9.12
CA THR A 81 -12.35 34.94 -8.56
C THR A 81 -11.37 34.27 -9.53
N ARG A 82 -11.72 33.06 -9.97
CA ARG A 82 -10.89 32.31 -10.93
C ARG A 82 -10.73 33.06 -12.28
N ALA A 83 -11.84 33.62 -12.78
CA ALA A 83 -11.86 34.44 -14.02
C ALA A 83 -10.92 35.63 -13.93
N ALA A 84 -10.97 36.38 -12.81
CA ALA A 84 -10.11 37.54 -12.54
C ALA A 84 -8.60 37.21 -12.51
N ILE A 85 -8.26 36.03 -11.97
CA ILE A 85 -6.86 35.55 -11.94
C ILE A 85 -6.44 35.10 -13.35
N ALA A 86 -7.27 34.32 -14.04
CA ALA A 86 -6.96 33.88 -15.42
C ALA A 86 -6.67 35.08 -16.33
N GLU A 87 -7.53 36.11 -16.26
CA GLU A 87 -7.41 37.33 -17.06
C GLU A 87 -6.17 38.18 -16.70
N PHE A 88 -5.86 38.28 -15.40
CA PHE A 88 -4.66 38.97 -14.92
C PHE A 88 -3.38 38.26 -15.42
N LEU A 89 -3.35 36.94 -15.30
CA LEU A 89 -2.21 36.11 -15.74
C LEU A 89 -1.98 36.20 -17.27
N ASN A 90 -3.08 36.18 -18.03
CA ASN A 90 -3.03 36.33 -19.50
C ASN A 90 -2.49 37.72 -19.91
N ASN A 91 -2.98 38.78 -19.26
CA ASN A 91 -2.51 40.13 -19.52
C ASN A 91 -1.05 40.39 -19.12
N THR A 92 -0.55 39.67 -18.12
CA THR A 92 0.82 39.83 -17.61
C THR A 92 1.85 38.93 -18.33
N HIS A 93 1.45 37.69 -18.64
CA HIS A 93 2.35 36.66 -19.22
C HIS A 93 2.08 36.24 -20.66
N GLY A 94 0.94 36.64 -21.22
CA GLY A 94 0.59 36.24 -22.59
C GLY A 94 0.11 34.81 -22.72
N THR A 95 -0.35 34.26 -21.59
CA THR A 95 -0.95 32.95 -21.50
C THR A 95 -2.42 33.05 -21.99
N HIS A 96 -3.11 31.90 -22.01
CA HIS A 96 -4.50 31.80 -22.50
C HIS A 96 -5.39 30.98 -21.55
N PHE A 97 -5.24 31.22 -20.24
CA PHE A 97 -6.03 30.53 -19.23
C PHE A 97 -7.45 31.07 -19.17
N ASN A 98 -8.35 30.24 -18.65
CA ASN A 98 -9.73 30.64 -18.36
C ASN A 98 -9.99 30.29 -16.88
N ALA A 99 -11.16 30.66 -16.37
CA ALA A 99 -11.53 30.39 -14.95
C ALA A 99 -11.32 28.90 -14.56
N ASP A 100 -11.66 27.99 -15.46
CA ASP A 100 -11.55 26.54 -15.19
C ASP A 100 -10.13 25.96 -15.12
N ASN A 101 -9.10 26.76 -15.38
CA ASN A 101 -7.72 26.36 -15.19
C ASN A 101 -7.29 26.57 -13.71
N LEU A 102 -8.12 27.23 -12.89
CA LEU A 102 -7.78 27.57 -11.49
C LEU A 102 -8.57 26.77 -10.47
N TYR A 103 -7.92 26.50 -9.32
CA TYR A 103 -8.56 25.86 -8.16
C TYR A 103 -8.12 26.69 -6.96
N MSE A 104 -9.07 27.36 -6.28
CA MSE A 104 -8.75 28.25 -5.17
C MSE A 104 -8.46 27.42 -3.91
O MSE A 104 -9.22 26.54 -3.56
CB MSE A 104 -9.85 29.27 -4.89
CG MSE A 104 -10.26 30.12 -6.12
SE MSE A 104 -8.79 30.97 -7.03
CE MSE A 104 -8.25 32.18 -5.62
N THR A 105 -7.34 27.75 -3.25
CA THR A 105 -6.84 27.01 -2.10
C THR A 105 -6.64 27.91 -0.89
N MSE A 106 -6.34 27.28 0.23
CA MSE A 106 -6.09 27.93 1.50
C MSE A 106 -4.60 28.11 1.74
O MSE A 106 -4.05 27.62 2.73
CB MSE A 106 -6.79 27.12 2.60
CG MSE A 106 -8.32 27.07 2.34
SE MSE A 106 -9.30 26.36 3.78
CE MSE A 106 -8.70 24.62 3.59
N GLY A 107 -3.96 28.82 0.80
CA GLY A 107 -2.52 29.09 0.83
C GLY A 107 -1.70 28.08 0.05
N ALA A 108 -0.41 28.40 -0.08
CA ALA A 108 0.56 27.61 -0.80
C ALA A 108 0.78 26.22 -0.20
N ALA A 109 0.73 26.08 1.13
CA ALA A 109 0.86 24.75 1.78
C ALA A 109 -0.27 23.82 1.34
N ALA A 110 -1.47 24.38 1.17
CA ALA A 110 -2.62 23.62 0.68
C ALA A 110 -2.43 23.28 -0.82
N SER A 111 -1.91 24.22 -1.61
CA SER A 111 -1.68 24.01 -3.04
C SER A 111 -0.67 22.89 -3.28
N LEU A 112 0.45 22.95 -2.55
CA LEU A 112 1.50 21.90 -2.63
C LEU A 112 0.97 20.54 -2.21
N SER A 113 0.26 20.50 -1.06
CA SER A 113 -0.33 19.26 -0.53
C SER A 113 -1.24 18.61 -1.57
N ILE A 114 -2.13 19.41 -2.16
CA ILE A 114 -3.05 18.96 -3.25
C ILE A 114 -2.28 18.36 -4.42
N CYS A 115 -1.20 19.02 -4.85
CA CYS A 115 -0.37 18.51 -5.98
C CYS A 115 0.29 17.16 -5.70
N PHE A 116 0.91 17.00 -4.54
CA PHE A 116 1.56 15.72 -4.20
C PHE A 116 0.52 14.64 -3.97
N ARG A 117 -0.58 15.00 -3.30
CA ARG A 117 -1.70 14.07 -3.07
C ARG A 117 -2.34 13.59 -4.39
N ALA A 118 -2.56 14.53 -5.32
CA ALA A 118 -3.13 14.20 -6.64
C ALA A 118 -2.18 13.37 -7.49
N LEU A 119 -0.90 13.66 -7.41
CA LEU A 119 0.10 12.96 -8.23
C LEU A 119 0.67 11.66 -7.64
N THR A 120 0.54 11.38 -6.33
CA THR A 120 1.11 10.14 -5.73
C THR A 120 0.20 8.88 -5.85
N SER A 121 0.66 7.89 -6.62
CA SER A 121 -0.08 6.66 -6.83
C SER A 121 0.62 5.42 -6.27
N ASP A 122 1.75 5.59 -5.59
CA ASP A 122 2.57 4.45 -5.13
C ASP A 122 3.56 4.92 -4.06
N ALA A 123 3.85 4.02 -3.10
CA ALA A 123 4.79 4.28 -2.01
C ALA A 123 6.20 4.64 -2.48
N TYR A 124 6.57 4.15 -3.67
CA TYR A 124 7.89 4.38 -4.23
C TYR A 124 8.02 5.62 -5.11
N ASP A 125 6.94 6.38 -5.28
CA ASP A 125 6.95 7.66 -6.01
C ASP A 125 7.94 8.64 -5.41
N GLU A 126 8.70 9.31 -6.27
CA GLU A 126 9.69 10.30 -5.83
C GLU A 126 9.39 11.69 -6.37
N PHE A 127 9.59 12.70 -5.52
CA PHE A 127 9.53 14.10 -5.93
C PHE A 127 10.92 14.69 -5.64
N ILE A 128 11.45 15.41 -6.63
CA ILE A 128 12.79 15.96 -6.59
C ILE A 128 12.72 17.43 -6.18
N THR A 129 13.57 17.81 -5.23
CA THR A 129 13.72 19.21 -4.78
C THR A 129 15.18 19.58 -5.13
N ILE A 130 15.41 20.85 -5.45
CA ILE A 130 16.74 21.37 -5.82
C ILE A 130 17.22 22.16 -4.61
N ALA A 131 18.31 21.69 -3.99
CA ALA A 131 18.89 22.35 -2.82
C ALA A 131 19.53 23.71 -3.21
N PRO A 132 19.51 24.72 -2.31
CA PRO A 132 18.90 24.68 -0.99
C PRO A 132 17.39 24.80 -1.12
N TYR A 133 16.65 24.13 -0.23
CA TYR A 133 15.20 24.09 -0.35
C TYR A 133 14.42 24.24 0.97
N PHE A 134 13.14 24.60 0.82
CA PHE A 134 12.17 24.74 1.90
C PHE A 134 11.92 23.35 2.53
N PRO A 135 12.41 23.10 3.77
CA PRO A 135 12.32 21.75 4.35
C PRO A 135 10.94 21.14 4.49
N GLU A 136 9.90 21.98 4.57
CA GLU A 136 8.51 21.53 4.69
C GLU A 136 8.04 20.72 3.47
N TYR A 137 8.73 20.83 2.32
CA TYR A 137 8.43 19.96 1.16
C TYR A 137 8.46 18.49 1.53
N LYS A 138 9.43 18.08 2.35
CA LYS A 138 9.52 16.69 2.85
C LYS A 138 8.25 16.26 3.59
N VAL A 139 7.69 17.14 4.40
CA VAL A 139 6.45 16.81 5.15
C VAL A 139 5.27 16.61 4.19
N PHE A 140 5.13 17.51 3.21
CA PHE A 140 4.03 17.43 2.24
C PHE A 140 4.19 16.20 1.34
N VAL A 141 5.41 15.93 0.88
CA VAL A 141 5.69 14.73 0.04
C VAL A 141 5.45 13.43 0.82
N ASN A 142 6.00 13.36 2.02
CA ASN A 142 5.79 12.23 2.94
C ASN A 142 4.33 12.09 3.31
N ALA A 143 3.63 13.21 3.55
CA ALA A 143 2.18 13.18 3.87
C ALA A 143 1.34 12.59 2.74
N ALA A 144 1.81 12.67 1.50
CA ALA A 144 1.13 12.07 0.33
C ALA A 144 1.51 10.61 0.13
N GLY A 145 2.47 10.09 0.90
CA GLY A 145 2.94 8.71 0.79
C GLY A 145 4.15 8.51 -0.11
N ALA A 146 4.78 9.61 -0.57
CA ALA A 146 5.92 9.58 -1.50
C ALA A 146 7.20 9.92 -0.76
N ARG A 147 8.30 9.98 -1.52
CA ARG A 147 9.60 10.29 -0.96
C ARG A 147 10.26 11.47 -1.67
N LEU A 148 11.11 12.17 -0.92
CA LEU A 148 11.80 13.34 -1.41
C LEU A 148 13.23 12.96 -1.81
N VAL A 149 13.67 13.47 -2.95
CA VAL A 149 15.02 13.26 -3.49
C VAL A 149 15.62 14.67 -3.64
N GLU A 150 16.75 14.91 -2.99
CA GLU A 150 17.44 16.20 -3.04
C GLU A 150 18.51 16.25 -4.10
N VAL A 151 18.49 17.29 -4.95
CA VAL A 151 19.59 17.53 -5.87
C VAL A 151 20.57 18.45 -5.12
N PRO A 152 21.87 18.04 -5.01
CA PRO A 152 22.88 18.91 -4.37
C PRO A 152 22.96 20.32 -5.00
N ALA A 153 23.23 21.32 -4.16
CA ALA A 153 23.21 22.70 -4.58
C ALA A 153 24.31 23.08 -5.61
N ASP A 154 23.92 24.01 -6.49
CA ASP A 154 24.82 24.70 -7.38
C ASP A 154 25.22 25.88 -6.50
N THR A 155 26.32 25.74 -5.77
CA THR A 155 26.81 26.83 -4.91
C THR A 155 27.57 27.94 -5.68
N GLU A 156 27.83 27.73 -6.98
CA GLU A 156 28.50 28.73 -7.82
C GLU A 156 27.50 29.84 -8.18
N HIS A 157 26.37 29.47 -8.78
CA HIS A 157 25.32 30.43 -9.21
C HIS A 157 23.90 30.26 -8.62
N PHE A 158 23.66 29.20 -7.84
CA PHE A 158 22.33 28.87 -7.28
C PHE A 158 21.21 28.72 -8.33
N GLN A 159 21.59 28.05 -9.43
CA GLN A 159 20.68 27.67 -10.50
C GLN A 159 20.49 26.15 -10.28
N ILE A 160 20.62 25.34 -11.32
CA ILE A 160 20.43 23.89 -11.20
C ILE A 160 21.66 23.19 -11.74
N ASP A 161 22.14 22.19 -10.99
CA ASP A 161 23.21 21.30 -11.46
C ASP A 161 22.45 20.25 -12.27
N PHE A 162 22.36 20.47 -13.57
CA PHE A 162 21.62 19.56 -14.47
C PHE A 162 22.16 18.14 -14.57
N ASP A 163 23.47 17.95 -14.39
CA ASP A 163 24.07 16.61 -14.35
C ASP A 163 23.54 15.83 -13.13
N ALA A 164 23.65 16.47 -11.96
CA ALA A 164 23.16 15.92 -10.69
C ALA A 164 21.65 15.64 -10.79
N LEU A 165 20.88 16.58 -11.34
CA LEU A 165 19.42 16.40 -11.49
C LEU A 165 19.09 15.21 -12.38
N GLU A 166 19.68 15.17 -13.58
CA GLU A 166 19.46 14.09 -14.55
C GLU A 166 19.76 12.71 -13.97
N GLU A 167 20.83 12.63 -13.18
CA GLU A 167 21.27 11.39 -12.53
C GLU A 167 20.26 10.89 -11.48
N ARG A 168 19.51 11.81 -10.85
CA ARG A 168 18.48 11.47 -9.84
C ARG A 168 17.06 11.25 -10.41
N ILE A 169 16.88 11.43 -11.71
CA ILE A 169 15.61 11.18 -12.40
C ILE A 169 15.61 9.70 -12.76
N ASN A 170 14.50 9.01 -12.47
CA ASN A 170 14.32 7.57 -12.79
C ASN A 170 12.83 7.27 -13.05
N ALA A 171 12.50 5.98 -13.19
CA ALA A 171 11.11 5.55 -13.42
C ALA A 171 10.13 5.96 -12.30
N HIS A 172 10.60 6.15 -11.07
CA HIS A 172 9.75 6.53 -9.92
C HIS A 172 9.52 8.05 -9.77
N THR A 173 10.23 8.86 -10.56
CA THR A 173 10.15 10.32 -10.50
C THR A 173 8.83 10.83 -11.08
N ARG A 174 7.99 11.39 -10.19
CA ARG A 174 6.68 11.94 -10.54
CA ARG A 174 6.67 11.94 -10.54
C ARG A 174 6.73 13.43 -10.84
N GLY A 175 7.67 14.13 -10.19
CA GLY A 175 7.81 15.55 -10.40
C GLY A 175 9.04 16.21 -9.84
N VAL A 176 9.28 17.43 -10.31
CA VAL A 176 10.40 18.27 -9.86
C VAL A 176 9.80 19.55 -9.31
N ILE A 177 10.09 19.84 -8.05
CA ILE A 177 9.62 21.02 -7.36
C ILE A 177 10.63 22.14 -7.63
N ILE A 178 10.15 23.33 -8.00
CA ILE A 178 10.97 24.50 -8.20
C ILE A 178 10.36 25.67 -7.41
N ASN A 179 11.21 26.50 -6.86
CA ASN A 179 10.79 27.63 -6.04
C ASN A 179 11.66 28.78 -6.48
N SER A 180 11.11 29.61 -7.37
CA SER A 180 11.79 30.79 -7.92
C SER A 180 10.83 31.98 -8.03
N PRO A 181 11.10 33.10 -7.31
CA PRO A 181 12.21 33.35 -6.38
C PRO A 181 12.25 32.39 -5.17
N ASN A 182 13.47 32.06 -4.76
CA ASN A 182 13.77 30.96 -3.83
C ASN A 182 13.93 31.25 -2.33
N ASN A 183 13.30 30.38 -1.53
CA ASN A 183 13.53 30.31 -0.08
C ASN A 183 14.35 28.99 0.02
N PRO A 184 15.58 29.03 0.56
CA PRO A 184 16.31 30.11 1.26
C PRO A 184 17.34 30.99 0.54
N SER A 185 17.70 30.67 -0.70
CA SER A 185 18.81 31.37 -1.37
C SER A 185 18.54 32.75 -1.93
N GLY A 186 17.27 33.04 -2.22
CA GLY A 186 16.89 34.27 -2.92
C GLY A 186 17.26 34.27 -4.41
N THR A 187 17.63 33.10 -4.96
CA THR A 187 17.97 32.98 -6.36
C THR A 187 16.70 33.08 -7.22
N VAL A 188 16.90 33.38 -8.49
CA VAL A 188 15.81 33.44 -9.48
C VAL A 188 16.31 32.68 -10.68
N TYR A 189 15.59 31.63 -11.08
CA TYR A 189 15.99 30.84 -12.25
C TYR A 189 15.77 31.63 -13.54
N SER A 190 16.82 31.71 -14.35
CA SER A 190 16.80 32.41 -15.63
C SER A 190 15.99 31.63 -16.66
N GLU A 191 15.62 32.29 -17.74
CA GLU A 191 14.93 31.65 -18.86
C GLU A 191 15.72 30.44 -19.34
N GLU A 192 17.05 30.60 -19.43
CA GLU A 192 17.94 29.54 -19.87
C GLU A 192 17.82 28.31 -18.94
N THR A 193 17.83 28.54 -17.63
CA THR A 193 17.68 27.46 -16.63
C THR A 193 16.32 26.76 -16.79
N ILE A 194 15.25 27.56 -16.95
CA ILE A 194 13.89 27.05 -17.14
C ILE A 194 13.78 26.25 -18.46
N LYS A 195 14.44 26.73 -19.53
CA LYS A 195 14.46 26.02 -20.83
C LYS A 195 15.23 24.68 -20.76
N LYS A 196 16.41 24.68 -20.15
CA LYS A 196 17.21 23.42 -20.00
C LYS A 196 16.45 22.38 -19.16
N LEU A 197 15.80 22.85 -18.08
CA LEU A 197 14.96 22.01 -17.22
C LEU A 197 13.82 21.41 -18.00
N SER A 198 13.13 22.26 -18.77
CA SER A 198 12.02 21.83 -19.59
C SER A 198 12.44 20.80 -20.64
N ASP A 199 13.57 21.03 -21.30
CA ASP A 199 14.09 20.05 -22.28
C ASP A 199 14.49 18.72 -21.64
N LEU A 200 15.13 18.77 -20.48
CA LEU A 200 15.55 17.58 -19.74
C LEU A 200 14.36 16.73 -19.32
N LEU A 201 13.37 17.36 -18.70
CA LEU A 201 12.17 16.67 -18.21
C LEU A 201 11.29 16.13 -19.33
N GLU A 202 11.16 16.89 -20.42
CA GLU A 202 10.45 16.40 -21.62
C GLU A 202 11.13 15.10 -22.16
N LYS A 203 12.47 15.13 -22.27
CA LYS A 203 13.27 13.99 -22.73
C LYS A 203 13.12 12.79 -21.78
N LYS A 204 13.28 13.01 -20.45
CA LYS A 204 13.12 11.92 -19.46
C LYS A 204 11.68 11.41 -19.34
N SER A 205 10.69 12.26 -19.58
CA SER A 205 9.27 11.87 -19.59
C SER A 205 9.00 10.84 -20.69
N LYS A 206 9.57 11.08 -21.89
CA LYS A 206 9.47 10.16 -23.02
C LYS A 206 10.18 8.81 -22.70
N GLU A 207 11.39 8.88 -22.15
CA GLU A 207 12.13 7.65 -21.74
C GLU A 207 11.35 6.79 -20.74
N ILE A 208 10.77 7.38 -19.71
CA ILE A 208 10.01 6.60 -18.72
C ILE A 208 8.56 6.30 -19.14
N GLY A 209 8.10 6.83 -20.28
CA GLY A 209 6.72 6.66 -20.75
C GLY A 209 5.70 7.32 -19.85
N ARG A 210 6.08 8.39 -19.16
CA ARG A 210 5.19 9.02 -18.20
C ARG A 210 5.57 10.47 -17.90
N PRO A 211 4.59 11.39 -17.81
CA PRO A 211 4.91 12.78 -17.50
C PRO A 211 5.60 13.02 -16.15
N ILE A 212 6.67 13.82 -16.16
CA ILE A 212 7.34 14.28 -14.93
C ILE A 212 6.85 15.72 -14.84
N PHE A 213 6.05 16.02 -13.82
CA PHE A 213 5.55 17.38 -13.63
C PHE A 213 6.56 18.33 -13.07
N ILE A 214 6.41 19.60 -13.40
CA ILE A 214 7.11 20.69 -12.73
C ILE A 214 6.03 21.17 -11.73
N ILE A 215 6.37 21.22 -10.45
CA ILE A 215 5.51 21.77 -9.41
C ILE A 215 6.21 23.07 -9.08
N ALA A 216 5.63 24.20 -9.54
CA ALA A 216 6.20 25.53 -9.38
C ALA A 216 5.62 26.22 -8.15
N ASP A 217 6.46 26.36 -7.12
CA ASP A 217 6.11 26.98 -5.85
C ASP A 217 6.45 28.46 -5.97
N GLU A 218 5.45 29.27 -6.33
CA GLU A 218 5.66 30.70 -6.68
C GLU A 218 5.20 31.82 -5.75
N PRO A 219 5.18 31.62 -4.42
CA PRO A 219 4.66 32.72 -3.58
C PRO A 219 5.51 34.00 -3.56
N TYR A 220 6.81 33.92 -3.91
CA TYR A 220 7.72 35.09 -3.98
C TYR A 220 7.81 35.73 -5.38
N ARG A 221 6.97 35.27 -6.34
CA ARG A 221 6.99 35.75 -7.73
C ARG A 221 7.15 37.25 -7.89
N GLU A 222 6.38 38.04 -7.13
CA GLU A 222 6.44 39.51 -7.22
C GLU A 222 7.52 40.14 -6.32
N ILE A 223 8.12 39.35 -5.41
CA ILE A 223 9.22 39.80 -4.55
C ILE A 223 10.50 39.52 -5.33
N VAL A 224 10.76 40.37 -6.32
CA VAL A 224 11.92 40.27 -7.22
C VAL A 224 12.42 41.69 -7.45
N TYR A 225 13.74 41.85 -7.64
CA TYR A 225 14.39 43.16 -7.70
C TYR A 225 15.16 43.42 -8.99
N ASP A 226 15.43 44.71 -9.23
CA ASP A 226 16.27 45.22 -10.35
C ASP A 226 15.79 44.85 -11.76
N GLY A 227 14.47 44.71 -11.93
CA GLY A 227 13.91 44.34 -13.22
C GLY A 227 14.21 42.91 -13.68
N ILE A 228 14.63 42.03 -12.76
CA ILE A 228 14.92 40.64 -13.10
C ILE A 228 13.57 40.00 -13.43
N LYS A 229 13.56 39.16 -14.47
CA LYS A 229 12.34 38.49 -14.93
C LYS A 229 12.21 37.09 -14.32
N VAL A 230 11.01 36.79 -13.79
CA VAL A 230 10.64 35.48 -13.29
C VAL A 230 9.85 34.87 -14.48
N PRO A 231 10.46 33.95 -15.27
CA PRO A 231 9.69 33.36 -16.39
C PRO A 231 8.44 32.59 -15.94
N PHE A 232 7.33 32.71 -16.69
CA PHE A 232 6.12 31.98 -16.38
C PHE A 232 6.28 30.57 -16.97
N VAL A 233 6.49 29.61 -16.08
CA VAL A 233 6.94 28.24 -16.42
C VAL A 233 6.04 27.43 -17.35
N THR A 234 4.73 27.68 -17.29
CA THR A 234 3.74 26.94 -18.11
C THR A 234 3.96 27.16 -19.59
N LYS A 235 4.56 28.32 -19.94
CA LYS A 235 4.89 28.65 -21.31
C LYS A 235 6.06 27.86 -21.88
N TYR A 236 6.89 27.28 -21.00
CA TYR A 236 8.10 26.53 -21.35
C TYR A 236 7.95 25.00 -21.25
N TYR A 237 7.06 24.56 -20.36
CA TYR A 237 6.84 23.17 -20.11
C TYR A 237 5.34 22.90 -19.97
N ASP A 238 4.82 21.96 -20.76
CA ASP A 238 3.40 21.67 -20.80
C ASP A 238 2.86 21.15 -19.46
N ASN A 239 3.50 20.10 -18.93
CA ASN A 239 3.12 19.49 -17.64
C ASN A 239 3.67 20.25 -16.44
N THR A 240 3.09 21.42 -16.21
CA THR A 240 3.48 22.30 -15.11
C THR A 240 2.23 22.61 -14.30
N LEU A 241 2.34 22.45 -12.98
CA LEU A 241 1.33 22.83 -12.01
C LEU A 241 1.93 24.01 -11.29
N VAL A 242 1.18 25.11 -11.16
CA VAL A 242 1.65 26.32 -10.47
C VAL A 242 0.90 26.45 -9.15
N CYS A 243 1.66 26.63 -8.07
CA CYS A 243 1.15 26.82 -6.70
C CYS A 243 1.50 28.24 -6.34
N TYR A 244 0.48 29.01 -6.01
CA TYR A 244 0.63 30.39 -5.66
C TYR A 244 -0.19 30.72 -4.41
N SER A 245 0.20 31.79 -3.72
CA SER A 245 -0.58 32.34 -2.63
C SER A 245 -0.32 33.83 -2.52
N TYR A 246 -1.22 34.52 -1.83
CA TYR A 246 -1.13 35.96 -1.58
C TYR A 246 -0.45 36.30 -0.24
N SER A 247 0.25 35.31 0.35
CA SER A 247 0.93 35.46 1.63
C SER A 247 2.03 36.52 1.61
N LYS A 248 2.78 36.60 0.50
CA LYS A 248 3.89 37.57 0.36
C LYS A 248 3.54 38.80 -0.46
N SER A 249 2.83 38.57 -1.57
CA SER A 249 2.44 39.63 -2.51
C SER A 249 1.52 40.66 -1.85
N LEU A 250 0.53 40.20 -1.09
CA LEU A 250 -0.41 41.04 -0.35
C LEU A 250 -0.17 41.08 1.18
N SER A 251 0.86 40.37 1.69
CA SER A 251 1.14 40.31 3.14
C SER A 251 -0.04 39.75 3.95
N LEU A 252 -0.65 38.68 3.41
CA LEU A 252 -1.80 38.04 4.03
C LEU A 252 -1.50 36.56 4.38
N PRO A 253 -0.35 36.27 5.04
CA PRO A 253 -0.02 34.86 5.32
C PRO A 253 -0.99 34.10 6.23
N GLY A 254 -1.55 34.81 7.21
CA GLY A 254 -2.54 34.25 8.10
C GLY A 254 -3.94 34.10 7.52
N GLU A 255 -4.23 34.73 6.37
CA GLU A 255 -5.57 34.66 5.74
C GLU A 255 -5.86 33.41 4.88
N ARG A 256 -4.81 32.71 4.45
CA ARG A 256 -4.90 31.40 3.76
C ARG A 256 -5.67 31.49 2.45
N ILE A 257 -5.05 32.11 1.46
CA ILE A 257 -5.66 32.23 0.12
C ILE A 257 -4.61 32.09 -0.98
N GLY A 258 -4.83 31.12 -1.86
CA GLY A 258 -3.95 30.91 -2.98
C GLY A 258 -4.63 30.10 -4.03
N TYR A 259 -3.83 29.43 -4.85
CA TYR A 259 -4.39 28.59 -5.90
C TYR A 259 -3.43 27.57 -6.44
N VAL A 260 -4.01 26.64 -7.19
CA VAL A 260 -3.33 25.66 -8.01
C VAL A 260 -3.82 25.98 -9.44
N LEU A 261 -2.87 26.18 -10.35
CA LEU A 261 -3.17 26.49 -11.74
C LEU A 261 -2.88 25.22 -12.53
N VAL A 262 -3.90 24.72 -13.23
CA VAL A 262 -3.81 23.49 -14.08
C VAL A 262 -4.00 23.88 -15.58
N PRO A 263 -2.90 24.09 -16.34
CA PRO A 263 -3.02 24.45 -17.78
C PRO A 263 -3.74 23.41 -18.63
N ASP A 264 -4.30 23.86 -19.75
CA ASP A 264 -4.93 22.96 -20.72
C ASP A 264 -3.90 22.05 -21.39
N GLU A 265 -2.64 22.50 -21.49
CA GLU A 265 -1.57 21.76 -22.18
C GLU A 265 -0.96 20.62 -21.39
N VAL A 266 -1.40 20.37 -20.16
CA VAL A 266 -0.99 19.18 -19.41
C VAL A 266 -1.54 17.98 -20.19
N TYR A 267 -0.92 16.80 -20.01
CA TYR A 267 -1.26 15.54 -20.72
C TYR A 267 -2.78 15.28 -20.84
N ASP A 268 -3.53 15.58 -19.78
CA ASP A 268 -4.99 15.41 -19.72
C ASP A 268 -5.52 16.34 -18.62
N LYS A 269 -5.88 17.58 -18.99
CA LYS A 269 -6.38 18.59 -18.04
C LYS A 269 -7.59 18.14 -17.27
N ALA A 270 -8.58 17.57 -17.96
CA ALA A 270 -9.80 17.10 -17.28
C ALA A 270 -9.46 16.10 -16.17
N GLU A 271 -8.57 15.15 -16.47
CA GLU A 271 -8.17 14.11 -15.52
C GLU A 271 -7.37 14.64 -14.33
N LEU A 272 -6.37 15.47 -14.62
CA LEU A 272 -5.51 16.07 -13.59
C LEU A 272 -6.28 17.06 -12.73
N TYR A 273 -7.15 17.86 -13.36
CA TYR A 273 -7.98 18.80 -12.63
C TYR A 273 -8.94 18.05 -11.71
N ALA A 274 -9.46 16.91 -12.16
CA ALA A 274 -10.32 16.05 -11.34
C ALA A 274 -9.55 15.58 -10.11
N ALA A 275 -8.30 15.12 -10.29
CA ALA A 275 -7.44 14.64 -9.17
C ALA A 275 -7.08 15.77 -8.18
N VAL A 276 -6.90 16.98 -8.71
CA VAL A 276 -6.69 18.18 -7.89
C VAL A 276 -7.92 18.40 -7.00
N CYS A 277 -9.11 18.50 -7.58
CA CYS A 277 -10.39 18.58 -6.81
C CYS A 277 -10.55 17.45 -5.78
N GLY A 278 -10.29 16.22 -6.20
CA GLY A 278 -10.35 15.07 -5.30
C GLY A 278 -9.36 15.13 -4.14
N ALA A 279 -8.14 15.58 -4.42
CA ALA A 279 -7.10 15.75 -3.40
C ALA A 279 -7.53 16.81 -2.38
N GLY A 280 -8.08 17.93 -2.87
CA GLY A 280 -8.59 19.00 -2.03
C GLY A 280 -9.65 18.46 -1.10
N ARG A 281 -10.60 17.72 -1.69
CA ARG A 281 -11.66 17.06 -0.92
C ARG A 281 -11.12 16.09 0.16
N ALA A 282 -10.17 15.22 -0.25
CA ALA A 282 -9.53 14.23 0.66
C ALA A 282 -8.77 14.83 1.85
N LEU A 283 -8.23 16.03 1.64
CA LEU A 283 -7.46 16.77 2.66
C LEU A 283 -8.34 17.56 3.62
N GLY A 284 -9.67 17.48 3.46
CA GLY A 284 -10.62 18.15 4.31
C GLY A 284 -10.94 19.58 3.90
N TYR A 285 -10.62 19.96 2.66
CA TYR A 285 -10.85 21.33 2.18
C TYR A 285 -12.24 21.39 1.55
N VAL A 286 -13.01 22.42 1.88
CA VAL A 286 -14.37 22.59 1.32
C VAL A 286 -14.34 23.74 0.30
N CYS A 287 -13.73 24.85 0.69
CA CYS A 287 -13.47 25.96 -0.22
C CYS A 287 -12.53 26.97 0.44
N ALA A 288 -11.87 27.81 -0.38
CA ALA A 288 -11.02 28.88 0.14
C ALA A 288 -11.92 29.89 0.83
N PRO A 289 -11.39 30.66 1.81
CA PRO A 289 -12.25 31.61 2.51
C PRO A 289 -12.97 32.59 1.56
N SER A 290 -14.29 32.55 1.62
CA SER A 290 -15.18 33.30 0.72
C SER A 290 -14.92 34.81 0.71
N LEU A 291 -14.71 35.41 1.89
CA LEU A 291 -14.41 36.86 2.01
C LEU A 291 -13.18 37.22 1.19
N PHE A 292 -12.13 36.39 1.31
CA PHE A 292 -10.86 36.59 0.60
C PHE A 292 -10.94 36.28 -0.89
N GLN A 293 -11.73 35.28 -1.29
CA GLN A 293 -11.96 35.03 -2.73
C GLN A 293 -12.58 36.26 -3.41
N LYS A 294 -13.61 36.83 -2.76
CA LYS A 294 -14.31 38.00 -3.31
C LYS A 294 -13.41 39.24 -3.30
N MSE A 295 -12.57 39.38 -2.26
CA MSE A 295 -11.62 40.49 -2.15
CA MSE A 295 -11.61 40.49 -2.14
C MSE A 295 -10.54 40.44 -3.25
O MSE A 295 -10.17 41.49 -3.79
CB MSE A 295 -10.99 40.50 -0.73
CB MSE A 295 -10.92 40.42 -0.79
CG MSE A 295 -9.85 41.51 -0.48
CG MSE A 295 -9.95 41.56 -0.47
SE MSE A 295 -8.08 40.94 -1.07
SE MSE A 295 -8.68 41.02 0.84
CE MSE A 295 -7.83 39.39 0.02
CE MSE A 295 -7.67 39.68 -0.22
N ILE A 296 -10.02 39.25 -3.54
CA ILE A 296 -8.97 39.04 -4.56
C ILE A 296 -9.36 39.54 -5.98
N VAL A 297 -10.67 39.51 -6.29
CA VAL A 297 -11.21 40.00 -7.56
C VAL A 297 -10.75 41.44 -7.86
N LYS A 298 -10.68 42.27 -6.80
CA LYS A 298 -10.29 43.68 -6.89
C LYS A 298 -8.81 44.01 -6.57
N CYS A 299 -7.98 42.98 -6.34
CA CYS A 299 -6.56 43.12 -5.95
C CYS A 299 -5.55 42.48 -6.90
N GLN A 300 -5.97 42.25 -8.15
CA GLN A 300 -5.10 41.62 -9.15
C GLN A 300 -4.05 42.65 -9.55
N GLY A 301 -2.77 42.30 -9.42
CA GLY A 301 -1.66 43.21 -9.71
C GLY A 301 -1.16 43.96 -8.49
N ALA A 302 -2.01 44.12 -7.47
CA ALA A 302 -1.67 44.86 -6.25
C ALA A 302 -0.62 44.12 -5.43
N THR A 303 0.32 44.90 -4.90
CA THR A 303 1.35 44.38 -4.00
C THR A 303 1.65 45.44 -2.94
N GLY A 304 2.28 44.98 -1.85
CA GLY A 304 2.78 45.92 -0.82
C GLY A 304 4.00 46.66 -1.36
N ASP A 305 4.63 47.49 -0.50
CA ASP A 305 5.83 48.25 -0.87
C ASP A 305 7.05 47.30 -0.96
N ILE A 306 7.20 46.66 -2.12
CA ILE A 306 8.29 45.70 -2.40
C ILE A 306 9.70 46.35 -2.28
N ASN A 307 9.79 47.66 -2.54
CA ASN A 307 11.06 48.41 -2.43
C ASN A 307 11.61 48.51 -0.97
N ALA A 308 10.74 48.33 0.02
CA ALA A 308 11.16 48.26 1.43
C ALA A 308 12.08 47.04 1.64
N TYR A 309 11.73 45.92 0.98
CA TYR A 309 12.56 44.71 1.06
C TYR A 309 13.88 44.85 0.29
N LYS A 310 13.84 45.52 -0.86
CA LYS A 310 15.04 45.77 -1.70
C LYS A 310 16.05 46.61 -0.90
N GLU A 311 15.56 47.67 -0.27
CA GLU A 311 16.41 48.55 0.56
C GLU A 311 17.12 47.76 1.67
N ASN A 312 16.39 46.85 2.32
CA ASN A 312 16.98 45.95 3.34
C ASN A 312 18.04 45.01 2.74
N ARG A 313 17.76 44.44 1.55
CA ARG A 313 18.72 43.57 0.85
C ARG A 313 20.04 44.30 0.63
N ASP A 314 19.96 45.48 0.03
CA ASP A 314 21.13 46.31 -0.30
C ASP A 314 21.93 46.73 0.94
N LEU A 315 21.22 47.08 2.00
CA LEU A 315 21.86 47.49 3.25
C LEU A 315 22.62 46.29 3.85
N LEU A 316 21.96 45.14 3.98
CA LEU A 316 22.58 43.93 4.53
C LEU A 316 23.74 43.42 3.65
N TYR A 317 23.54 43.40 2.33
CA TYR A 317 24.57 42.95 1.39
C TYR A 317 25.82 43.85 1.44
N GLU A 318 25.60 45.17 1.41
CA GLU A 318 26.69 46.15 1.45
C GLU A 318 27.50 46.03 2.75
N GLY A 319 26.82 45.97 3.88
CA GLY A 319 27.51 45.87 5.18
C GLY A 319 28.26 44.57 5.41
N LEU A 320 27.62 43.45 5.08
CA LEU A 320 28.26 42.12 5.27
C LEU A 320 29.45 41.93 4.33
N THR A 321 29.28 42.32 3.06
CA THR A 321 30.37 42.27 2.06
C THR A 321 31.56 43.13 2.52
N ARG A 322 31.27 44.38 2.92
CA ARG A 322 32.30 45.33 3.39
C ARG A 322 33.14 44.78 4.56
N ILE A 323 32.50 44.02 5.46
CA ILE A 323 33.19 43.37 6.62
C ILE A 323 34.12 42.23 6.17
N GLY A 324 33.71 41.50 5.13
CA GLY A 324 34.46 40.38 4.57
C GLY A 324 33.69 39.09 4.36
N TYR A 325 32.39 39.07 4.67
CA TYR A 325 31.53 37.89 4.47
C TYR A 325 31.26 37.68 3.00
N HIS A 326 31.12 36.42 2.60
CA HIS A 326 30.74 36.10 1.22
C HIS A 326 29.23 35.84 1.18
N CYS A 327 28.50 36.79 0.58
CA CYS A 327 27.06 36.71 0.41
C CYS A 327 26.73 36.48 -1.08
N PHE A 328 25.76 35.62 -1.33
CA PHE A 328 25.20 35.45 -2.67
C PHE A 328 24.18 36.59 -2.80
N LYS A 329 24.32 37.45 -3.81
CA LYS A 329 23.38 38.59 -3.96
C LYS A 329 22.07 38.02 -4.51
N PRO A 330 20.97 38.06 -3.70
CA PRO A 330 19.73 37.45 -4.18
C PRO A 330 18.96 38.36 -5.12
N ASP A 331 18.33 37.77 -6.15
CA ASP A 331 17.47 38.52 -7.10
C ASP A 331 15.99 38.58 -6.66
N GLY A 332 15.60 37.74 -5.70
CA GLY A 332 14.22 37.71 -5.22
C GLY A 332 14.05 37.10 -3.85
N ALA A 333 12.80 37.07 -3.37
CA ALA A 333 12.46 36.61 -2.01
C ALA A 333 13.08 37.57 -0.96
N PHE A 334 13.07 37.20 0.32
CA PHE A 334 13.64 38.06 1.38
C PHE A 334 14.59 37.35 2.35
N TYR A 335 15.42 36.47 1.77
CA TYR A 335 16.41 35.69 2.47
C TYR A 335 17.78 35.89 1.82
N MSE A 336 18.81 36.16 2.61
CA MSE A 336 20.16 36.25 2.09
C MSE A 336 20.94 34.99 2.50
O MSE A 336 20.93 34.60 3.67
CB MSE A 336 20.86 37.50 2.54
CG MSE A 336 22.17 37.73 1.78
SE MSE A 336 22.79 39.47 2.01
CE MSE A 336 21.42 40.35 1.02
N PHE A 337 21.61 34.40 1.52
CA PHE A 337 22.39 33.17 1.69
C PHE A 337 23.85 33.61 1.80
N VAL A 338 24.43 33.41 2.98
CA VAL A 338 25.80 33.86 3.33
C VAL A 338 26.65 32.65 3.70
N LYS A 339 27.89 32.62 3.19
CA LYS A 339 28.78 31.53 3.53
C LYS A 339 29.28 31.65 4.98
N ALA A 340 29.21 30.54 5.73
CA ALA A 340 29.70 30.49 7.12
C ALA A 340 31.23 30.68 7.14
N LEU A 341 31.76 31.19 8.24
CA LEU A 341 33.21 31.42 8.37
C LEU A 341 34.00 30.13 8.63
N GLU A 342 33.29 29.04 8.93
CA GLU A 342 33.87 27.69 9.01
C GLU A 342 32.89 26.74 8.33
N ASP A 343 33.37 25.54 7.97
CA ASP A 343 32.54 24.50 7.31
C ASP A 343 31.30 24.12 8.12
N ASP A 344 31.44 24.11 9.46
CA ASP A 344 30.33 23.75 10.35
C ASP A 344 29.46 24.97 10.61
N SER A 345 28.41 25.13 9.80
CA SER A 345 27.42 26.22 9.96
C SER A 345 26.74 26.27 11.33
N ASN A 346 26.54 25.10 11.95
CA ASN A 346 25.93 25.04 13.29
C ASN A 346 26.83 25.69 14.34
N ALA A 347 28.13 25.35 14.28
CA ALA A 347 29.16 25.92 15.15
C ALA A 347 29.29 27.43 14.88
N PHE A 348 29.22 27.83 13.61
CA PHE A 348 29.21 29.24 13.24
C PHE A 348 27.97 30.00 13.77
N CYS A 349 26.79 29.38 13.67
CA CYS A 349 25.55 29.99 14.21
C CYS A 349 25.57 30.15 15.72
N GLU A 350 26.29 29.26 16.42
CA GLU A 350 26.52 29.37 17.86
C GLU A 350 27.42 30.56 18.18
N LYS A 351 28.48 30.75 17.39
CA LYS A 351 29.36 31.92 17.55
C LYS A 351 28.62 33.25 17.28
N ALA A 352 27.74 33.24 16.27
CA ALA A 352 26.86 34.38 15.97
C ALA A 352 25.99 34.66 17.19
N LYS A 353 25.41 33.58 17.74
CA LYS A 353 24.55 33.64 18.95
C LYS A 353 25.24 34.33 20.14
N GLU A 354 26.57 34.20 20.27
CA GLU A 354 27.34 34.88 21.33
C GLU A 354 27.24 36.41 21.30
N GLU A 355 26.91 36.99 20.14
CA GLU A 355 26.75 38.45 19.97
C GLU A 355 25.30 38.81 19.62
N ASP A 356 24.37 37.92 19.98
CA ASP A 356 22.93 38.07 19.77
C ASP A 356 22.47 38.26 18.31
N VAL A 357 23.20 37.63 17.39
CA VAL A 357 22.85 37.58 15.98
C VAL A 357 22.23 36.21 15.78
N LEU A 358 20.94 36.19 15.44
CA LEU A 358 20.16 34.99 15.28
C LEU A 358 19.99 34.68 13.79
N ILE A 359 20.88 33.83 13.30
CA ILE A 359 20.91 33.37 11.90
C ILE A 359 20.69 31.89 11.92
N VAL A 360 20.32 31.33 10.77
CA VAL A 360 19.90 29.94 10.65
C VAL A 360 20.86 29.14 9.77
N ALA A 361 21.37 28.01 10.28
CA ALA A 361 22.26 27.11 9.52
C ALA A 361 21.48 26.55 8.34
N ALA A 362 22.13 26.48 7.18
CA ALA A 362 21.49 26.03 5.95
C ALA A 362 21.55 24.49 5.73
N ASP A 363 22.06 23.74 6.72
CA ASP A 363 22.19 22.26 6.66
C ASP A 363 20.81 21.62 6.43
N GLY A 364 19.83 22.07 7.20
CA GLY A 364 18.43 21.63 7.11
C GLY A 364 17.76 21.97 5.78
N PHE A 365 18.24 23.03 5.11
CA PHE A 365 17.79 23.39 3.75
C PHE A 365 18.54 22.57 2.68
N GLY A 366 19.47 21.71 3.09
CA GLY A 366 20.28 20.89 2.20
C GLY A 366 21.59 21.54 1.81
N CYS A 367 22.05 22.55 2.58
CA CYS A 367 23.29 23.30 2.30
C CYS A 367 24.26 23.55 3.48
N PRO A 368 25.09 22.54 3.84
CA PRO A 368 26.11 22.75 4.86
C PRO A 368 27.15 23.82 4.43
N GLY A 369 27.68 24.53 5.43
CA GLY A 369 28.64 25.60 5.21
C GLY A 369 28.08 26.99 4.93
N TRP A 370 26.75 27.10 4.83
CA TRP A 370 26.05 28.36 4.54
C TRP A 370 25.02 28.64 5.62
N VAL A 371 24.51 29.86 5.64
CA VAL A 371 23.44 30.26 6.55
C VAL A 371 22.42 31.13 5.82
N ARG A 372 21.21 31.16 6.36
CA ARG A 372 20.13 31.98 5.84
C ARG A 372 19.88 33.11 6.84
N ILE A 373 19.90 34.34 6.34
CA ILE A 373 19.65 35.55 7.10
C ILE A 373 18.41 36.21 6.47
N SER A 374 17.27 36.20 7.17
CA SER A 374 16.04 36.79 6.64
C SER A 374 16.15 38.29 6.81
N TYR A 375 15.71 39.05 5.80
CA TYR A 375 15.72 40.55 5.88
C TYR A 375 14.34 41.21 5.81
N CYS A 376 13.29 40.41 6.03
CA CYS A 376 11.91 40.87 6.29
C CYS A 376 11.91 41.33 7.79
N VAL A 377 12.77 42.30 8.05
CA VAL A 377 13.09 42.79 9.39
C VAL A 377 13.13 44.30 9.32
N ASP A 378 13.32 44.92 10.47
CA ASP A 378 13.38 46.37 10.57
C ASP A 378 14.70 46.87 10.01
N ARG A 379 14.62 47.86 9.12
CA ARG A 379 15.80 48.47 8.48
C ARG A 379 16.85 48.95 9.49
N GLU A 380 16.40 49.62 10.56
CA GLU A 380 17.32 50.15 11.58
C GLU A 380 18.06 49.02 12.35
N MSE A 381 17.39 47.87 12.53
CA MSE A 381 18.00 46.72 13.20
CA MSE A 381 18.00 46.69 13.18
C MSE A 381 19.19 46.21 12.34
O MSE A 381 20.22 45.84 12.89
CB MSE A 381 16.96 45.60 13.47
CB MSE A 381 16.99 45.53 13.32
CG MSE A 381 17.50 44.38 14.18
CG MSE A 381 17.42 44.38 14.24
SE MSE A 381 18.44 43.16 12.95
SE MSE A 381 16.43 42.72 13.94
CE MSE A 381 16.99 42.02 12.32
CE MSE A 381 17.14 42.22 12.19
N ILE A 382 19.03 46.21 11.01
CA ILE A 382 20.12 45.79 10.09
C ILE A 382 21.37 46.68 10.29
N LYS A 383 21.17 48.00 10.41
CA LYS A 383 22.28 48.94 10.65
C LYS A 383 22.91 48.76 12.03
N HIS A 384 22.06 48.57 13.05
CA HIS A 384 22.55 48.38 14.44
CA HIS A 384 22.50 48.37 14.44
C HIS A 384 23.23 47.02 14.62
N SER A 385 22.95 46.05 13.74
CA SER A 385 23.58 44.73 13.80
C SER A 385 25.04 44.68 13.32
N MSE A 386 25.48 45.66 12.54
CA MSE A 386 26.82 45.62 11.89
C MSE A 386 28.03 45.47 12.80
O MSE A 386 28.91 44.66 12.49
CB MSE A 386 27.00 46.74 10.84
CG MSE A 386 26.08 46.54 9.64
SE MSE A 386 26.49 44.92 8.67
CE MSE A 386 24.82 44.62 7.76
N PRO A 387 28.11 46.23 13.92
CA PRO A 387 29.17 45.99 14.89
C PRO A 387 29.21 44.56 15.46
N ALA A 388 28.05 43.91 15.66
CA ALA A 388 28.04 42.51 16.13
C ALA A 388 28.55 41.57 15.02
N PHE A 389 28.09 41.78 13.78
CA PHE A 389 28.62 41.07 12.60
C PHE A 389 30.15 41.20 12.44
N GLU A 390 30.65 42.41 12.66
CA GLU A 390 32.07 42.71 12.62
C GLU A 390 32.83 41.94 13.71
N LYS A 391 32.24 41.89 14.92
CA LYS A 391 32.85 41.16 16.05
C LYS A 391 32.86 39.65 15.81
N ILE A 392 31.76 39.13 15.24
CA ILE A 392 31.69 37.70 14.88
C ILE A 392 32.82 37.34 13.89
N TYR A 393 32.95 38.16 12.84
CA TYR A 393 34.00 38.02 11.81
C TYR A 393 35.40 37.96 12.45
N LYS A 394 35.66 38.92 13.34
CA LYS A 394 36.91 39.00 14.14
C LYS A 394 37.26 37.73 14.94
N LYS A 395 36.25 36.98 15.40
CA LYS A 395 36.48 35.70 16.13
C LYS A 395 37.27 34.70 15.28
N TYR A 396 37.00 34.70 13.97
CA TYR A 396 37.63 33.83 12.99
C TYR A 396 38.86 34.43 12.35
N ASN A 397 38.82 35.74 12.09
CA ASN A 397 39.89 36.49 11.42
C ASN A 397 40.48 37.53 12.36
N LYS A 398 41.44 37.08 13.16
CA LYS A 398 42.11 37.91 14.15
C LYS A 398 43.16 38.80 13.49
N GLY B 1 -0.83 2.01 -14.64
CA GLY B 1 -2.21 2.52 -14.38
C GLY B 1 -2.38 3.97 -14.83
N MSE B 2 -3.20 4.73 -14.11
CA MSE B 2 -3.49 6.14 -14.42
C MSE B 2 -2.32 7.03 -13.95
O MSE B 2 -1.64 6.68 -12.99
CB MSE B 2 -4.79 6.55 -13.71
CG MSE B 2 -5.43 7.84 -14.13
SE MSE B 2 -7.23 8.01 -13.31
CE MSE B 2 -8.12 6.70 -14.26
N VAL B 3 -2.11 8.16 -14.63
CA VAL B 3 -0.99 9.09 -14.32
C VAL B 3 -1.18 9.70 -12.93
N VAL B 4 -2.40 10.09 -12.58
CA VAL B 4 -2.73 10.62 -11.26
C VAL B 4 -3.19 9.48 -10.35
N ASN B 5 -3.40 9.79 -9.07
CA ASN B 5 -3.96 8.83 -8.13
C ASN B 5 -5.41 8.61 -8.56
N GLU B 6 -5.78 7.36 -8.88
CA GLU B 6 -7.16 7.08 -9.33
C GLU B 6 -8.24 7.41 -8.30
N SER B 7 -7.98 7.09 -7.04
CA SER B 7 -8.91 7.37 -5.96
C SER B 7 -9.19 8.87 -5.83
N MSE B 8 -8.16 9.68 -6.06
CA MSE B 8 -8.31 11.14 -6.07
C MSE B 8 -9.05 11.57 -7.34
O MSE B 8 -9.90 12.44 -7.27
CB MSE B 8 -6.97 11.86 -5.97
CG MSE B 8 -6.20 11.58 -4.70
SE MSE B 8 -7.12 12.02 -3.12
CE MSE B 8 -7.96 10.32 -2.69
N TYR B 9 -8.76 10.94 -8.49
CA TYR B 9 -9.52 11.19 -9.70
C TYR B 9 -11.04 10.95 -9.48
N GLN B 10 -11.38 9.75 -8.97
CA GLN B 10 -12.79 9.41 -8.72
CA GLN B 10 -12.78 9.37 -8.65
C GLN B 10 -13.43 10.38 -7.69
N LEU B 11 -12.71 10.70 -6.61
CA LEU B 11 -13.22 11.67 -5.63
C LEU B 11 -13.53 13.03 -6.22
N GLY B 12 -12.76 13.45 -7.23
CA GLY B 12 -12.98 14.74 -7.87
C GLY B 12 -13.96 14.80 -9.04
N SER B 13 -14.28 13.64 -9.64
CA SER B 13 -15.17 13.56 -10.80
C SER B 13 -16.56 12.95 -10.55
N VAL B 14 -16.73 12.16 -9.48
CA VAL B 14 -18.01 11.51 -9.19
C VAL B 14 -18.89 12.53 -8.45
N ARG B 15 -20.02 12.89 -9.05
CA ARG B 15 -20.95 13.87 -8.50
C ARG B 15 -21.85 13.23 -7.46
N SER B 16 -22.12 13.94 -6.37
CA SER B 16 -23.05 13.49 -5.33
C SER B 16 -24.49 13.57 -5.88
N ALA B 17 -25.40 12.78 -5.27
CA ALA B 17 -26.82 12.81 -5.63
C ALA B 17 -27.40 14.22 -5.41
N ILE B 18 -27.09 14.80 -4.25
CA ILE B 18 -27.57 16.14 -3.81
C ILE B 18 -27.10 17.24 -4.76
N ARG B 19 -25.82 17.22 -5.12
CA ARG B 19 -25.24 18.20 -6.08
C ARG B 19 -25.87 18.04 -7.46
N GLU B 20 -25.98 16.80 -7.92
CA GLU B 20 -26.57 16.49 -9.23
C GLU B 20 -28.08 16.83 -9.27
N LEU B 21 -28.77 16.72 -8.13
CA LEU B 21 -30.18 17.11 -7.97
C LEU B 21 -30.32 18.64 -8.01
N PHE B 22 -29.38 19.34 -7.35
CA PHE B 22 -29.34 20.82 -7.37
C PHE B 22 -29.11 21.38 -8.78
N GLU B 23 -28.21 20.75 -9.53
CA GLU B 23 -27.93 21.12 -10.95
C GLU B 23 -29.16 20.90 -11.81
N TYR B 24 -29.83 19.77 -11.60
CA TYR B 24 -31.08 19.44 -12.29
C TYR B 24 -32.15 20.52 -12.06
N GLY B 25 -32.31 20.96 -10.82
CA GLY B 25 -33.28 22.00 -10.47
C GLY B 25 -33.05 23.34 -11.15
N LYS B 26 -31.76 23.71 -11.34
CA LYS B 26 -31.38 24.94 -12.06
C LYS B 26 -31.72 24.82 -13.54
N LYS B 27 -31.42 23.67 -14.15
CA LYS B 27 -31.83 23.38 -15.53
C LYS B 27 -33.36 23.42 -15.64
N ARG B 28 -34.08 22.79 -14.69
CA ARG B 28 -35.56 22.81 -14.67
C ARG B 28 -36.15 24.23 -14.50
N ALA B 29 -35.53 25.04 -13.63
CA ALA B 29 -35.93 26.44 -13.44
C ALA B 29 -35.85 27.26 -14.73
N ALA B 30 -34.91 26.92 -15.62
CA ALA B 30 -34.78 27.57 -16.94
C ALA B 30 -35.95 27.22 -17.89
N ILE B 31 -36.48 25.99 -17.74
CA ILE B 31 -37.57 25.48 -18.59
C ILE B 31 -38.97 25.90 -18.13
N VAL B 32 -39.27 25.69 -16.84
CA VAL B 32 -40.60 26.01 -16.26
C VAL B 32 -40.67 27.26 -15.35
N GLY B 33 -39.53 27.87 -15.02
CA GLY B 33 -39.47 29.02 -14.11
C GLY B 33 -39.12 28.53 -12.72
N LYS B 34 -38.29 29.29 -12.01
CA LYS B 34 -37.86 28.95 -10.63
C LYS B 34 -39.02 28.87 -9.62
N GLU B 35 -40.09 29.62 -9.85
CA GLU B 35 -41.30 29.58 -9.00
C GLU B 35 -42.05 28.22 -9.05
N ASN B 36 -41.87 27.49 -10.16
CA ASN B 36 -42.46 26.16 -10.36
C ASN B 36 -41.57 24.97 -9.91
N VAL B 37 -40.38 25.26 -9.36
CA VAL B 37 -39.47 24.25 -8.83
C VAL B 37 -39.35 24.52 -7.32
N TYR B 38 -39.47 23.45 -6.52
CA TYR B 38 -39.43 23.51 -5.06
C TYR B 38 -38.24 22.64 -4.61
N ASP B 39 -37.10 23.32 -4.46
CA ASP B 39 -35.81 22.69 -4.14
C ASP B 39 -35.54 22.60 -2.62
N PHE B 40 -35.56 21.37 -2.10
CA PHE B 40 -35.25 21.06 -0.71
C PHE B 40 -33.97 20.20 -0.63
N SER B 41 -33.11 20.26 -1.66
CA SER B 41 -31.91 19.42 -1.77
C SER B 41 -30.74 19.90 -0.90
N ILE B 42 -30.01 20.95 -1.31
CA ILE B 42 -28.81 21.40 -0.55
C ILE B 42 -29.13 22.04 0.82
N GLY B 43 -28.30 21.71 1.80
CA GLY B 43 -28.43 22.18 3.18
C GLY B 43 -27.47 23.27 3.60
N ASN B 44 -27.45 24.38 2.86
CA ASN B 44 -26.60 25.53 3.18
C ASN B 44 -27.32 26.55 4.09
N PRO B 45 -26.61 27.10 5.11
CA PRO B 45 -27.20 28.14 5.97
C PRO B 45 -27.88 29.27 5.18
N SER B 46 -29.16 29.53 5.47
CA SER B 46 -29.98 30.51 4.72
C SER B 46 -30.25 31.85 5.42
N ILE B 47 -29.91 31.96 6.71
CA ILE B 47 -30.09 33.22 7.49
C ILE B 47 -28.75 33.98 7.57
N PRO B 48 -28.78 35.33 7.64
CA PRO B 48 -27.50 36.04 7.75
C PRO B 48 -26.84 35.84 9.13
N ALA B 49 -25.55 36.17 9.19
CA ALA B 49 -24.79 36.15 10.43
C ALA B 49 -25.29 37.28 11.33
N PRO B 50 -25.14 37.14 12.68
CA PRO B 50 -25.50 38.26 13.57
C PRO B 50 -24.60 39.46 13.25
N GLN B 51 -25.14 40.67 13.37
CA GLN B 51 -24.41 41.89 12.98
C GLN B 51 -23.02 42.06 13.63
N ILE B 52 -22.80 41.46 14.81
CA ILE B 52 -21.51 41.52 15.54
C ILE B 52 -20.33 41.03 14.69
N VAL B 53 -20.58 40.03 13.83
CA VAL B 53 -19.58 39.47 12.92
C VAL B 53 -19.01 40.52 11.99
N ASN B 54 -19.88 41.10 11.16
CA ASN B 54 -19.47 42.13 10.18
C ASN B 54 -18.92 43.37 10.87
N ASP B 55 -19.54 43.77 11.99
CA ASP B 55 -19.04 44.90 12.79
C ASP B 55 -17.61 44.66 13.29
N THR B 56 -17.35 43.47 13.83
CA THR B 56 -16.00 43.12 14.29
C THR B 56 -14.97 43.10 13.14
N ILE B 57 -15.36 42.60 11.96
CA ILE B 57 -14.46 42.58 10.78
C ILE B 57 -14.09 44.02 10.36
N LYS B 58 -15.07 44.93 10.33
CA LYS B 58 -14.81 46.38 10.07
C LYS B 58 -13.83 46.94 11.10
N GLU B 59 -14.13 46.69 12.40
CA GLU B 59 -13.26 47.10 13.53
C GLU B 59 -11.81 46.62 13.43
N LEU B 60 -11.64 45.32 13.17
CA LEU B 60 -10.29 44.70 13.07
C LEU B 60 -9.49 45.29 11.90
N VAL B 61 -10.14 45.40 10.74
CA VAL B 61 -9.53 46.00 9.54
C VAL B 61 -9.23 47.52 9.70
N THR B 62 -10.09 48.23 10.41
CA THR B 62 -9.90 49.66 10.65
C THR B 62 -8.86 49.94 11.77
N ASP B 63 -8.96 49.22 12.89
CA ASP B 63 -8.16 49.51 14.10
C ASP B 63 -6.94 48.66 14.41
N TYR B 64 -6.99 47.37 14.09
CA TYR B 64 -5.88 46.46 14.41
C TYR B 64 -4.72 46.72 13.40
N ASP B 65 -3.48 46.59 13.88
CA ASP B 65 -2.27 46.75 13.04
C ASP B 65 -2.36 45.76 11.87
N SER B 66 -2.17 46.24 10.63
CA SER B 66 -2.35 45.40 9.41
C SER B 66 -1.46 44.15 9.34
N VAL B 67 -0.15 44.34 9.58
CA VAL B 67 0.84 43.24 9.58
C VAL B 67 0.47 42.13 10.58
N ALA B 68 0.15 42.54 11.81
CA ALA B 68 -0.24 41.63 12.89
C ALA B 68 -1.62 41.03 12.65
N LEU B 69 -2.56 41.83 12.11
CA LEU B 69 -3.92 41.35 11.81
C LEU B 69 -3.93 40.20 10.77
N HIS B 70 -3.14 40.35 9.70
CA HIS B 70 -3.09 39.37 8.57
C HIS B 70 -1.94 38.37 8.61
N GLY B 71 -1.15 38.39 9.68
CA GLY B 71 0.00 37.52 9.84
C GLY B 71 -0.34 36.12 10.28
N TYR B 72 0.62 35.20 10.12
CA TYR B 72 0.47 33.83 10.60
C TYR B 72 0.24 33.86 12.12
N THR B 73 -0.66 32.99 12.59
CA THR B 73 -0.83 32.73 14.00
C THR B 73 0.00 31.46 14.24
N SER B 74 0.01 31.02 15.49
CA SER B 74 0.61 29.73 15.84
C SER B 74 -0.24 28.67 15.14
N ALA B 75 0.32 27.48 14.95
CA ALA B 75 -0.36 26.37 14.29
C ALA B 75 -1.74 26.02 14.91
N GLN B 76 -1.77 26.03 16.24
CA GLN B 76 -2.98 25.77 17.02
C GLN B 76 -3.95 26.99 17.11
N GLY B 77 -3.51 28.17 16.69
CA GLY B 77 -4.29 29.39 16.68
C GLY B 77 -3.95 30.30 17.85
N ASP B 78 -4.33 31.57 17.73
CA ASP B 78 -4.11 32.59 18.78
C ASP B 78 -4.57 32.11 20.16
N VAL B 79 -3.72 32.28 21.18
CA VAL B 79 -4.07 31.90 22.55
C VAL B 79 -5.32 32.64 23.05
N GLU B 80 -5.48 33.91 22.64
CA GLU B 80 -6.64 34.73 22.96
C GLU B 80 -7.94 34.11 22.41
N THR B 81 -7.91 33.63 21.16
CA THR B 81 -9.08 32.95 20.54
C THR B 81 -9.39 31.67 21.28
N ARG B 82 -8.35 30.88 21.56
CA ARG B 82 -8.52 29.60 22.27
C ARG B 82 -9.01 29.79 23.72
N ALA B 83 -8.49 30.82 24.38
CA ALA B 83 -8.87 31.20 25.77
C ALA B 83 -10.33 31.66 25.85
N ALA B 84 -10.77 32.50 24.90
CA ALA B 84 -12.18 32.98 24.85
C ALA B 84 -13.19 31.86 24.67
N ILE B 85 -12.82 30.85 23.89
CA ILE B 85 -13.65 29.66 23.66
C ILE B 85 -13.69 28.79 24.89
N ALA B 86 -12.51 28.52 25.46
CA ALA B 86 -12.39 27.72 26.68
C ALA B 86 -13.25 28.33 27.80
N GLU B 87 -13.18 29.66 27.99
CA GLU B 87 -14.00 30.39 28.99
C GLU B 87 -15.51 30.32 28.70
N PHE B 88 -15.88 30.43 27.41
CA PHE B 88 -17.28 30.33 26.99
C PHE B 88 -17.85 28.95 27.30
N LEU B 89 -17.13 27.90 26.87
CA LEU B 89 -17.56 26.52 27.12
C LEU B 89 -17.77 26.25 28.63
N ASN B 90 -16.81 26.71 29.44
CA ASN B 90 -16.84 26.58 30.91
C ASN B 90 -18.04 27.26 31.54
N ASN B 91 -18.30 28.50 31.13
CA ASN B 91 -19.47 29.25 31.63
C ASN B 91 -20.80 28.60 31.22
N THR B 92 -20.82 28.01 30.03
CA THR B 92 -22.01 27.41 29.47
C THR B 92 -22.33 25.99 29.96
N HIS B 93 -21.28 25.18 30.14
CA HIS B 93 -21.40 23.73 30.44
C HIS B 93 -20.84 23.20 31.75
N GLY B 94 -20.19 24.05 32.55
CA GLY B 94 -19.59 23.64 33.82
C GLY B 94 -18.26 22.90 33.70
N THR B 95 -17.64 22.98 32.52
CA THR B 95 -16.38 22.33 32.20
C THR B 95 -15.21 23.14 32.78
N HIS B 96 -13.99 22.60 32.64
CA HIS B 96 -12.76 23.17 33.20
CA HIS B 96 -12.78 23.21 33.19
C HIS B 96 -11.65 23.32 32.15
N PHE B 97 -12.02 23.62 30.91
CA PHE B 97 -11.05 23.76 29.82
C PHE B 97 -10.22 25.06 29.92
N ASN B 98 -9.01 25.01 29.37
CA ASN B 98 -8.15 26.20 29.18
C ASN B 98 -7.81 26.27 27.68
N ALA B 99 -7.09 27.33 27.29
CA ALA B 99 -6.70 27.54 25.87
C ALA B 99 -6.04 26.33 25.23
N ASP B 100 -5.16 25.67 25.99
CA ASP B 100 -4.40 24.51 25.50
C ASP B 100 -5.22 23.24 25.23
N ASN B 101 -6.51 23.24 25.57
CA ASN B 101 -7.42 22.14 25.19
C ASN B 101 -7.98 22.29 23.77
N LEU B 102 -7.71 23.43 23.11
CA LEU B 102 -8.23 23.77 21.79
C LEU B 102 -7.16 23.87 20.73
N TYR B 103 -7.57 23.56 19.51
CA TYR B 103 -6.78 23.67 18.30
C TYR B 103 -7.73 24.26 17.26
N MSE B 104 -7.38 25.40 16.69
CA MSE B 104 -8.26 26.09 15.73
C MSE B 104 -8.06 25.51 14.36
O MSE B 104 -6.92 25.34 13.91
CB MSE B 104 -8.01 27.59 15.71
CG MSE B 104 -8.11 28.26 17.08
SE MSE B 104 -9.71 28.04 18.05
CE MSE B 104 -10.87 28.90 16.85
N THR B 105 -9.17 25.23 13.70
CA THR B 105 -9.21 24.58 12.39
C THR B 105 -9.96 25.40 11.36
N MSE B 106 -9.87 24.95 10.11
CA MSE B 106 -10.56 25.57 8.99
C MSE B 106 -11.88 24.84 8.67
O MSE B 106 -12.05 24.24 7.62
CB MSE B 106 -9.64 25.66 7.80
CG MSE B 106 -8.40 26.47 8.16
SE MSE B 106 -7.35 26.91 6.68
CE MSE B 106 -6.95 25.37 6.23
N GLY B 107 -12.79 24.90 9.63
CA GLY B 107 -14.10 24.26 9.51
C GLY B 107 -14.15 22.89 10.14
N ALA B 108 -15.36 22.35 10.25
CA ALA B 108 -15.57 21.04 10.84
C ALA B 108 -15.04 19.91 9.98
N ALA B 109 -15.02 20.08 8.64
CA ALA B 109 -14.40 19.12 7.71
C ALA B 109 -12.93 18.94 8.06
N ALA B 110 -12.23 20.04 8.33
CA ALA B 110 -10.82 19.99 8.78
C ALA B 110 -10.70 19.32 10.15
N SER B 111 -11.57 19.71 11.09
CA SER B 111 -11.60 19.14 12.46
C SER B 111 -11.78 17.63 12.41
N LEU B 112 -12.79 17.18 11.68
CA LEU B 112 -13.03 15.74 11.47
C LEU B 112 -11.84 15.04 10.82
N SER B 113 -11.30 15.66 9.76
CA SER B 113 -10.14 15.11 9.02
C SER B 113 -8.91 14.87 9.90
N ILE B 114 -8.61 15.89 10.70
CA ILE B 114 -7.54 15.88 11.67
C ILE B 114 -7.71 14.73 12.70
N CYS B 115 -8.94 14.60 13.24
CA CYS B 115 -9.24 13.56 14.25
C CYS B 115 -8.96 12.17 13.73
N PHE B 116 -9.41 11.89 12.50
CA PHE B 116 -9.23 10.55 11.89
C PHE B 116 -7.76 10.27 11.53
N ARG B 117 -7.08 11.27 10.97
CA ARG B 117 -5.67 11.16 10.59
C ARG B 117 -4.80 10.98 11.82
N ALA B 118 -5.12 11.70 12.91
CA ALA B 118 -4.37 11.58 14.18
C ALA B 118 -4.41 10.18 14.79
N LEU B 119 -5.62 9.59 14.79
CA LEU B 119 -5.90 8.33 15.43
C LEU B 119 -5.52 7.10 14.60
N THR B 120 -5.74 7.11 13.28
CA THR B 120 -5.50 5.91 12.45
C THR B 120 -4.03 5.45 12.36
N SER B 121 -3.78 4.21 12.78
CA SER B 121 -2.42 3.56 12.76
C SER B 121 -2.33 2.25 11.95
N ASP B 122 -3.43 1.82 11.35
CA ASP B 122 -3.43 0.61 10.53
C ASP B 122 -4.56 0.74 9.54
N ALA B 123 -4.35 0.11 8.38
CA ALA B 123 -5.31 0.10 7.27
C ALA B 123 -6.67 -0.47 7.67
N TYR B 124 -6.67 -1.45 8.57
CA TYR B 124 -7.89 -2.13 8.99
C TYR B 124 -8.61 -1.48 10.14
N ASP B 125 -8.15 -0.30 10.57
CA ASP B 125 -8.83 0.48 11.57
C ASP B 125 -10.26 0.81 11.10
N GLU B 126 -11.17 0.82 12.06
CA GLU B 126 -12.56 1.10 11.78
C GLU B 126 -13.06 2.25 12.64
N PHE B 127 -13.80 3.15 12.00
CA PHE B 127 -14.57 4.20 12.65
C PHE B 127 -16.04 3.90 12.40
N ILE B 128 -16.83 3.86 13.46
CA ILE B 128 -18.25 3.54 13.36
C ILE B 128 -19.07 4.82 13.19
N THR B 129 -20.06 4.79 12.31
CA THR B 129 -21.03 5.88 12.15
C THR B 129 -22.42 5.28 12.41
N ILE B 130 -23.30 6.11 13.01
CA ILE B 130 -24.68 5.77 13.36
C ILE B 130 -25.58 6.31 12.25
N ALA B 131 -26.18 5.40 11.47
CA ALA B 131 -27.09 5.79 10.39
C ALA B 131 -28.39 6.37 10.99
N PRO B 132 -29.01 7.38 10.31
CA PRO B 132 -28.58 8.03 9.07
C PRO B 132 -27.43 8.97 9.33
N TYR B 133 -26.50 9.10 8.39
CA TYR B 133 -25.31 9.93 8.63
C TYR B 133 -24.86 10.77 7.44
N PHE B 134 -24.05 11.78 7.73
CA PHE B 134 -23.44 12.70 6.75
C PHE B 134 -22.48 11.86 5.89
N PRO B 135 -22.80 11.61 4.58
CA PRO B 135 -21.97 10.69 3.78
C PRO B 135 -20.50 11.06 3.64
N GLU B 136 -20.14 12.33 3.82
CA GLU B 136 -18.75 12.77 3.70
C GLU B 136 -17.82 12.13 4.76
N TYR B 137 -18.38 11.56 5.83
CA TYR B 137 -17.59 10.83 6.85
C TYR B 137 -16.79 9.72 6.22
N LYS B 138 -17.37 9.05 5.21
CA LYS B 138 -16.66 8.01 4.48
C LYS B 138 -15.41 8.58 3.82
N VAL B 139 -15.47 9.83 3.33
CA VAL B 139 -14.35 10.45 2.63
C VAL B 139 -13.22 10.74 3.59
N PHE B 140 -13.54 11.38 4.73
CA PHE B 140 -12.55 11.73 5.76
C PHE B 140 -11.90 10.50 6.40
N VAL B 141 -12.71 9.48 6.67
CA VAL B 141 -12.24 8.22 7.26
C VAL B 141 -11.31 7.51 6.26
N ASN B 142 -11.76 7.34 5.01
CA ASN B 142 -10.94 6.68 3.98
C ASN B 142 -9.64 7.43 3.71
N ALA B 143 -9.71 8.77 3.71
CA ALA B 143 -8.54 9.62 3.42
C ALA B 143 -7.50 9.49 4.53
N ALA B 144 -7.95 9.22 5.76
CA ALA B 144 -7.07 8.96 6.91
C ALA B 144 -6.47 7.54 6.85
N GLY B 145 -6.90 6.69 5.92
CA GLY B 145 -6.39 5.32 5.75
C GLY B 145 -7.14 4.30 6.59
N ALA B 146 -8.40 4.59 6.92
CA ALA B 146 -9.25 3.75 7.76
C ALA B 146 -10.54 3.34 7.02
N ARG B 147 -11.32 2.49 7.67
CA ARG B 147 -12.60 1.99 7.11
C ARG B 147 -13.78 2.50 7.94
N LEU B 148 -14.89 2.77 7.27
CA LEU B 148 -16.10 3.27 7.92
C LEU B 148 -17.05 2.11 8.11
N VAL B 149 -17.60 1.95 9.31
CA VAL B 149 -18.58 0.87 9.60
C VAL B 149 -19.91 1.55 9.95
N GLU B 150 -21.01 1.11 9.34
CA GLU B 150 -22.37 1.70 9.57
C GLU B 150 -23.20 0.87 10.54
N VAL B 151 -23.84 1.54 11.50
CA VAL B 151 -24.79 0.92 12.39
C VAL B 151 -26.16 1.26 11.81
N PRO B 152 -27.03 0.24 11.59
CA PRO B 152 -28.35 0.54 11.02
C PRO B 152 -29.20 1.42 11.93
N ALA B 153 -29.98 2.30 11.30
CA ALA B 153 -30.74 3.32 12.00
C ALA B 153 -31.81 2.81 12.96
N ASP B 154 -31.99 3.59 14.05
CA ASP B 154 -33.10 3.40 14.97
C ASP B 154 -34.16 4.25 14.29
N THR B 155 -35.03 3.59 13.53
CA THR B 155 -36.13 4.25 12.82
C THR B 155 -37.38 4.48 13.68
N GLU B 156 -37.34 4.18 14.98
CA GLU B 156 -38.45 4.48 15.90
C GLU B 156 -38.24 5.83 16.56
N HIS B 157 -37.01 6.13 16.97
CA HIS B 157 -36.68 7.41 17.66
C HIS B 157 -35.43 8.15 17.20
N PHE B 158 -34.68 7.58 16.24
CA PHE B 158 -33.41 8.14 15.78
C PHE B 158 -32.42 8.46 16.91
N GLN B 159 -32.42 7.58 17.92
CA GLN B 159 -31.43 7.60 18.98
C GLN B 159 -30.39 6.56 18.48
N ILE B 160 -29.95 5.60 19.30
CA ILE B 160 -28.96 4.58 18.84
C ILE B 160 -29.44 3.16 19.12
N ASP B 161 -29.30 2.27 18.13
CA ASP B 161 -29.60 0.84 18.32
C ASP B 161 -28.33 0.25 18.96
N PHE B 162 -28.33 0.19 20.30
CA PHE B 162 -27.15 -0.24 21.08
C PHE B 162 -26.69 -1.66 20.87
N ASP B 163 -27.63 -2.58 20.63
CA ASP B 163 -27.30 -3.98 20.30
C ASP B 163 -26.54 -4.00 18.97
N ALA B 164 -27.06 -3.25 18.00
CA ALA B 164 -26.44 -3.14 16.66
C ALA B 164 -25.05 -2.50 16.73
N LEU B 165 -24.91 -1.41 17.49
CA LEU B 165 -23.60 -0.80 17.71
C LEU B 165 -22.61 -1.78 18.35
N GLU B 166 -23.03 -2.44 19.44
CA GLU B 166 -22.17 -3.35 20.23
C GLU B 166 -21.62 -4.51 19.42
N GLU B 167 -22.49 -5.08 18.59
CA GLU B 167 -22.15 -6.12 17.65
C GLU B 167 -21.05 -5.70 16.66
N ARG B 168 -21.01 -4.41 16.29
CA ARG B 168 -20.02 -3.86 15.31
C ARG B 168 -18.70 -3.32 15.91
N ILE B 169 -18.59 -3.32 17.24
CA ILE B 169 -17.38 -2.96 17.97
C ILE B 169 -16.47 -4.21 18.01
N ASN B 170 -15.20 -4.03 17.66
CA ASN B 170 -14.19 -5.11 17.67
C ASN B 170 -12.81 -4.50 17.95
N ALA B 171 -11.75 -5.32 17.86
CA ALA B 171 -10.36 -4.89 18.10
C ALA B 171 -9.90 -3.73 17.20
N HIS B 172 -10.46 -3.61 16.00
CA HIS B 172 -10.14 -2.51 15.07
C HIS B 172 -10.85 -1.17 15.35
N THR B 173 -11.89 -1.20 16.17
CA THR B 173 -12.73 -0.03 16.43
C THR B 173 -11.87 1.02 17.11
N ARG B 174 -11.64 2.13 16.39
CA ARG B 174 -10.88 3.30 16.89
C ARG B 174 -11.76 4.40 17.45
N GLY B 175 -12.97 4.53 16.90
CA GLY B 175 -13.92 5.52 17.39
C GLY B 175 -15.33 5.37 16.86
N VAL B 176 -16.25 6.07 17.51
CA VAL B 176 -17.65 6.16 17.10
C VAL B 176 -17.92 7.64 16.85
N ILE B 177 -18.39 7.96 15.65
CA ILE B 177 -18.70 9.34 15.28
C ILE B 177 -20.14 9.59 15.71
N ILE B 178 -20.38 10.66 16.46
CA ILE B 178 -21.78 11.06 16.77
C ILE B 178 -22.00 12.47 16.22
N ASN B 179 -23.23 12.76 15.80
CA ASN B 179 -23.60 14.04 15.19
C ASN B 179 -24.97 14.45 15.73
N SER B 180 -24.97 15.16 16.84
CA SER B 180 -26.18 15.59 17.50
C SER B 180 -26.07 17.09 17.87
N PRO B 181 -27.00 17.97 17.38
CA PRO B 181 -28.08 17.74 16.41
C PRO B 181 -27.55 17.19 15.09
N ASN B 182 -28.40 16.36 14.48
CA ASN B 182 -28.03 15.49 13.37
C ASN B 182 -28.42 15.92 11.96
N ASN B 183 -27.47 15.70 11.04
CA ASN B 183 -27.70 15.81 9.60
C ASN B 183 -27.62 14.32 9.26
N PRO B 184 -28.68 13.74 8.64
CA PRO B 184 -29.92 14.26 8.08
C PRO B 184 -31.24 14.14 8.85
N SER B 185 -31.24 13.51 10.03
CA SER B 185 -32.48 13.23 10.78
C SER B 185 -33.03 14.38 11.61
N GLY B 186 -32.18 15.30 12.04
CA GLY B 186 -32.58 16.36 12.97
C GLY B 186 -32.79 15.85 14.40
N THR B 187 -32.32 14.63 14.70
CA THR B 187 -32.44 14.05 16.03
C THR B 187 -31.42 14.74 16.96
N VAL B 188 -31.77 14.78 18.24
CA VAL B 188 -30.86 15.26 19.29
C VAL B 188 -30.75 14.11 20.28
N TYR B 189 -29.52 13.60 20.49
CA TYR B 189 -29.31 12.51 21.43
C TYR B 189 -29.53 13.00 22.86
N SER B 190 -30.36 12.24 23.58
CA SER B 190 -30.70 12.51 24.97
C SER B 190 -29.54 12.24 25.87
N GLU B 191 -29.65 12.70 27.12
CA GLU B 191 -28.63 12.45 28.14
C GLU B 191 -28.45 10.96 28.36
N GLU B 192 -29.55 10.23 28.37
CA GLU B 192 -29.52 8.78 28.56
CA GLU B 192 -29.54 8.77 28.55
C GLU B 192 -28.76 8.08 27.42
N THR B 193 -29.07 8.44 26.16
CA THR B 193 -28.36 7.87 24.96
C THR B 193 -26.85 8.10 25.10
N ILE B 194 -26.45 9.31 25.50
CA ILE B 194 -25.05 9.65 25.72
C ILE B 194 -24.46 8.83 26.88
N LYS B 195 -25.20 8.67 27.97
CA LYS B 195 -24.74 7.82 29.10
C LYS B 195 -24.56 6.32 28.72
N LYS B 196 -25.52 5.79 27.97
CA LYS B 196 -25.46 4.39 27.51
C LYS B 196 -24.28 4.18 26.56
N LEU B 197 -24.06 5.15 25.66
CA LEU B 197 -22.93 5.14 24.75
C LEU B 197 -21.62 5.14 25.51
N SER B 198 -21.51 6.06 26.48
CA SER B 198 -20.32 6.19 27.32
C SER B 198 -19.99 4.90 28.07
N ASP B 199 -21.02 4.27 28.65
CA ASP B 199 -20.88 2.98 29.37
C ASP B 199 -20.39 1.87 28.47
N LEU B 200 -21.04 1.74 27.32
CA LEU B 200 -20.68 0.71 26.34
C LEU B 200 -19.23 0.86 25.91
N LEU B 201 -18.84 2.08 25.54
CA LEU B 201 -17.49 2.34 25.07
C LEU B 201 -16.41 2.19 26.13
N GLU B 202 -16.73 2.46 27.39
CA GLU B 202 -15.79 2.28 28.51
C GLU B 202 -15.46 0.79 28.62
N LYS B 203 -16.51 -0.04 28.66
CA LYS B 203 -16.41 -1.53 28.70
C LYS B 203 -15.63 -2.09 27.50
N LYS B 204 -15.99 -1.65 26.30
CA LYS B 204 -15.35 -2.18 25.07
C LYS B 204 -13.92 -1.72 24.88
N SER B 205 -13.62 -0.51 25.36
CA SER B 205 -12.25 0.03 25.34
C SER B 205 -11.35 -0.87 26.18
N LYS B 206 -11.80 -1.16 27.40
CA LYS B 206 -11.11 -2.10 28.30
C LYS B 206 -11.01 -3.50 27.74
N GLU B 207 -12.07 -3.97 27.08
CA GLU B 207 -12.06 -5.29 26.48
C GLU B 207 -11.00 -5.41 25.39
N ILE B 208 -10.92 -4.41 24.50
CA ILE B 208 -9.96 -4.45 23.38
C ILE B 208 -8.56 -3.98 23.78
N GLY B 209 -8.42 -3.34 24.95
CA GLY B 209 -7.15 -2.86 25.49
C GLY B 209 -6.63 -1.54 24.93
N ARG B 210 -7.54 -0.71 24.44
CA ARG B 210 -7.17 0.58 23.85
C ARG B 210 -8.41 1.50 23.88
N PRO B 211 -8.22 2.81 24.11
CA PRO B 211 -9.39 3.69 24.10
C PRO B 211 -10.15 3.73 22.75
N ILE B 212 -11.48 3.72 22.83
CA ILE B 212 -12.35 3.94 21.68
C ILE B 212 -12.88 5.34 21.94
N PHE B 213 -12.58 6.28 21.04
CA PHE B 213 -13.05 7.67 21.16
C PHE B 213 -14.46 7.92 20.68
N ILE B 214 -15.06 8.96 21.26
CA ILE B 214 -16.27 9.55 20.73
C ILE B 214 -15.75 10.75 19.93
N ILE B 215 -16.06 10.79 18.62
CA ILE B 215 -15.75 11.97 17.76
C ILE B 215 -17.12 12.64 17.61
N ALA B 216 -17.31 13.75 18.31
CA ALA B 216 -18.57 14.48 18.40
C ALA B 216 -18.57 15.61 17.40
N ASP B 217 -19.25 15.38 16.27
CA ASP B 217 -19.44 16.36 15.21
C ASP B 217 -20.56 17.35 15.63
N GLU B 218 -20.17 18.53 16.12
CA GLU B 218 -21.09 19.53 16.70
C GLU B 218 -21.47 20.87 16.03
N PRO B 219 -21.39 20.97 14.69
CA PRO B 219 -21.73 22.28 14.08
C PRO B 219 -23.20 22.73 14.25
N TYR B 220 -24.13 21.80 14.51
CA TYR B 220 -25.55 22.17 14.75
C TYR B 220 -25.95 22.33 16.23
N ARG B 221 -24.98 22.30 17.15
CA ARG B 221 -25.22 22.44 18.62
C ARG B 221 -26.22 23.50 19.07
N GLU B 222 -26.16 24.67 18.43
CA GLU B 222 -27.04 25.80 18.78
C GLU B 222 -28.33 25.83 17.94
N ILE B 223 -28.41 25.03 16.88
CA ILE B 223 -29.62 24.92 16.04
C ILE B 223 -30.44 23.80 16.69
N VAL B 224 -31.09 24.19 17.79
CA VAL B 224 -31.89 23.31 18.63
C VAL B 224 -33.15 24.07 19.07
N TYR B 225 -34.29 23.38 19.08
CA TYR B 225 -35.60 24.00 19.30
C TYR B 225 -36.27 23.58 20.58
N ASP B 226 -37.24 24.39 21.03
CA ASP B 226 -38.09 24.12 22.21
C ASP B 226 -37.35 23.89 23.54
N GLY B 227 -36.17 24.48 23.69
CA GLY B 227 -35.36 24.29 24.92
C GLY B 227 -34.77 22.89 25.11
N ILE B 228 -34.72 22.06 24.05
CA ILE B 228 -34.13 20.72 24.17
C ILE B 228 -32.64 20.87 24.43
N LYS B 229 -32.12 20.06 25.35
CA LYS B 229 -30.73 20.11 25.79
C LYS B 229 -29.87 19.20 24.93
N VAL B 230 -28.68 19.68 24.58
CA VAL B 230 -27.67 18.91 23.86
C VAL B 230 -26.55 18.69 24.89
N PRO B 231 -26.49 17.50 25.55
CA PRO B 231 -25.43 17.28 26.55
C PRO B 231 -24.01 17.46 26.00
N PHE B 232 -23.13 18.04 26.82
CA PHE B 232 -21.74 18.24 26.44
C PHE B 232 -21.04 16.91 26.75
N VAL B 233 -20.68 16.20 25.68
CA VAL B 233 -20.21 14.83 25.73
C VAL B 233 -18.97 14.55 26.58
N THR B 234 -18.07 15.50 26.67
CA THR B 234 -16.83 15.34 27.45
C THR B 234 -17.05 15.19 28.97
N LYS B 235 -18.23 15.60 29.43
CA LYS B 235 -18.61 15.41 30.84
C LYS B 235 -19.09 13.95 31.11
N TYR B 236 -19.37 13.18 30.06
CA TYR B 236 -19.90 11.80 30.18
C TYR B 236 -18.91 10.71 29.86
N TYR B 237 -17.93 11.01 29.00
CA TYR B 237 -16.93 10.03 28.55
C TYR B 237 -15.60 10.74 28.41
N ASP B 238 -14.57 10.19 29.04
CA ASP B 238 -13.26 10.82 29.08
C ASP B 238 -12.60 11.00 27.72
N ASN B 239 -12.63 9.94 26.91
CA ASN B 239 -11.99 9.95 25.62
C ASN B 239 -12.90 10.52 24.53
N THR B 240 -13.14 11.83 24.64
CA THR B 240 -14.02 12.55 23.71
C THR B 240 -13.28 13.66 22.97
N LEU B 241 -13.39 13.64 21.64
CA LEU B 241 -12.90 14.69 20.76
C LEU B 241 -14.14 15.40 20.20
N VAL B 242 -14.22 16.71 20.40
CA VAL B 242 -15.33 17.52 19.90
C VAL B 242 -14.82 18.31 18.69
N CYS B 243 -15.55 18.22 17.58
CA CYS B 243 -15.30 18.97 16.35
C CYS B 243 -16.44 19.97 16.19
N TYR B 244 -16.10 21.26 16.14
CA TYR B 244 -17.08 22.36 16.02
C TYR B 244 -16.67 23.32 14.89
N SER B 245 -17.65 24.06 14.39
CA SER B 245 -17.41 25.19 13.47
C SER B 245 -18.48 26.23 13.67
N TYR B 246 -18.20 27.43 13.15
CA TYR B 246 -19.13 28.56 13.18
C TYR B 246 -19.93 28.71 11.88
N SER B 247 -19.90 27.67 11.03
CA SER B 247 -20.62 27.62 9.76
C SER B 247 -22.14 27.80 9.92
N LYS B 248 -22.73 27.12 10.89
CA LYS B 248 -24.18 27.20 11.11
C LYS B 248 -24.55 28.19 12.19
N SER B 249 -23.81 28.22 13.30
CA SER B 249 -24.12 29.14 14.41
C SER B 249 -24.02 30.63 14.01
N LEU B 250 -22.90 31.01 13.41
CA LEU B 250 -22.70 32.39 12.92
C LEU B 250 -22.99 32.56 11.42
N SER B 251 -23.49 31.53 10.74
CA SER B 251 -23.76 31.59 9.28
C SER B 251 -22.50 32.02 8.48
N LEU B 252 -21.36 31.37 8.78
CA LEU B 252 -20.08 31.62 8.08
C LEU B 252 -19.53 30.34 7.43
N PRO B 253 -20.36 29.65 6.62
CA PRO B 253 -19.85 28.39 6.06
C PRO B 253 -18.69 28.57 5.08
N GLY B 254 -18.68 29.63 4.29
CA GLY B 254 -17.57 29.88 3.38
C GLY B 254 -16.26 30.39 3.97
N GLU B 255 -16.26 30.75 5.24
CA GLU B 255 -15.11 31.40 5.91
C GLU B 255 -14.11 30.45 6.56
N ARG B 256 -14.54 29.22 6.85
CA ARG B 256 -13.67 28.13 7.25
C ARG B 256 -13.02 28.40 8.62
N ILE B 257 -13.84 28.34 9.67
CA ILE B 257 -13.35 28.58 11.06
C ILE B 257 -14.08 27.63 12.02
N GLY B 258 -13.30 26.83 12.73
CA GLY B 258 -13.83 25.88 13.72
C GLY B 258 -12.73 25.48 14.68
N TYR B 259 -12.93 24.37 15.38
CA TYR B 259 -11.93 23.81 16.27
C TYR B 259 -12.07 22.34 16.58
N VAL B 260 -10.99 21.79 17.14
CA VAL B 260 -10.93 20.46 17.75
C VAL B 260 -10.61 20.76 19.22
N LEU B 261 -11.38 20.13 20.11
CA LEU B 261 -11.26 20.23 21.56
C LEU B 261 -10.72 18.91 22.08
N VAL B 262 -9.57 18.97 22.78
CA VAL B 262 -8.91 17.82 23.37
C VAL B 262 -8.88 17.98 24.92
N PRO B 263 -9.88 17.39 25.64
CA PRO B 263 -9.91 17.51 27.12
C PRO B 263 -8.67 16.90 27.81
N ASP B 264 -8.32 17.42 28.98
CA ASP B 264 -7.22 16.83 29.79
C ASP B 264 -7.56 15.38 30.20
N GLU B 265 -8.86 15.06 30.25
CA GLU B 265 -9.35 13.76 30.70
C GLU B 265 -9.18 12.60 29.70
N VAL B 266 -8.69 12.87 28.49
CA VAL B 266 -8.39 11.78 27.55
C VAL B 266 -7.23 10.96 28.14
N TYR B 267 -7.07 9.74 27.64
CA TYR B 267 -6.03 8.78 28.09
C TYR B 267 -4.62 9.37 28.24
N ASP B 268 -4.28 10.32 27.36
CA ASP B 268 -3.01 11.02 27.36
C ASP B 268 -3.19 12.27 26.50
N LYS B 269 -3.48 13.41 27.13
CA LYS B 269 -3.73 14.67 26.41
C LYS B 269 -2.53 15.15 25.59
N ALA B 270 -1.32 15.07 26.15
CA ALA B 270 -0.12 15.53 25.46
C ALA B 270 0.12 14.74 24.16
N GLU B 271 -0.01 13.42 24.23
CA GLU B 271 0.15 12.55 23.07
C GLU B 271 -0.93 12.80 22.00
N LEU B 272 -2.20 12.88 22.43
CA LEU B 272 -3.30 13.07 21.49
C LEU B 272 -3.27 14.46 20.84
N TYR B 273 -2.96 15.48 21.63
CA TYR B 273 -2.89 16.88 21.16
C TYR B 273 -1.73 17.07 20.19
N ALA B 274 -0.57 16.46 20.49
CA ALA B 274 0.55 16.45 19.57
C ALA B 274 0.16 15.74 18.25
N ALA B 275 -0.57 14.64 18.32
CA ALA B 275 -1.04 13.93 17.10
C ALA B 275 -2.00 14.81 16.25
N VAL B 276 -2.92 15.49 16.94
CA VAL B 276 -3.84 16.47 16.30
C VAL B 276 -3.03 17.59 15.60
N CYS B 277 -2.04 18.15 16.30
CA CYS B 277 -1.12 19.14 15.70
C CYS B 277 -0.38 18.52 14.50
N GLY B 278 0.09 17.29 14.66
CA GLY B 278 0.74 16.58 13.56
C GLY B 278 -0.13 16.43 12.33
N ALA B 279 -1.37 15.96 12.53
CA ALA B 279 -2.35 15.74 11.44
C ALA B 279 -2.69 17.03 10.71
N GLY B 280 -2.90 18.09 11.46
CA GLY B 280 -3.12 19.42 10.89
C GLY B 280 -2.03 19.82 9.92
N ARG B 281 -0.78 19.62 10.36
CA ARG B 281 0.41 19.90 9.56
C ARG B 281 0.50 19.01 8.32
N ALA B 282 0.27 17.71 8.50
CA ALA B 282 0.28 16.73 7.38
C ALA B 282 -0.81 16.96 6.35
N LEU B 283 -1.97 17.44 6.80
CA LEU B 283 -3.09 17.82 5.90
C LEU B 283 -2.87 19.18 5.16
N GLY B 284 -1.73 19.84 5.40
CA GLY B 284 -1.38 21.08 4.71
C GLY B 284 -1.95 22.32 5.36
N TYR B 285 -2.38 22.22 6.62
CA TYR B 285 -2.89 23.37 7.37
C TYR B 285 -1.70 24.06 8.05
N VAL B 286 -1.80 25.39 8.17
CA VAL B 286 -0.76 26.23 8.76
C VAL B 286 -1.38 26.99 9.96
N CYS B 287 -2.53 27.60 9.73
CA CYS B 287 -3.32 28.20 10.78
C CYS B 287 -4.72 28.48 10.24
N ALA B 288 -5.67 28.63 11.16
CA ALA B 288 -7.01 29.03 10.77
C ALA B 288 -6.92 30.53 10.35
N PRO B 289 -7.83 31.01 9.47
CA PRO B 289 -7.79 32.42 9.02
C PRO B 289 -7.72 33.47 10.17
N SER B 290 -6.60 34.20 10.19
CA SER B 290 -6.22 35.15 11.23
C SER B 290 -7.36 36.11 11.56
N LEU B 291 -7.89 36.79 10.54
CA LEU B 291 -9.00 37.75 10.74
C LEU B 291 -10.18 37.15 11.50
N PHE B 292 -10.57 35.93 11.14
CA PHE B 292 -11.71 35.25 11.75
C PHE B 292 -11.38 34.75 13.18
N GLN B 293 -10.14 34.31 13.43
CA GLN B 293 -9.70 33.94 14.79
C GLN B 293 -9.85 35.16 15.68
N LYS B 294 -9.35 36.30 15.20
CA LYS B 294 -9.43 37.56 15.96
C LYS B 294 -10.89 37.98 16.16
N MSE B 295 -11.73 37.74 15.14
CA MSE B 295 -13.17 38.07 15.20
CA MSE B 295 -13.17 38.06 15.19
C MSE B 295 -13.90 37.21 16.25
O MSE B 295 -14.66 37.73 17.05
CB MSE B 295 -13.81 37.96 13.79
CB MSE B 295 -13.82 37.80 13.81
CG MSE B 295 -15.35 38.11 13.70
CG MSE B 295 -15.26 38.25 13.64
SE MSE B 295 -16.33 36.43 13.98
SE MSE B 295 -16.04 37.31 12.14
CE MSE B 295 -15.88 35.53 12.35
CE MSE B 295 -16.32 35.59 12.93
N ILE B 296 -13.64 35.89 16.24
CA ILE B 296 -14.27 34.93 17.18
C ILE B 296 -14.16 35.27 18.68
N VAL B 297 -13.12 36.02 19.06
CA VAL B 297 -12.91 36.47 20.45
C VAL B 297 -14.09 37.31 20.97
N LYS B 298 -14.67 38.12 20.10
CA LYS B 298 -15.80 38.99 20.42
C LYS B 298 -17.20 38.46 20.06
N CYS B 299 -17.28 37.24 19.50
CA CYS B 299 -18.55 36.60 19.07
C CYS B 299 -18.95 35.33 19.85
N GLN B 300 -18.40 35.12 21.06
CA GLN B 300 -18.71 33.90 21.85
C GLN B 300 -20.14 33.89 22.29
N GLY B 301 -20.86 32.81 21.96
CA GLY B 301 -22.28 32.68 22.30
C GLY B 301 -23.24 33.39 21.36
N ALA B 302 -22.72 34.08 20.35
CA ALA B 302 -23.53 34.79 19.38
C ALA B 302 -24.00 33.78 18.35
N THR B 303 -25.25 33.96 17.91
CA THR B 303 -25.88 33.17 16.87
C THR B 303 -26.76 34.09 16.05
N GLY B 304 -27.10 33.64 14.85
CA GLY B 304 -28.08 34.33 14.01
C GLY B 304 -29.46 34.02 14.55
N ASP B 305 -30.49 34.46 13.83
CA ASP B 305 -31.88 34.24 14.22
C ASP B 305 -32.29 32.77 13.96
N ILE B 306 -32.05 31.92 14.97
CA ILE B 306 -32.37 30.48 14.90
C ILE B 306 -33.90 30.25 14.89
N ASN B 307 -34.67 31.20 15.43
CA ASN B 307 -36.16 31.15 15.38
C ASN B 307 -36.70 31.09 13.94
N ALA B 308 -35.98 31.68 12.97
CA ALA B 308 -36.36 31.63 11.54
C ALA B 308 -36.42 30.19 11.03
N TYR B 309 -35.42 29.38 11.42
CA TYR B 309 -35.39 27.95 11.09
C TYR B 309 -36.53 27.16 11.76
N LYS B 310 -36.83 27.48 13.03
CA LYS B 310 -37.91 26.83 13.77
C LYS B 310 -39.26 27.05 13.11
N GLU B 311 -39.55 28.28 12.68
CA GLU B 311 -40.79 28.61 11.98
C GLU B 311 -40.94 27.82 10.66
N ASN B 312 -39.81 27.56 9.95
CA ASN B 312 -39.83 26.70 8.75
C ASN B 312 -40.08 25.22 9.10
N ARG B 313 -39.47 24.74 10.18
CA ARG B 313 -39.69 23.38 10.69
C ARG B 313 -41.17 23.16 10.97
N ASP B 314 -41.76 24.09 11.74
CA ASP B 314 -43.17 24.01 12.15
C ASP B 314 -44.09 24.04 10.96
N LEU B 315 -43.83 24.97 10.03
CA LEU B 315 -44.65 25.10 8.82
C LEU B 315 -44.58 23.82 7.95
N LEU B 316 -43.36 23.30 7.73
CA LEU B 316 -43.15 22.09 6.92
C LEU B 316 -43.77 20.87 7.58
N TYR B 317 -43.46 20.68 8.87
CA TYR B 317 -44.02 19.56 9.64
C TYR B 317 -45.53 19.53 9.65
N GLU B 318 -46.14 20.66 10.02
CA GLU B 318 -47.61 20.74 10.09
C GLU B 318 -48.25 20.57 8.70
N GLY B 319 -47.63 21.14 7.66
CA GLY B 319 -48.13 20.99 6.30
C GLY B 319 -48.08 19.55 5.80
N LEU B 320 -46.91 18.91 5.92
CA LEU B 320 -46.74 17.51 5.44
C LEU B 320 -47.59 16.50 6.23
N THR B 321 -47.63 16.67 7.57
CA THR B 321 -48.44 15.84 8.46
C THR B 321 -49.94 15.93 8.12
N ARG B 322 -50.42 17.15 7.90
CA ARG B 322 -51.81 17.42 7.48
C ARG B 322 -52.16 16.65 6.19
N ILE B 323 -51.24 16.66 5.23
CA ILE B 323 -51.41 15.91 3.96
C ILE B 323 -51.47 14.39 4.20
N GLY B 324 -50.67 13.89 5.16
CA GLY B 324 -50.60 12.46 5.52
C GLY B 324 -49.23 11.80 5.54
N TYR B 325 -48.16 12.57 5.33
CA TYR B 325 -46.79 12.06 5.39
C TYR B 325 -46.42 11.76 6.85
N HIS B 326 -45.62 10.71 7.07
CA HIS B 326 -45.08 10.43 8.40
C HIS B 326 -43.75 11.19 8.49
N CYS B 327 -43.71 12.20 9.36
CA CYS B 327 -42.52 13.01 9.58
C CYS B 327 -41.98 12.75 10.98
N PHE B 328 -40.65 12.59 11.07
CA PHE B 328 -39.98 12.55 12.37
C PHE B 328 -39.77 14.03 12.71
N LYS B 329 -40.34 14.48 13.83
CA LYS B 329 -40.24 15.89 14.22
C LYS B 329 -38.85 16.15 14.80
N PRO B 330 -38.02 16.94 14.09
CA PRO B 330 -36.63 17.12 14.55
C PRO B 330 -36.51 18.10 15.71
N ASP B 331 -35.60 17.82 16.64
CA ASP B 331 -35.30 18.72 17.78
C ASP B 331 -34.17 19.69 17.47
N GLY B 332 -33.43 19.43 16.40
CA GLY B 332 -32.34 20.30 15.96
C GLY B 332 -31.97 20.15 14.50
N ALA B 333 -30.94 20.90 14.08
CA ALA B 333 -30.49 21.05 12.69
C ALA B 333 -31.62 21.68 11.82
N PHE B 334 -31.51 21.62 10.51
CA PHE B 334 -32.52 22.18 9.58
C PHE B 334 -32.87 21.25 8.41
N TYR B 335 -33.05 19.98 8.78
CA TYR B 335 -33.40 18.91 7.87
C TYR B 335 -34.56 18.15 8.48
N MSE B 336 -35.55 17.80 7.66
CA MSE B 336 -36.64 16.99 8.10
C MSE B 336 -36.52 15.64 7.44
O MSE B 336 -36.26 15.55 6.21
CB MSE B 336 -37.98 17.62 7.82
CG MSE B 336 -39.11 16.88 8.55
SE MSE B 336 -40.63 17.97 8.67
CE MSE B 336 -39.96 19.32 9.93
N PHE B 337 -36.72 14.62 8.26
CA PHE B 337 -36.64 13.23 7.85
C PHE B 337 -38.09 12.77 7.77
N VAL B 338 -38.48 12.35 6.56
CA VAL B 338 -39.85 11.96 6.27
C VAL B 338 -39.83 10.58 5.65
N LYS B 339 -40.80 9.74 6.04
CA LYS B 339 -40.85 8.41 5.48
C LYS B 339 -41.37 8.47 4.05
N ALA B 340 -40.73 7.72 3.15
CA ALA B 340 -41.15 7.65 1.76
C ALA B 340 -42.50 6.92 1.68
N LEU B 341 -43.27 7.23 0.64
CA LEU B 341 -44.59 6.62 0.42
C LEU B 341 -44.57 5.18 -0.13
N GLU B 342 -43.38 4.69 -0.51
CA GLU B 342 -43.15 3.28 -0.85
C GLU B 342 -41.82 2.88 -0.22
N ASP B 343 -41.47 1.59 -0.25
CA ASP B 343 -40.18 1.13 0.33
C ASP B 343 -38.96 1.71 -0.40
N ASP B 344 -39.07 1.84 -1.72
CA ASP B 344 -37.98 2.35 -2.57
C ASP B 344 -37.99 3.88 -2.55
N SER B 345 -37.11 4.49 -1.75
CA SER B 345 -37.00 5.96 -1.60
C SER B 345 -36.59 6.64 -2.91
N ASN B 346 -35.70 6.00 -3.65
CA ASN B 346 -35.24 6.51 -4.96
C ASN B 346 -36.39 6.63 -5.94
N ALA B 347 -37.22 5.59 -5.98
CA ALA B 347 -38.44 5.55 -6.80
C ALA B 347 -39.41 6.63 -6.32
N PHE B 348 -39.52 6.78 -5.00
CA PHE B 348 -40.36 7.82 -4.40
C PHE B 348 -39.89 9.23 -4.79
N CYS B 349 -38.58 9.48 -4.68
CA CYS B 349 -38.00 10.78 -5.04
C CYS B 349 -38.17 11.12 -6.54
N GLU B 350 -38.16 10.10 -7.40
CA GLU B 350 -38.45 10.25 -8.85
C GLU B 350 -39.88 10.70 -9.09
N LYS B 351 -40.82 10.12 -8.36
CA LYS B 351 -42.22 10.55 -8.42
C LYS B 351 -42.39 12.00 -7.93
N ALA B 352 -41.64 12.38 -6.89
CA ALA B 352 -41.60 13.76 -6.40
C ALA B 352 -40.97 14.69 -7.47
N LYS B 353 -39.90 14.20 -8.09
CA LYS B 353 -39.18 14.90 -9.15
C LYS B 353 -40.09 15.20 -10.36
N GLU B 354 -41.10 14.34 -10.60
CA GLU B 354 -42.13 14.58 -11.64
C GLU B 354 -42.90 15.89 -11.40
N GLU B 355 -43.14 16.20 -10.12
CA GLU B 355 -43.86 17.41 -9.70
C GLU B 355 -42.92 18.57 -9.33
N ASP B 356 -41.66 18.52 -9.81
CA ASP B 356 -40.65 19.54 -9.54
C ASP B 356 -40.37 19.83 -8.04
N VAL B 357 -40.52 18.81 -7.19
CA VAL B 357 -40.21 18.86 -5.77
C VAL B 357 -38.92 18.03 -5.65
N LEU B 358 -37.83 18.69 -5.28
CA LEU B 358 -36.50 18.07 -5.17
C LEU B 358 -36.19 17.75 -3.71
N ILE B 359 -36.26 16.45 -3.40
CA ILE B 359 -36.02 15.91 -2.04
C ILE B 359 -34.97 14.81 -2.21
N VAL B 360 -34.26 14.49 -1.13
CA VAL B 360 -33.09 13.58 -1.18
C VAL B 360 -33.33 12.22 -0.53
N ALA B 361 -33.26 11.16 -1.36
CA ALA B 361 -33.38 9.76 -0.92
C ALA B 361 -32.40 9.49 0.20
N ALA B 362 -32.88 8.92 1.31
CA ALA B 362 -32.02 8.68 2.48
C ALA B 362 -31.07 7.46 2.37
N ASP B 363 -31.15 6.72 1.25
CA ASP B 363 -30.29 5.55 0.99
C ASP B 363 -28.81 5.92 1.10
N GLY B 364 -28.42 7.03 0.47
CA GLY B 364 -27.04 7.58 0.54
C GLY B 364 -26.56 8.01 1.94
N PHE B 365 -27.51 8.26 2.85
CA PHE B 365 -27.25 8.54 4.27
C PHE B 365 -27.29 7.22 5.10
N GLY B 366 -27.39 6.07 4.44
CA GLY B 366 -27.47 4.78 5.10
C GLY B 366 -28.82 4.47 5.69
N CYS B 367 -29.90 4.97 5.10
CA CYS B 367 -31.25 4.75 5.64
C CYS B 367 -32.34 4.67 4.56
N PRO B 368 -32.47 3.50 3.90
CA PRO B 368 -33.52 3.33 2.88
C PRO B 368 -34.95 3.49 3.41
N GLY B 369 -35.85 3.88 2.51
CA GLY B 369 -37.26 4.13 2.83
C GLY B 369 -37.60 5.50 3.42
N TRP B 370 -36.62 6.39 3.52
CA TRP B 370 -36.81 7.75 4.06
C TRP B 370 -36.21 8.78 3.12
N VAL B 371 -36.57 10.04 3.36
CA VAL B 371 -36.04 11.18 2.60
C VAL B 371 -35.65 12.30 3.53
N ARG B 372 -34.70 13.13 3.09
CA ARG B 372 -34.29 14.31 3.78
C ARG B 372 -34.83 15.50 2.99
N ILE B 373 -35.53 16.39 3.69
CA ILE B 373 -36.10 17.58 3.12
C ILE B 373 -35.48 18.73 3.94
N SER B 374 -34.59 19.48 3.30
CA SER B 374 -33.91 20.63 3.93
C SER B 374 -34.88 21.79 4.02
N TYR B 375 -34.97 22.43 5.19
CA TYR B 375 -35.85 23.57 5.41
C TYR B 375 -35.12 24.89 5.68
N CYS B 376 -33.82 24.94 5.37
CA CYS B 376 -33.03 26.18 5.38
C CYS B 376 -33.30 26.77 3.98
N VAL B 377 -34.55 27.21 3.79
CA VAL B 377 -35.06 27.71 2.52
C VAL B 377 -36.00 28.88 2.77
N ASP B 378 -36.55 29.42 1.68
CA ASP B 378 -37.51 30.51 1.75
C ASP B 378 -38.82 29.96 2.34
N ARG B 379 -39.36 30.69 3.31
CA ARG B 379 -40.59 30.33 3.98
C ARG B 379 -41.76 30.24 3.00
N GLU B 380 -41.86 31.20 2.08
CA GLU B 380 -42.95 31.23 1.10
C GLU B 380 -42.89 30.07 0.11
N MSE B 381 -41.67 29.59 -0.17
CA MSE B 381 -41.49 28.42 -1.00
C MSE B 381 -42.10 27.18 -0.31
O MSE B 381 -42.75 26.37 -0.99
CB MSE B 381 -40.02 28.21 -1.38
CG MSE B 381 -39.84 27.10 -2.41
SE MSE B 381 -39.78 25.33 -1.60
CE MSE B 381 -37.90 25.34 -1.18
N ILE B 382 -41.89 27.03 1.00
CA ILE B 382 -42.51 25.91 1.78
C ILE B 382 -44.03 25.94 1.62
N LYS B 383 -44.62 27.13 1.76
CA LYS B 383 -46.09 27.30 1.63
C LYS B 383 -46.55 26.98 0.20
N HIS B 384 -45.83 27.51 -0.79
CA HIS B 384 -46.16 27.25 -2.21
C HIS B 384 -45.91 25.80 -2.67
N SER B 385 -45.08 25.05 -1.94
CA SER B 385 -44.81 23.65 -2.28
C SER B 385 -45.92 22.67 -1.90
N MSE B 386 -46.82 23.06 -0.99
CA MSE B 386 -47.82 22.13 -0.43
C MSE B 386 -48.76 21.46 -1.42
O MSE B 386 -48.98 20.25 -1.30
CB MSE B 386 -48.59 22.73 0.76
CG MSE B 386 -47.70 22.97 1.97
SE MSE B 386 -47.07 21.31 2.72
CE MSE B 386 -45.41 21.92 3.43
N PRO B 387 -49.33 22.21 -2.39
CA PRO B 387 -50.14 21.55 -3.42
C PRO B 387 -49.36 20.45 -4.16
N ALA B 388 -48.07 20.68 -4.44
CA ALA B 388 -47.23 19.69 -5.11
C ALA B 388 -47.00 18.45 -4.24
N PHE B 389 -46.76 18.66 -2.94
CA PHE B 389 -46.62 17.55 -1.97
C PHE B 389 -47.90 16.71 -1.86
N GLU B 390 -49.05 17.40 -1.88
CA GLU B 390 -50.35 16.70 -1.86
C GLU B 390 -50.58 15.91 -3.15
N LYS B 391 -50.18 16.48 -4.28
CA LYS B 391 -50.31 15.79 -5.58
C LYS B 391 -49.45 14.51 -5.56
N ILE B 392 -48.24 14.62 -5.03
CA ILE B 392 -47.33 13.46 -4.87
C ILE B 392 -47.98 12.39 -3.98
N TYR B 393 -48.55 12.82 -2.85
CA TYR B 393 -49.27 11.94 -1.91
C TYR B 393 -50.43 11.21 -2.60
N LYS B 394 -51.22 11.94 -3.38
CA LYS B 394 -52.36 11.39 -4.14
C LYS B 394 -51.96 10.33 -5.21
N LYS B 395 -50.72 10.32 -5.66
CA LYS B 395 -50.22 9.26 -6.58
C LYS B 395 -50.20 7.89 -5.90
N TYR B 396 -49.92 7.87 -4.60
CA TYR B 396 -49.83 6.63 -3.79
C TYR B 396 -51.13 6.23 -3.06
N ASN B 397 -51.98 7.21 -2.77
CA ASN B 397 -53.23 7.02 -2.07
C ASN B 397 -54.34 7.18 -3.11
N LYS B 398 -54.55 6.10 -3.86
CA LYS B 398 -55.54 6.01 -4.94
C LYS B 398 -56.80 5.28 -4.49
N MSE C 2 11.48 -6.71 16.66
CA MSE C 2 11.89 -7.96 15.98
C MSE C 2 12.68 -7.62 14.72
O MSE C 2 12.31 -6.68 14.00
CB MSE C 2 10.65 -8.80 15.64
CG MSE C 2 10.92 -10.26 15.51
SE MSE C 2 9.35 -11.33 15.74
CE MSE C 2 9.06 -11.01 17.67
N VAL C 3 13.76 -8.36 14.45
CA VAL C 3 14.61 -8.13 13.26
C VAL C 3 13.87 -8.64 12.01
N VAL C 4 13.27 -9.82 12.11
CA VAL C 4 12.51 -10.41 11.02
C VAL C 4 11.10 -9.79 10.91
N ASN C 5 10.37 -10.20 9.87
CA ASN C 5 8.97 -9.82 9.68
C ASN C 5 8.17 -10.55 10.76
N GLU C 6 7.45 -9.81 11.62
CA GLU C 6 6.66 -10.43 12.73
C GLU C 6 5.58 -11.38 12.24
N SER C 7 4.88 -11.01 11.17
CA SER C 7 3.85 -11.88 10.57
C SER C 7 4.43 -13.20 10.10
N MSE C 8 5.65 -13.17 9.55
CA MSE C 8 6.36 -14.38 9.12
C MSE C 8 6.83 -15.19 10.31
O MSE C 8 6.75 -16.41 10.27
CB MSE C 8 7.55 -14.05 8.21
CG MSE C 8 7.19 -13.46 6.83
SE MSE C 8 5.92 -14.46 5.79
CE MSE C 8 4.22 -13.61 6.24
N TYR C 9 7.31 -14.53 11.35
CA TYR C 9 7.68 -15.21 12.60
C TYR C 9 6.47 -15.95 13.17
N GLN C 10 5.35 -15.25 13.33
CA GLN C 10 4.12 -15.87 13.90
C GLN C 10 3.64 -17.05 13.08
N LEU C 11 3.65 -16.89 11.76
CA LEU C 11 3.23 -17.95 10.84
C LEU C 11 4.15 -19.19 10.94
N GLY C 12 5.43 -18.98 11.22
CA GLY C 12 6.39 -20.08 11.42
C GLY C 12 6.41 -20.69 12.81
N SER C 13 6.15 -19.88 13.84
CA SER C 13 6.15 -20.30 15.25
C SER C 13 4.80 -20.83 15.76
N VAL C 14 3.67 -20.33 15.22
CA VAL C 14 2.33 -20.81 15.65
C VAL C 14 2.17 -22.31 15.32
N ARG C 15 1.80 -23.10 16.33
CA ARG C 15 1.63 -24.55 16.20
C ARG C 15 0.20 -24.87 15.81
N SER C 16 0.02 -25.93 15.02
CA SER C 16 -1.31 -26.35 14.56
C SER C 16 -1.99 -27.27 15.58
N ALA C 17 -3.32 -27.26 15.59
CA ALA C 17 -4.11 -28.16 16.43
C ALA C 17 -3.92 -29.60 15.96
N ILE C 18 -4.00 -29.79 14.64
CA ILE C 18 -3.86 -31.11 14.01
C ILE C 18 -2.44 -31.68 14.19
N ARG C 19 -1.41 -30.88 13.87
CA ARG C 19 -0.01 -31.31 13.99
C ARG C 19 0.32 -31.74 15.42
N GLU C 20 -0.09 -30.92 16.38
CA GLU C 20 0.13 -31.18 17.83
C GLU C 20 -0.66 -32.42 18.31
N LEU C 21 -1.81 -32.69 17.70
CA LEU C 21 -2.62 -33.88 18.02
C LEU C 21 -1.95 -35.15 17.45
N PHE C 22 -1.40 -35.04 16.23
CA PHE C 22 -0.63 -36.11 15.57
C PHE C 22 0.67 -36.43 16.35
N GLU C 23 1.33 -35.38 16.89
CA GLU C 23 2.51 -35.55 17.74
C GLU C 23 2.09 -36.27 19.04
N TYR C 24 0.99 -35.83 19.64
CA TYR C 24 0.43 -36.46 20.86
C TYR C 24 0.15 -37.96 20.66
N GLY C 25 -0.45 -38.30 19.53
CA GLY C 25 -0.74 -39.69 19.17
C GLY C 25 0.51 -40.56 19.05
N LYS C 26 1.61 -39.97 18.53
CA LYS C 26 2.91 -40.68 18.45
C LYS C 26 3.47 -40.95 19.85
N LYS C 27 3.42 -39.94 20.73
CA LYS C 27 3.83 -40.10 22.15
C LYS C 27 3.01 -41.22 22.83
N ARG C 28 1.69 -41.17 22.63
CA ARG C 28 0.77 -42.21 23.16
C ARG C 28 1.08 -43.58 22.59
N ALA C 29 1.32 -43.63 21.28
CA ALA C 29 1.73 -44.85 20.57
C ALA C 29 2.98 -45.44 21.20
N ALA C 30 3.94 -44.58 21.58
CA ALA C 30 5.17 -45.01 22.29
C ALA C 30 4.94 -45.71 23.65
N ILE C 31 3.85 -45.35 24.33
CA ILE C 31 3.47 -45.88 25.65
C ILE C 31 2.55 -47.10 25.56
N VAL C 32 1.47 -46.99 24.80
CA VAL C 32 0.44 -48.05 24.67
C VAL C 32 0.45 -48.90 23.37
N GLY C 33 1.22 -48.47 22.36
CA GLY C 33 1.31 -49.16 21.07
C GLY C 33 0.37 -48.49 20.06
N LYS C 34 0.84 -48.36 18.81
CA LYS C 34 0.07 -47.75 17.70
C LYS C 34 -1.29 -48.43 17.48
N GLU C 35 -1.36 -49.73 17.71
CA GLU C 35 -2.60 -50.51 17.61
C GLU C 35 -3.69 -50.08 18.64
N ASN C 36 -3.31 -49.39 19.71
CA ASN C 36 -4.26 -48.89 20.74
C ASN C 36 -4.54 -47.38 20.73
N VAL C 37 -4.02 -46.69 19.73
CA VAL C 37 -4.24 -45.26 19.52
C VAL C 37 -5.04 -45.17 18.21
N TYR C 38 -6.24 -44.58 18.30
CA TYR C 38 -7.17 -44.45 17.15
C TYR C 38 -7.04 -43.03 16.65
N ASP C 39 -6.08 -42.86 15.74
CA ASP C 39 -5.76 -41.56 15.16
C ASP C 39 -6.57 -41.24 13.91
N PHE C 40 -7.53 -40.33 14.05
CA PHE C 40 -8.31 -39.82 12.91
C PHE C 40 -7.94 -38.36 12.60
N SER C 41 -6.75 -37.91 13.05
CA SER C 41 -6.33 -36.53 12.89
C SER C 41 -5.83 -36.16 11.49
N ILE C 42 -4.61 -36.59 11.13
CA ILE C 42 -3.96 -36.18 9.87
C ILE C 42 -4.67 -36.73 8.61
N GLY C 43 -4.86 -35.84 7.63
CA GLY C 43 -5.55 -36.15 6.38
C GLY C 43 -4.63 -36.37 5.19
N ASN C 44 -3.54 -37.12 5.39
CA ASN C 44 -2.57 -37.40 4.34
C ASN C 44 -3.02 -38.67 3.60
N PRO C 45 -3.01 -38.66 2.24
CA PRO C 45 -3.38 -39.84 1.42
C PRO C 45 -2.77 -41.16 1.94
N SER C 46 -3.58 -42.22 1.97
CA SER C 46 -3.16 -43.52 2.54
C SER C 46 -3.22 -44.75 1.62
N ILE C 47 -3.78 -44.60 0.41
CA ILE C 47 -3.75 -45.68 -0.62
C ILE C 47 -2.53 -45.37 -1.50
N PRO C 48 -1.84 -46.41 -2.02
CA PRO C 48 -0.68 -46.15 -2.87
C PRO C 48 -1.07 -45.75 -4.29
N ALA C 49 -0.13 -45.09 -4.96
CA ALA C 49 -0.29 -44.64 -6.34
C ALA C 49 -0.53 -45.79 -7.29
N PRO C 50 -1.28 -45.54 -8.39
CA PRO C 50 -1.44 -46.61 -9.39
C PRO C 50 -0.06 -46.92 -9.97
N GLN C 51 0.23 -48.20 -10.20
CA GLN C 51 1.55 -48.67 -10.64
C GLN C 51 2.17 -47.94 -11.85
N ILE C 52 1.32 -47.40 -12.73
CA ILE C 52 1.75 -46.56 -13.88
C ILE C 52 2.58 -45.32 -13.46
N VAL C 53 2.37 -44.84 -12.22
CA VAL C 53 3.17 -43.74 -11.66
C VAL C 53 4.64 -44.19 -11.54
N ASN C 54 4.89 -45.23 -10.73
CA ASN C 54 6.25 -45.78 -10.53
C ASN C 54 6.86 -46.39 -11.79
N ASP C 55 6.04 -47.00 -12.65
CA ASP C 55 6.50 -47.55 -13.94
C ASP C 55 7.02 -46.44 -14.85
N THR C 56 6.20 -45.42 -15.08
CA THR C 56 6.56 -44.25 -15.90
C THR C 56 7.85 -43.56 -15.40
N ILE C 57 7.96 -43.37 -14.08
CA ILE C 57 9.16 -42.77 -13.44
C ILE C 57 10.42 -43.59 -13.79
N LYS C 58 10.32 -44.92 -13.66
CA LYS C 58 11.42 -45.83 -14.01
C LYS C 58 11.82 -45.71 -15.49
N GLU C 59 10.82 -45.62 -16.39
CA GLU C 59 11.05 -45.49 -17.84
C GLU C 59 11.72 -44.19 -18.28
N LEU C 60 11.30 -43.05 -17.70
CA LEU C 60 11.89 -41.74 -18.03
C LEU C 60 13.37 -41.70 -17.62
N VAL C 61 13.62 -42.05 -16.36
CA VAL C 61 14.96 -42.12 -15.78
C VAL C 61 15.90 -43.09 -16.56
N THR C 62 15.34 -44.18 -17.09
CA THR C 62 16.09 -45.15 -17.87
C THR C 62 16.27 -44.76 -19.35
N ASP C 63 15.21 -44.24 -19.99
CA ASP C 63 15.19 -43.96 -21.45
C ASP C 63 15.24 -42.51 -21.93
N TYR C 64 14.63 -41.59 -21.18
CA TYR C 64 14.57 -40.15 -21.56
C TYR C 64 15.94 -39.51 -21.33
N ASP C 65 16.38 -38.66 -22.27
CA ASP C 65 17.69 -37.95 -22.21
C ASP C 65 17.87 -37.23 -20.86
N SER C 66 18.95 -37.55 -20.15
CA SER C 66 19.22 -37.09 -18.77
C SER C 66 19.21 -35.57 -18.59
N VAL C 67 19.82 -34.84 -19.52
CA VAL C 67 19.83 -33.36 -19.49
C VAL C 67 18.42 -32.83 -19.78
N ALA C 68 17.77 -33.40 -20.82
CA ALA C 68 16.40 -33.02 -21.22
C ALA C 68 15.34 -33.36 -20.15
N LEU C 69 15.49 -34.52 -19.50
CA LEU C 69 14.56 -34.98 -18.45
C LEU C 69 14.56 -34.08 -17.21
N HIS C 70 15.77 -33.79 -16.72
CA HIS C 70 15.97 -32.97 -15.50
C HIS C 70 16.12 -31.46 -15.77
N GLY C 71 16.09 -31.07 -17.05
CA GLY C 71 16.22 -29.67 -17.45
C GLY C 71 15.01 -28.81 -17.13
N TYR C 72 15.21 -27.49 -17.16
CA TYR C 72 14.13 -26.53 -16.95
C TYR C 72 13.08 -26.69 -18.05
N THR C 73 11.82 -26.53 -17.67
CA THR C 73 10.71 -26.47 -18.63
C THR C 73 10.36 -24.99 -18.70
N SER C 74 9.44 -24.63 -19.59
CA SER C 74 8.91 -23.26 -19.63
C SER C 74 8.20 -23.00 -18.29
N ALA C 75 8.04 -21.73 -17.92
CA ALA C 75 7.38 -21.35 -16.65
C ALA C 75 6.01 -22.00 -16.47
N GLN C 76 5.19 -21.90 -17.51
CA GLN C 76 3.85 -22.50 -17.53
C GLN C 76 3.86 -24.05 -17.64
N GLY C 77 5.02 -24.65 -17.96
CA GLY C 77 5.20 -26.09 -18.04
C GLY C 77 5.26 -26.59 -19.46
N ASP C 78 5.67 -27.84 -19.64
CA ASP C 78 5.75 -28.50 -20.96
C ASP C 78 4.43 -28.38 -21.70
N VAL C 79 4.50 -28.06 -23.00
CA VAL C 79 3.31 -27.93 -23.84
C VAL C 79 2.60 -29.29 -23.90
N GLU C 80 3.38 -30.38 -23.97
CA GLU C 80 2.88 -31.77 -24.02
C GLU C 80 2.07 -32.15 -22.77
N THR C 81 2.54 -31.70 -21.60
CA THR C 81 1.85 -31.95 -20.34
C THR C 81 0.52 -31.22 -20.27
N ARG C 82 0.51 -29.94 -20.67
CA ARG C 82 -0.72 -29.11 -20.65
C ARG C 82 -1.73 -29.59 -21.69
N ALA C 83 -1.25 -29.87 -22.90
CA ALA C 83 -2.08 -30.40 -23.99
C ALA C 83 -2.74 -31.73 -23.62
N ALA C 84 -1.96 -32.65 -23.05
CA ALA C 84 -2.47 -33.95 -22.56
C ALA C 84 -3.55 -33.78 -21.46
N ILE C 85 -3.40 -32.78 -20.58
CA ILE C 85 -4.42 -32.48 -19.55
C ILE C 85 -5.66 -31.88 -20.23
N ALA C 86 -5.43 -30.89 -21.12
CA ALA C 86 -6.46 -30.26 -21.95
C ALA C 86 -7.41 -31.27 -22.59
N GLU C 87 -6.85 -32.23 -23.34
CA GLU C 87 -7.61 -33.29 -24.02
C GLU C 87 -8.38 -34.15 -23.05
N PHE C 88 -7.72 -34.49 -21.93
CA PHE C 88 -8.36 -35.29 -20.89
C PHE C 88 -9.60 -34.59 -20.35
N LEU C 89 -9.47 -33.30 -20.01
CA LEU C 89 -10.59 -32.49 -19.51
C LEU C 89 -11.71 -32.32 -20.53
N ASN C 90 -11.35 -32.20 -21.80
CA ASN C 90 -12.32 -32.06 -22.90
C ASN C 90 -13.07 -33.37 -23.18
N ASN C 91 -12.35 -34.50 -23.12
CA ASN C 91 -12.93 -35.84 -23.27
C ASN C 91 -13.84 -36.21 -22.10
N THR C 92 -13.38 -35.91 -20.89
CA THR C 92 -14.11 -36.17 -19.65
C THR C 92 -15.33 -35.26 -19.42
N HIS C 93 -15.21 -33.97 -19.74
CA HIS C 93 -16.26 -32.97 -19.41
C HIS C 93 -16.91 -32.19 -20.56
N GLY C 94 -16.49 -32.42 -21.79
CA GLY C 94 -17.06 -31.74 -22.96
C GLY C 94 -16.61 -30.31 -23.16
N THR C 95 -15.51 -29.93 -22.51
CA THR C 95 -14.95 -28.59 -22.62
C THR C 95 -14.15 -28.48 -23.94
N HIS C 96 -13.57 -27.30 -24.17
CA HIS C 96 -12.83 -26.98 -25.40
CA HIS C 96 -12.80 -27.03 -25.40
C HIS C 96 -11.45 -26.37 -25.10
N PHE C 97 -10.83 -26.81 -24.00
CA PHE C 97 -9.51 -26.28 -23.61
C PHE C 97 -8.37 -26.77 -24.53
N ASN C 98 -7.30 -25.98 -24.56
CA ASN C 98 -6.03 -26.31 -25.23
C ASN C 98 -4.88 -26.04 -24.26
N ALA C 99 -3.67 -26.39 -24.67
CA ALA C 99 -2.46 -26.24 -23.82
C ALA C 99 -2.34 -24.88 -23.13
N ASP C 100 -2.66 -23.82 -23.89
CA ASP C 100 -2.60 -22.45 -23.39
C ASP C 100 -3.63 -22.06 -22.31
N ASN C 101 -4.62 -22.92 -22.01
CA ASN C 101 -5.51 -22.67 -20.84
C ASN C 101 -4.91 -23.10 -19.47
N LEU C 102 -3.83 -23.90 -19.48
CA LEU C 102 -3.19 -24.44 -18.26
C LEU C 102 -1.84 -23.80 -17.91
N TYR C 103 -1.56 -23.74 -16.61
CA TYR C 103 -0.28 -23.27 -16.04
C TYR C 103 0.14 -24.33 -14.99
N MSE C 104 1.21 -25.09 -15.27
CA MSE C 104 1.67 -26.15 -14.37
C MSE C 104 2.23 -25.59 -13.07
O MSE C 104 3.03 -24.62 -13.08
CB MSE C 104 2.68 -27.10 -15.04
CG MSE C 104 2.18 -27.80 -16.32
SE MSE C 104 0.44 -28.65 -16.11
CE MSE C 104 0.90 -30.23 -14.96
N THR C 105 1.80 -26.16 -11.94
CA THR C 105 2.18 -25.68 -10.60
C THR C 105 2.74 -26.78 -9.73
N MSE C 106 3.25 -26.39 -8.57
CA MSE C 106 3.83 -27.29 -7.56
C MSE C 106 2.81 -27.54 -6.45
O MSE C 106 3.02 -27.16 -5.29
CB MSE C 106 5.13 -26.67 -7.02
CG MSE C 106 6.10 -26.38 -8.14
SE MSE C 106 7.91 -26.03 -7.65
CE MSE C 106 7.67 -24.67 -6.63
N GLY C 107 1.71 -28.19 -6.84
CA GLY C 107 0.59 -28.53 -5.94
C GLY C 107 -0.50 -27.47 -5.89
N ALA C 108 -1.59 -27.79 -5.18
CA ALA C 108 -2.74 -26.90 -5.03
C ALA C 108 -2.44 -25.71 -4.13
N ALA C 109 -1.48 -25.84 -3.20
CA ALA C 109 -1.03 -24.73 -2.33
C ALA C 109 -0.49 -23.58 -3.21
N ALA C 110 0.35 -23.93 -4.18
CA ALA C 110 0.90 -23.01 -5.16
C ALA C 110 -0.17 -22.47 -6.11
N SER C 111 -1.08 -23.35 -6.61
CA SER C 111 -2.18 -22.92 -7.50
C SER C 111 -3.07 -21.87 -6.82
N LEU C 112 -3.43 -22.12 -5.56
CA LEU C 112 -4.26 -21.20 -4.78
C LEU C 112 -3.53 -19.88 -4.53
N SER C 113 -2.27 -19.97 -4.08
CA SER C 113 -1.38 -18.81 -3.85
C SER C 113 -1.24 -17.94 -5.10
N ILE C 114 -1.02 -18.59 -6.26
CA ILE C 114 -0.96 -17.92 -7.58
C ILE C 114 -2.25 -17.15 -7.88
N CYS C 115 -3.41 -17.74 -7.58
CA CYS C 115 -4.72 -17.10 -7.85
C CYS C 115 -4.94 -15.86 -7.00
N PHE C 116 -4.71 -16.00 -5.70
CA PHE C 116 -4.91 -14.88 -4.77
C PHE C 116 -3.94 -13.73 -5.07
N ARG C 117 -2.68 -14.08 -5.36
CA ARG C 117 -1.61 -13.11 -5.71
C ARG C 117 -1.93 -12.37 -7.01
N ALA C 118 -2.42 -13.10 -8.01
CA ALA C 118 -2.80 -12.51 -9.30
C ALA C 118 -4.02 -11.57 -9.23
N LEU C 119 -4.96 -11.91 -8.36
CA LEU C 119 -6.22 -11.17 -8.21
C LEU C 119 -6.22 -10.06 -7.18
N THR C 120 -5.28 -10.07 -6.22
CA THR C 120 -5.26 -9.04 -5.15
C THR C 120 -4.49 -7.84 -5.62
N SER C 121 -5.18 -6.69 -5.68
CA SER C 121 -4.60 -5.41 -6.08
C SER C 121 -4.80 -4.28 -5.05
N ASP C 122 -5.28 -4.60 -3.84
CA ASP C 122 -5.57 -3.61 -2.80
C ASP C 122 -5.62 -4.32 -1.43
N ALA C 123 -5.18 -3.62 -0.36
CA ALA C 123 -5.22 -4.16 1.02
C ALA C 123 -6.66 -4.55 1.48
N TYR C 124 -7.67 -3.87 0.94
CA TYR C 124 -9.07 -4.11 1.28
C TYR C 124 -9.79 -5.20 0.50
N ASP C 125 -9.08 -5.93 -0.37
CA ASP C 125 -9.68 -7.01 -1.16
C ASP C 125 -10.09 -8.18 -0.26
N GLU C 126 -11.27 -8.74 -0.53
CA GLU C 126 -11.81 -9.85 0.25
C GLU C 126 -12.04 -11.05 -0.66
N PHE C 127 -11.72 -12.23 -0.16
CA PHE C 127 -12.07 -13.50 -0.79
C PHE C 127 -12.97 -14.21 0.21
N ILE C 128 -14.02 -14.83 -0.30
CA ILE C 128 -15.02 -15.50 0.54
C ILE C 128 -14.76 -17.01 0.55
N THR C 129 -14.86 -17.59 1.75
CA THR C 129 -14.80 -19.04 1.92
C THR C 129 -16.15 -19.50 2.53
N ILE C 130 -16.60 -20.69 2.12
CA ILE C 130 -17.85 -21.29 2.62
C ILE C 130 -17.47 -22.24 3.75
N ALA C 131 -17.87 -21.89 4.98
CA ALA C 131 -17.60 -22.74 6.16
C ALA C 131 -18.43 -24.03 6.09
N PRO C 132 -17.90 -25.20 6.54
CA PRO C 132 -16.56 -25.45 7.08
C PRO C 132 -15.52 -25.42 5.94
N TYR C 133 -14.31 -24.93 6.23
CA TYR C 133 -13.28 -24.78 5.17
C TYR C 133 -11.87 -25.13 5.61
N PHE C 134 -11.01 -25.31 4.63
CA PHE C 134 -9.60 -25.63 4.80
C PHE C 134 -8.87 -24.41 5.40
N PRO C 135 -8.41 -24.49 6.68
CA PRO C 135 -7.77 -23.35 7.37
C PRO C 135 -6.64 -22.60 6.65
N GLU C 136 -5.84 -23.30 5.83
CA GLU C 136 -4.77 -22.65 5.07
C GLU C 136 -5.22 -21.59 4.06
N TYR C 137 -6.50 -21.57 3.67
CA TYR C 137 -7.01 -20.46 2.83
C TYR C 137 -6.71 -19.09 3.47
N LYS C 138 -6.82 -18.99 4.79
CA LYS C 138 -6.54 -17.72 5.47
C LYS C 138 -5.08 -17.29 5.24
N VAL C 139 -4.15 -18.26 5.31
CA VAL C 139 -2.73 -17.99 5.08
C VAL C 139 -2.49 -17.50 3.67
N PHE C 140 -3.02 -18.25 2.67
CA PHE C 140 -2.84 -17.88 1.25
C PHE C 140 -3.47 -16.51 0.94
N VAL C 141 -4.68 -16.28 1.42
CA VAL C 141 -5.38 -15.00 1.20
C VAL C 141 -4.59 -13.84 1.80
N ASN C 142 -4.23 -13.97 3.07
CA ASN C 142 -3.42 -12.98 3.81
C ASN C 142 -2.04 -12.73 3.21
N ALA C 143 -1.39 -13.81 2.73
CA ALA C 143 -0.06 -13.73 2.08
C ALA C 143 -0.08 -12.86 0.81
N ALA C 144 -1.23 -12.83 0.12
CA ALA C 144 -1.47 -11.93 -1.01
C ALA C 144 -1.82 -10.48 -0.61
N GLY C 145 -1.96 -10.17 0.69
CA GLY C 145 -2.32 -8.84 1.19
C GLY C 145 -3.82 -8.57 1.38
N ALA C 146 -4.65 -9.59 1.15
CA ALA C 146 -6.11 -9.54 1.25
C ALA C 146 -6.62 -10.16 2.55
N ARG C 147 -7.94 -10.16 2.71
CA ARG C 147 -8.59 -10.73 3.89
C ARG C 147 -9.63 -11.77 3.50
N LEU C 148 -9.92 -12.65 4.45
CA LEU C 148 -10.85 -13.75 4.24
C LEU C 148 -12.17 -13.42 4.94
N VAL C 149 -13.27 -13.70 4.25
CA VAL C 149 -14.62 -13.50 4.77
C VAL C 149 -15.23 -14.90 4.81
N GLU C 150 -15.75 -15.31 5.97
CA GLU C 150 -16.35 -16.66 6.14
C GLU C 150 -17.88 -16.60 6.10
N VAL C 151 -18.47 -17.48 5.32
CA VAL C 151 -19.93 -17.63 5.25
C VAL C 151 -20.26 -18.75 6.27
N PRO C 152 -21.17 -18.49 7.24
CA PRO C 152 -21.53 -19.58 8.19
C PRO C 152 -22.03 -20.85 7.48
N ALA C 153 -21.68 -22.01 8.02
CA ALA C 153 -22.03 -23.30 7.42
C ALA C 153 -23.53 -23.62 7.39
N ASP C 154 -23.89 -24.36 6.35
CA ASP C 154 -25.21 -24.94 6.15
C ASP C 154 -25.06 -26.29 6.84
N THR C 155 -25.41 -26.35 8.13
CA THR C 155 -25.29 -27.60 8.91
C THR C 155 -26.32 -28.70 8.56
N GLU C 156 -27.40 -28.32 7.85
CA GLU C 156 -28.44 -29.28 7.42
CA GLU C 156 -28.43 -29.28 7.45
C GLU C 156 -27.94 -30.14 6.28
N HIS C 157 -27.48 -29.49 5.21
CA HIS C 157 -27.02 -30.18 3.98
C HIS C 157 -25.59 -29.94 3.53
N PHE C 158 -24.87 -29.01 4.16
CA PHE C 158 -23.49 -28.67 3.75
C PHE C 158 -23.35 -28.29 2.26
N GLN C 159 -24.36 -27.57 1.77
CA GLN C 159 -24.35 -26.95 0.47
C GLN C 159 -23.96 -25.50 0.83
N ILE C 160 -24.68 -24.48 0.34
CA ILE C 160 -24.35 -23.08 0.65
C ILE C 160 -25.57 -22.31 1.16
N ASP C 161 -25.41 -21.60 2.28
CA ASP C 161 -26.42 -20.68 2.78
C ASP C 161 -26.26 -19.46 1.85
N PHE C 162 -27.09 -19.40 0.80
CA PHE C 162 -27.01 -18.33 -0.21
C PHE C 162 -27.37 -16.94 0.30
N ASP C 163 -28.34 -16.85 1.23
CA ASP C 163 -28.65 -15.56 1.89
C ASP C 163 -27.44 -15.06 2.69
N ALA C 164 -26.81 -15.97 3.45
CA ALA C 164 -25.57 -15.66 4.20
C ALA C 164 -24.44 -15.22 3.23
N LEU C 165 -24.27 -15.97 2.14
CA LEU C 165 -23.30 -15.63 1.09
C LEU C 165 -23.57 -14.23 0.49
N GLU C 166 -24.80 -13.97 0.05
CA GLU C 166 -25.16 -12.67 -0.55
C GLU C 166 -24.90 -11.45 0.35
N GLU C 167 -25.24 -11.57 1.64
CA GLU C 167 -24.99 -10.53 2.65
C GLU C 167 -23.51 -10.12 2.75
N ARG C 168 -22.61 -11.08 2.58
CA ARG C 168 -21.15 -10.86 2.72
C ARG C 168 -20.40 -10.45 1.44
N ILE C 169 -21.11 -10.38 0.29
CA ILE C 169 -20.54 -9.91 -0.97
C ILE C 169 -20.73 -8.39 -1.02
N ASN C 170 -19.65 -7.67 -1.34
CA ASN C 170 -19.64 -6.21 -1.43
C ASN C 170 -18.64 -5.71 -2.49
N ALA C 171 -18.49 -4.38 -2.61
CA ALA C 171 -17.55 -3.75 -3.56
C ALA C 171 -16.11 -4.27 -3.46
N HIS C 172 -15.71 -4.77 -2.29
CA HIS C 172 -14.36 -5.34 -2.10
C HIS C 172 -14.20 -6.84 -2.40
N THR C 173 -15.29 -7.53 -2.75
CA THR C 173 -15.24 -8.99 -2.98
C THR C 173 -14.59 -9.30 -4.35
N ARG C 174 -13.43 -9.97 -4.31
CA ARG C 174 -12.67 -10.32 -5.51
CA ARG C 174 -12.65 -10.32 -5.52
C ARG C 174 -12.93 -11.74 -5.98
N GLY C 175 -13.36 -12.61 -5.05
CA GLY C 175 -13.68 -13.98 -5.41
C GLY C 175 -14.29 -14.81 -4.32
N VAL C 176 -14.80 -15.98 -4.70
CA VAL C 176 -15.37 -16.97 -3.78
C VAL C 176 -14.64 -18.28 -4.00
N ILE C 177 -14.11 -18.83 -2.91
CA ILE C 177 -13.37 -20.10 -2.93
C ILE C 177 -14.40 -21.18 -2.67
N ILE C 178 -14.40 -22.21 -3.52
CA ILE C 178 -15.27 -23.40 -3.35
C ILE C 178 -14.39 -24.67 -3.38
N ASN C 179 -14.73 -25.66 -2.56
CA ASN C 179 -13.94 -26.88 -2.43
C ASN C 179 -14.86 -28.07 -2.42
N SER C 180 -15.06 -28.67 -3.61
CA SER C 180 -15.98 -29.78 -3.81
C SER C 180 -15.33 -30.87 -4.71
N PRO C 181 -15.17 -32.11 -4.19
CA PRO C 181 -15.47 -32.59 -2.83
C PRO C 181 -14.74 -31.82 -1.72
N ASN C 182 -15.37 -31.72 -0.55
CA ASN C 182 -14.92 -30.84 0.53
C ASN C 182 -14.10 -31.39 1.70
N ASN C 183 -13.10 -30.61 2.11
CA ASN C 183 -12.32 -30.79 3.33
C ASN C 183 -12.80 -29.61 4.17
N PRO C 184 -13.32 -29.87 5.38
CA PRO C 184 -13.46 -31.09 6.17
C PRO C 184 -14.79 -31.87 6.12
N SER C 185 -15.83 -31.32 5.48
CA SER C 185 -17.18 -31.94 5.55
C SER C 185 -17.42 -33.15 4.67
N GLY C 186 -16.61 -33.33 3.62
CA GLY C 186 -16.84 -34.39 2.66
C GLY C 186 -18.02 -34.18 1.72
N THR C 187 -18.63 -32.99 1.76
CA THR C 187 -19.79 -32.66 0.94
C THR C 187 -19.37 -32.51 -0.52
N VAL C 188 -20.35 -32.69 -1.41
CA VAL C 188 -20.20 -32.43 -2.85
C VAL C 188 -21.33 -31.46 -3.24
N TYR C 189 -20.98 -30.32 -3.84
CA TYR C 189 -22.00 -29.36 -4.28
C TYR C 189 -22.72 -29.87 -5.53
N SER C 190 -24.04 -29.93 -5.44
CA SER C 190 -24.90 -30.36 -6.54
C SER C 190 -24.83 -29.40 -7.72
N GLU C 191 -25.40 -29.84 -8.84
CA GLU C 191 -25.50 -28.97 -10.01
C GLU C 191 -26.35 -27.76 -9.66
N GLU C 192 -27.44 -27.98 -8.91
CA GLU C 192 -28.33 -26.93 -8.45
C GLU C 192 -27.56 -25.87 -7.64
N THR C 193 -26.67 -26.32 -6.73
CA THR C 193 -25.85 -25.39 -5.91
C THR C 193 -24.88 -24.58 -6.77
N ILE C 194 -24.19 -25.23 -7.71
CA ILE C 194 -23.26 -24.54 -8.62
C ILE C 194 -23.98 -23.55 -9.55
N LYS C 195 -25.19 -23.90 -9.97
CA LYS C 195 -26.03 -23.02 -10.79
C LYS C 195 -26.51 -21.79 -10.00
N LYS C 196 -26.97 -21.99 -8.77
CA LYS C 196 -27.41 -20.86 -7.91
C LYS C 196 -26.24 -19.93 -7.60
N LEU C 197 -25.08 -20.52 -7.31
CA LEU C 197 -23.84 -19.77 -7.06
C LEU C 197 -23.44 -18.91 -8.27
N SER C 198 -23.43 -19.53 -9.45
CA SER C 198 -23.06 -18.85 -10.70
C SER C 198 -24.03 -17.71 -11.02
N ASP C 199 -25.31 -17.95 -10.78
CA ASP C 199 -26.34 -16.93 -11.01
C ASP C 199 -26.11 -15.72 -10.08
N LEU C 200 -25.92 -15.96 -8.78
CA LEU C 200 -25.70 -14.88 -7.78
C LEU C 200 -24.42 -14.09 -8.06
N LEU C 201 -23.33 -14.80 -8.33
CA LEU C 201 -22.05 -14.13 -8.62
C LEU C 201 -22.10 -13.29 -9.90
N GLU C 202 -22.81 -13.79 -10.94
CA GLU C 202 -23.00 -13.01 -12.17
C GLU C 202 -23.74 -11.71 -11.86
N LYS C 203 -24.84 -11.81 -11.11
CA LYS C 203 -25.65 -10.66 -10.66
C LYS C 203 -24.82 -9.67 -9.85
N LYS C 204 -24.12 -10.17 -8.82
CA LYS C 204 -23.29 -9.31 -7.96
C LYS C 204 -22.08 -8.71 -8.68
N SER C 205 -21.52 -9.42 -9.67
CA SER C 205 -20.40 -8.89 -10.47
C SER C 205 -20.83 -7.64 -11.26
N LYS C 206 -22.01 -7.74 -11.89
CA LYS C 206 -22.61 -6.61 -12.62
C LYS C 206 -22.84 -5.40 -11.69
N GLU C 207 -23.35 -5.68 -10.49
CA GLU C 207 -23.64 -4.65 -9.47
C GLU C 207 -22.39 -3.87 -9.01
N ILE C 208 -21.31 -4.57 -8.65
CA ILE C 208 -20.06 -3.92 -8.23
C ILE C 208 -19.20 -3.39 -9.42
N GLY C 209 -19.53 -3.81 -10.64
CA GLY C 209 -18.85 -3.37 -11.86
C GLY C 209 -17.49 -3.99 -12.10
N ARG C 210 -17.33 -5.23 -11.64
CA ARG C 210 -16.08 -5.95 -11.73
C ARG C 210 -16.37 -7.43 -11.53
N PRO C 211 -15.64 -8.33 -12.24
CA PRO C 211 -15.93 -9.75 -12.08
C PRO C 211 -15.53 -10.29 -10.72
N ILE C 212 -16.37 -11.17 -10.17
CA ILE C 212 -16.10 -11.85 -8.92
C ILE C 212 -15.79 -13.25 -9.39
N PHE C 213 -14.55 -13.71 -9.15
CA PHE C 213 -14.14 -15.05 -9.56
C PHE C 213 -14.56 -16.17 -8.64
N ILE C 214 -14.70 -17.36 -9.24
CA ILE C 214 -14.86 -18.60 -8.50
C ILE C 214 -13.45 -19.23 -8.55
N ILE C 215 -12.87 -19.51 -7.38
CA ILE C 215 -11.57 -20.19 -7.26
C ILE C 215 -11.96 -21.59 -6.80
N ALA C 216 -11.96 -22.54 -7.74
CA ALA C 216 -12.37 -23.92 -7.47
C ALA C 216 -11.15 -24.74 -7.07
N ASP C 217 -11.07 -25.08 -5.79
CA ASP C 217 -9.98 -25.90 -5.22
C ASP C 217 -10.45 -27.35 -5.37
N GLU C 218 -9.92 -28.08 -6.36
CA GLU C 218 -10.38 -29.46 -6.73
C GLU C 218 -9.48 -30.71 -6.56
N PRO C 219 -8.61 -30.75 -5.52
CA PRO C 219 -7.76 -31.93 -5.38
C PRO C 219 -8.51 -33.27 -5.15
N TYR C 220 -9.72 -33.26 -4.58
CA TYR C 220 -10.52 -34.47 -4.29
C TYR C 220 -11.50 -34.87 -5.39
N ARG C 221 -11.49 -34.17 -6.54
CA ARG C 221 -12.45 -34.40 -7.64
C ARG C 221 -12.80 -35.85 -7.91
N GLU C 222 -11.78 -36.71 -7.93
CA GLU C 222 -11.93 -38.15 -8.22
C GLU C 222 -12.23 -39.00 -6.97
N ILE C 223 -12.03 -38.44 -5.78
CA ILE C 223 -12.39 -39.12 -4.51
C ILE C 223 -13.87 -38.82 -4.27
N VAL C 224 -14.73 -39.51 -5.01
CA VAL C 224 -16.19 -39.33 -4.97
C VAL C 224 -16.81 -40.71 -5.03
N TYR C 225 -17.92 -40.90 -4.30
CA TYR C 225 -18.53 -42.23 -4.15
C TYR C 225 -19.97 -42.29 -4.64
N ASP C 226 -20.48 -43.52 -4.82
CA ASP C 226 -21.87 -43.82 -5.24
C ASP C 226 -22.28 -43.17 -6.57
N GLY C 227 -21.29 -42.97 -7.47
CA GLY C 227 -21.54 -42.33 -8.76
C GLY C 227 -21.97 -40.87 -8.74
N ILE C 228 -21.71 -40.17 -7.64
CA ILE C 228 -22.09 -38.77 -7.50
C ILE C 228 -21.29 -37.96 -8.55
N LYS C 229 -21.98 -37.01 -9.19
CA LYS C 229 -21.39 -36.14 -10.18
C LYS C 229 -20.85 -34.89 -9.49
N VAL C 230 -19.63 -34.50 -9.87
CA VAL C 230 -18.95 -33.28 -9.43
C VAL C 230 -19.02 -32.38 -10.69
N PRO C 231 -19.97 -31.42 -10.76
CA PRO C 231 -20.05 -30.58 -11.97
C PRO C 231 -18.78 -29.76 -12.20
N PHE C 232 -18.32 -29.70 -13.45
CA PHE C 232 -17.12 -28.95 -13.82
C PHE C 232 -17.54 -27.49 -13.88
N VAL C 233 -17.03 -26.68 -12.97
CA VAL C 233 -17.53 -25.30 -12.73
C VAL C 233 -17.45 -24.30 -13.88
N THR C 234 -16.40 -24.41 -14.71
CA THR C 234 -16.20 -23.50 -15.85
C THR C 234 -17.31 -23.52 -16.89
N LYS C 235 -18.03 -24.64 -16.97
CA LYS C 235 -19.18 -24.77 -17.85
C LYS C 235 -20.40 -23.98 -17.37
N TYR C 236 -20.44 -23.62 -16.08
CA TYR C 236 -21.54 -22.87 -15.45
C TYR C 236 -21.25 -21.40 -15.20
N TYR C 237 -19.97 -21.02 -15.04
CA TYR C 237 -19.59 -19.64 -14.73
C TYR C 237 -18.33 -19.26 -15.48
N ASP C 238 -18.39 -18.18 -16.26
CA ASP C 238 -17.29 -17.73 -17.13
C ASP C 238 -15.99 -17.46 -16.35
N ASN C 239 -16.11 -16.66 -15.29
CA ASN C 239 -14.97 -16.26 -14.47
C ASN C 239 -14.59 -17.24 -13.36
N THR C 240 -14.09 -18.39 -13.78
CA THR C 240 -13.71 -19.49 -12.88
C THR C 240 -12.26 -19.87 -13.13
N LEU C 241 -11.51 -20.05 -12.04
CA LEU C 241 -10.12 -20.51 -12.03
C LEU C 241 -10.18 -21.84 -11.30
N VAL C 242 -9.77 -22.91 -11.95
CA VAL C 242 -9.75 -24.26 -11.38
C VAL C 242 -8.32 -24.57 -10.91
N CYS C 243 -8.16 -24.88 -9.62
CA CYS C 243 -6.90 -25.26 -8.98
C CYS C 243 -6.99 -26.75 -8.74
N TYR C 244 -5.92 -27.45 -9.08
CA TYR C 244 -5.90 -28.91 -8.98
C TYR C 244 -4.49 -29.43 -8.73
N SER C 245 -4.41 -30.61 -8.10
CA SER C 245 -3.15 -31.32 -7.93
C SER C 245 -3.40 -32.82 -7.97
N TYR C 246 -2.31 -33.57 -8.15
CA TYR C 246 -2.34 -35.04 -8.17
C TYR C 246 -1.94 -35.64 -6.80
N SER C 247 -2.07 -34.83 -5.74
CA SER C 247 -1.76 -35.22 -4.37
C SER C 247 -2.67 -36.32 -3.86
N LYS C 248 -3.95 -36.25 -4.20
CA LYS C 248 -4.96 -37.23 -3.74
C LYS C 248 -5.40 -38.24 -4.78
N SER C 249 -5.51 -37.82 -6.05
CA SER C 249 -5.93 -38.73 -7.12
C SER C 249 -4.88 -39.82 -7.39
N LEU C 250 -3.60 -39.42 -7.44
CA LEU C 250 -2.47 -40.34 -7.64
C LEU C 250 -1.69 -40.68 -6.35
N SER C 251 -2.07 -40.11 -5.21
CA SER C 251 -1.37 -40.31 -3.92
C SER C 251 0.11 -39.85 -3.99
N LEU C 252 0.31 -38.65 -4.55
CA LEU C 252 1.63 -38.01 -4.72
C LEU C 252 1.65 -36.62 -4.03
N PRO C 253 1.27 -36.55 -2.72
CA PRO C 253 1.23 -35.26 -2.03
C PRO C 253 2.59 -34.59 -1.74
N GLY C 254 3.64 -35.39 -1.57
CA GLY C 254 4.99 -34.89 -1.33
C GLY C 254 5.77 -34.49 -2.56
N GLU C 255 5.27 -34.88 -3.75
CA GLU C 255 5.92 -34.63 -5.03
C GLU C 255 5.64 -33.26 -5.68
N ARG C 256 4.58 -32.57 -5.23
CA ARG C 256 4.30 -31.18 -5.61
C ARG C 256 4.07 -31.01 -7.12
N ILE C 257 2.91 -31.46 -7.59
CA ILE C 257 2.52 -31.37 -9.01
C ILE C 257 1.00 -31.11 -9.16
N GLY C 258 0.68 -30.06 -9.92
CA GLY C 258 -0.70 -29.67 -10.17
C GLY C 258 -0.80 -28.56 -11.21
N TYR C 259 -1.96 -27.91 -11.28
CA TYR C 259 -2.16 -26.81 -12.23
C TYR C 259 -3.18 -25.75 -11.81
N VAL C 260 -3.20 -24.67 -12.61
CA VAL C 260 -4.20 -23.63 -12.59
C VAL C 260 -4.76 -23.62 -14.03
N LEU C 261 -6.08 -23.72 -14.15
CA LEU C 261 -6.79 -23.69 -15.43
C LEU C 261 -7.48 -22.32 -15.55
N VAL C 262 -7.17 -21.60 -16.64
CA VAL C 262 -7.68 -20.27 -16.95
C VAL C 262 -8.46 -20.36 -18.30
N PRO C 263 -9.79 -20.60 -18.24
CA PRO C 263 -10.60 -20.70 -19.46
C PRO C 263 -10.60 -19.47 -20.36
N ASP C 264 -10.78 -19.69 -21.67
CA ASP C 264 -10.92 -18.57 -22.63
C ASP C 264 -12.11 -17.67 -22.29
N GLU C 265 -13.13 -18.24 -21.63
CA GLU C 265 -14.37 -17.54 -21.29
C GLU C 265 -14.25 -16.45 -20.22
N VAL C 266 -13.15 -16.40 -19.45
CA VAL C 266 -12.97 -15.33 -18.45
C VAL C 266 -12.96 -13.92 -19.12
N TYR C 267 -13.29 -12.87 -18.35
CA TYR C 267 -13.42 -11.48 -18.85
C TYR C 267 -12.32 -11.08 -19.91
N ASP C 268 -11.09 -11.48 -19.63
CA ASP C 268 -9.93 -11.23 -20.49
C ASP C 268 -8.88 -12.29 -20.16
N LYS C 269 -8.86 -13.35 -20.98
CA LYS C 269 -7.96 -14.51 -20.77
C LYS C 269 -6.48 -14.15 -20.85
N ALA C 270 -6.10 -13.35 -21.83
CA ALA C 270 -4.70 -12.95 -21.99
C ALA C 270 -4.19 -12.16 -20.75
N GLU C 271 -5.04 -11.31 -20.22
CA GLU C 271 -4.70 -10.46 -19.07
C GLU C 271 -4.58 -11.28 -17.79
N LEU C 272 -5.57 -12.15 -17.53
CA LEU C 272 -5.55 -13.03 -16.35
C LEU C 272 -4.44 -14.07 -16.41
N TYR C 273 -4.26 -14.71 -17.56
CA TYR C 273 -3.19 -15.70 -17.74
C TYR C 273 -1.80 -15.06 -17.49
N ALA C 274 -1.62 -13.83 -17.99
CA ALA C 274 -0.40 -13.06 -17.75
C ALA C 274 -0.22 -12.81 -16.26
N ALA C 275 -1.29 -12.43 -15.54
CA ALA C 275 -1.20 -12.19 -14.09
C ALA C 275 -0.85 -13.48 -13.32
N VAL C 276 -1.39 -14.62 -13.78
CA VAL C 276 -1.11 -15.95 -13.23
C VAL C 276 0.39 -16.32 -13.39
N CYS C 277 0.93 -16.11 -14.58
CA CYS C 277 2.38 -16.27 -14.83
C CYS C 277 3.20 -15.32 -13.94
N GLY C 278 2.75 -14.08 -13.87
CA GLY C 278 3.37 -13.05 -13.03
C GLY C 278 3.42 -13.43 -11.57
N ALA C 279 2.28 -13.89 -11.06
CA ALA C 279 2.12 -14.36 -9.67
C ALA C 279 3.04 -15.54 -9.36
N GLY C 280 3.16 -16.47 -10.31
CA GLY C 280 4.04 -17.61 -10.16
C GLY C 280 5.51 -17.21 -10.03
N ARG C 281 5.93 -16.24 -10.84
CA ARG C 281 7.29 -15.72 -10.84
C ARG C 281 7.62 -14.97 -9.54
N ALA C 282 6.68 -14.15 -9.06
CA ALA C 282 6.84 -13.37 -7.81
C ALA C 282 6.90 -14.26 -6.56
N LEU C 283 6.13 -15.35 -6.57
CA LEU C 283 6.13 -16.34 -5.49
C LEU C 283 7.42 -17.17 -5.45
N GLY C 284 8.31 -17.04 -6.43
CA GLY C 284 9.57 -17.75 -6.46
C GLY C 284 9.51 -19.07 -7.21
N TYR C 285 8.43 -19.34 -7.94
CA TYR C 285 8.32 -20.58 -8.74
C TYR C 285 9.03 -20.33 -10.07
N VAL C 286 9.76 -21.34 -10.55
CA VAL C 286 10.48 -21.32 -11.84
C VAL C 286 9.73 -22.23 -12.81
N CYS C 287 9.49 -23.47 -12.36
CA CYS C 287 8.63 -24.43 -13.05
C CYS C 287 8.30 -25.59 -12.11
N ALA C 288 7.30 -26.40 -12.48
CA ALA C 288 6.94 -27.60 -11.71
C ALA C 288 7.99 -28.67 -11.98
N PRO C 289 8.20 -29.63 -11.04
CA PRO C 289 9.18 -30.72 -11.20
C PRO C 289 9.10 -31.42 -12.58
N SER C 290 10.17 -31.26 -13.36
CA SER C 290 10.25 -31.76 -14.75
C SER C 290 9.91 -33.25 -14.90
N LEU C 291 10.39 -34.07 -13.97
CA LEU C 291 10.12 -35.53 -13.95
C LEU C 291 8.62 -35.83 -13.90
N PHE C 292 7.91 -35.11 -13.04
CA PHE C 292 6.48 -35.32 -12.79
C PHE C 292 5.56 -34.71 -13.86
N GLN C 293 5.99 -33.64 -14.54
CA GLN C 293 5.24 -33.05 -15.67
C GLN C 293 5.16 -34.08 -16.81
N LYS C 294 6.33 -34.63 -17.14
CA LYS C 294 6.48 -35.64 -18.21
C LYS C 294 5.75 -36.97 -17.89
N MSE C 295 5.74 -37.32 -16.60
CA MSE C 295 5.04 -38.53 -16.12
CA MSE C 295 5.03 -38.52 -16.09
C MSE C 295 3.52 -38.39 -16.26
O MSE C 295 2.84 -39.34 -16.65
CB MSE C 295 5.48 -38.88 -14.68
CB MSE C 295 5.36 -38.69 -14.60
CG MSE C 295 4.74 -40.03 -13.99
CG MSE C 295 4.87 -39.97 -13.92
SE MSE C 295 3.12 -39.51 -13.00
SE MSE C 295 4.89 -39.73 -11.98
CE MSE C 295 3.94 -38.38 -11.65
CE MSE C 295 3.26 -38.77 -11.75
N ILE C 296 2.99 -37.19 -15.94
CA ILE C 296 1.53 -36.86 -16.04
C ILE C 296 0.91 -37.05 -17.44
N VAL C 297 1.73 -36.89 -18.48
CA VAL C 297 1.33 -37.18 -19.88
C VAL C 297 0.76 -38.61 -20.02
N LYS C 298 1.38 -39.55 -19.28
CA LYS C 298 1.02 -40.97 -19.28
C LYS C 298 -0.02 -41.42 -18.25
N CYS C 299 -0.34 -40.57 -17.27
CA CYS C 299 -1.23 -40.91 -16.15
C CYS C 299 -2.59 -40.18 -16.12
N GLN C 300 -3.10 -39.80 -17.28
CA GLN C 300 -4.39 -39.08 -17.38
C GLN C 300 -5.56 -40.01 -17.06
N GLY C 301 -6.40 -39.61 -16.10
CA GLY C 301 -7.51 -40.43 -15.62
C GLY C 301 -7.13 -41.62 -14.74
N ALA C 302 -5.84 -41.76 -14.40
CA ALA C 302 -5.34 -42.84 -13.59
C ALA C 302 -5.55 -42.44 -12.11
N THR C 303 -5.99 -43.40 -11.31
CA THR C 303 -6.24 -43.20 -9.89
C THR C 303 -5.88 -44.46 -9.10
N GLY C 304 -5.63 -44.28 -7.80
CA GLY C 304 -5.37 -45.41 -6.89
C GLY C 304 -6.69 -46.13 -6.57
N ASP C 305 -6.66 -47.05 -5.61
CA ASP C 305 -7.88 -47.79 -5.22
C ASP C 305 -8.74 -46.88 -4.32
N ILE C 306 -9.55 -46.05 -4.97
CA ILE C 306 -10.45 -45.10 -4.30
CA ILE C 306 -10.45 -45.09 -4.30
C ILE C 306 -11.56 -45.82 -3.52
N ASN C 307 -11.93 -47.03 -3.98
CA ASN C 307 -12.92 -47.88 -3.30
C ASN C 307 -12.52 -48.22 -1.85
N ALA C 308 -11.20 -48.35 -1.59
CA ALA C 308 -10.67 -48.57 -0.24
C ALA C 308 -11.12 -47.46 0.74
N TYR C 309 -11.16 -46.22 0.24
CA TYR C 309 -11.66 -45.08 1.04
C TYR C 309 -13.18 -45.19 1.29
N LYS C 310 -13.93 -45.59 0.26
CA LYS C 310 -15.40 -45.78 0.33
C LYS C 310 -15.82 -46.78 1.41
N GLU C 311 -15.11 -47.92 1.46
CA GLU C 311 -15.42 -48.97 2.44
C GLU C 311 -15.15 -48.54 3.88
N ASN C 312 -14.16 -47.67 4.08
CA ASN C 312 -13.87 -47.08 5.40
C ASN C 312 -15.00 -46.12 5.80
N ARG C 313 -15.47 -45.31 4.83
CA ARG C 313 -16.56 -44.35 5.05
C ARG C 313 -17.77 -45.08 5.63
N ASP C 314 -18.17 -46.13 4.91
CA ASP C 314 -19.35 -46.95 5.24
C ASP C 314 -19.23 -47.58 6.60
N LEU C 315 -18.07 -48.17 6.86
CA LEU C 315 -17.78 -48.83 8.15
C LEU C 315 -17.85 -47.83 9.31
N LEU C 316 -17.22 -46.66 9.11
CA LEU C 316 -17.22 -45.59 10.11
C LEU C 316 -18.64 -45.02 10.33
N TYR C 317 -19.29 -44.67 9.22
CA TYR C 317 -20.67 -44.14 9.25
C TYR C 317 -21.64 -45.09 9.95
N GLU C 318 -21.62 -46.36 9.54
CA GLU C 318 -22.44 -47.43 10.16
C GLU C 318 -22.33 -47.48 11.68
N GLY C 319 -21.09 -47.70 12.15
CA GLY C 319 -20.77 -47.86 13.57
C GLY C 319 -21.14 -46.66 14.43
N LEU C 320 -20.66 -45.48 14.06
CA LEU C 320 -20.96 -44.24 14.81
C LEU C 320 -22.48 -43.93 14.84
N THR C 321 -23.17 -44.16 13.71
CA THR C 321 -24.63 -43.94 13.62
C THR C 321 -25.37 -44.89 14.58
N ARG C 322 -24.97 -46.17 14.56
CA ARG C 322 -25.53 -47.21 15.44
C ARG C 322 -25.40 -46.86 16.93
N ILE C 323 -24.21 -46.35 17.32
CA ILE C 323 -23.96 -45.88 18.71
C ILE C 323 -24.92 -44.73 19.09
N GLY C 324 -25.25 -43.87 18.11
CA GLY C 324 -26.12 -42.72 18.29
C GLY C 324 -25.50 -41.38 17.90
N TYR C 325 -24.32 -41.37 17.28
CA TYR C 325 -23.71 -40.12 16.80
C TYR C 325 -24.42 -39.63 15.54
N HIS C 326 -24.48 -38.32 15.37
CA HIS C 326 -25.04 -37.72 14.16
C HIS C 326 -23.86 -37.42 13.23
N CYS C 327 -23.80 -38.15 12.12
CA CYS C 327 -22.77 -38.01 11.12
C CYS C 327 -23.39 -37.49 9.84
N PHE C 328 -22.82 -36.43 9.27
CA PHE C 328 -23.19 -35.98 7.93
C PHE C 328 -22.53 -37.00 7.01
N LYS C 329 -23.34 -37.76 6.24
CA LYS C 329 -22.80 -38.76 5.32
CA LYS C 329 -22.81 -38.76 5.31
C LYS C 329 -22.07 -38.04 4.17
N PRO C 330 -20.73 -38.27 4.02
CA PRO C 330 -20.04 -37.53 2.97
C PRO C 330 -20.15 -38.20 1.60
N ASP C 331 -20.24 -37.38 0.54
CA ASP C 331 -20.27 -37.89 -0.84
C ASP C 331 -18.87 -37.90 -1.48
N GLY C 332 -17.86 -37.36 -0.81
CA GLY C 332 -16.51 -37.29 -1.36
C GLY C 332 -15.44 -36.96 -0.37
N ALA C 333 -14.18 -36.94 -0.83
CA ALA C 333 -13.00 -36.75 0.03
C ALA C 333 -12.89 -37.94 1.04
N PHE C 334 -12.05 -37.82 2.08
CA PHE C 334 -11.90 -38.87 3.09
C PHE C 334 -12.00 -38.36 4.53
N TYR C 335 -12.91 -37.40 4.73
CA TYR C 335 -13.18 -36.80 6.02
C TYR C 335 -14.65 -36.92 6.32
N MSE C 336 -14.96 -37.42 7.50
CA MSE C 336 -16.33 -37.50 7.98
C MSE C 336 -16.55 -36.39 9.01
O MSE C 336 -15.73 -36.19 9.91
CB MSE C 336 -16.65 -38.86 8.58
CG MSE C 336 -18.16 -39.02 8.76
SE MSE C 336 -18.71 -40.75 9.15
CE MSE C 336 -18.12 -41.62 7.49
N PHE C 337 -17.69 -35.71 8.86
CA PHE C 337 -18.06 -34.57 9.70
C PHE C 337 -19.18 -35.07 10.63
N VAL C 338 -18.91 -35.03 11.94
CA VAL C 338 -19.79 -35.58 12.98
C VAL C 338 -20.10 -34.49 14.00
N LYS C 339 -21.33 -34.46 14.51
CA LYS C 339 -21.66 -33.47 15.54
C LYS C 339 -21.13 -33.96 16.89
N ALA C 340 -20.53 -33.03 17.63
CA ALA C 340 -20.02 -33.30 18.96
C ALA C 340 -21.20 -33.55 19.90
N LEU C 341 -20.94 -34.29 20.98
CA LEU C 341 -21.97 -34.63 21.98
C LEU C 341 -22.26 -33.46 22.93
N GLU C 342 -21.43 -32.42 22.91
CA GLU C 342 -21.65 -31.12 23.59
C GLU C 342 -21.29 -30.00 22.62
N ASP C 343 -21.76 -28.78 22.91
CA ASP C 343 -21.49 -27.60 22.07
C ASP C 343 -20.02 -27.30 21.89
N ASP C 344 -19.26 -27.38 22.98
CA ASP C 344 -17.80 -27.14 22.95
C ASP C 344 -17.10 -28.38 22.36
N SER C 345 -16.79 -28.33 21.06
CA SER C 345 -16.09 -29.42 20.34
C SER C 345 -14.69 -29.67 20.86
N ASN C 346 -14.02 -28.59 21.25
CA ASN C 346 -12.68 -28.70 21.84
C ASN C 346 -12.72 -29.52 23.12
N ALA C 347 -13.75 -29.33 23.94
CA ALA C 347 -13.97 -30.11 25.17
C ALA C 347 -14.30 -31.57 24.86
N PHE C 348 -15.14 -31.77 23.84
CA PHE C 348 -15.50 -33.11 23.35
C PHE C 348 -14.29 -33.89 22.84
N CYS C 349 -13.40 -33.21 22.12
CA CYS C 349 -12.17 -33.82 21.62
C CYS C 349 -11.25 -34.28 22.75
N GLU C 350 -11.14 -33.47 23.83
CA GLU C 350 -10.35 -33.84 25.01
C GLU C 350 -10.94 -35.07 25.71
N LYS C 351 -12.27 -35.10 25.85
CA LYS C 351 -12.98 -36.26 26.41
C LYS C 351 -12.81 -37.53 25.55
N ALA C 352 -12.82 -37.37 24.23
CA ALA C 352 -12.56 -38.46 23.29
C ALA C 352 -11.14 -39.04 23.48
N LYS C 353 -10.20 -38.13 23.76
CA LYS C 353 -8.79 -38.43 24.02
C LYS C 353 -8.57 -39.33 25.27
N GLU C 354 -9.50 -39.28 26.25
CA GLU C 354 -9.48 -40.18 27.41
C GLU C 354 -9.52 -41.66 27.00
N GLU C 355 -10.10 -41.97 25.83
CA GLU C 355 -10.16 -43.34 25.29
C GLU C 355 -9.22 -43.58 24.08
N ASP C 356 -8.20 -42.73 23.95
CA ASP C 356 -7.22 -42.80 22.86
C ASP C 356 -7.79 -42.63 21.42
N VAL C 357 -8.89 -41.89 21.30
CA VAL C 357 -9.52 -41.54 20.04
C VAL C 357 -9.10 -40.09 19.75
N LEU C 358 -8.38 -39.87 18.65
CA LEU C 358 -7.89 -38.56 18.24
C LEU C 358 -8.76 -37.99 17.10
N ILE C 359 -9.57 -36.98 17.43
CA ILE C 359 -10.46 -36.30 16.48
C ILE C 359 -10.26 -34.78 16.58
N VAL C 360 -10.51 -34.10 15.46
CA VAL C 360 -10.19 -32.68 15.32
C VAL C 360 -11.43 -31.82 15.47
N ALA C 361 -11.45 -30.90 16.45
CA ALA C 361 -12.58 -29.96 16.65
C ALA C 361 -12.73 -29.09 15.40
N ALA C 362 -13.96 -28.90 14.93
CA ALA C 362 -14.22 -28.15 13.68
C ALA C 362 -14.24 -26.61 13.79
N ASP C 363 -13.97 -26.07 14.99
CA ASP C 363 -13.93 -24.61 15.25
C ASP C 363 -12.94 -23.91 14.34
N GLY C 364 -11.72 -24.46 14.23
CA GLY C 364 -10.68 -23.92 13.33
C GLY C 364 -11.03 -23.95 11.84
N PHE C 365 -11.95 -24.84 11.44
CA PHE C 365 -12.49 -24.89 10.06
C PHE C 365 -13.71 -23.92 9.89
N GLY C 366 -14.01 -23.11 10.91
CA GLY C 366 -15.14 -22.19 10.88
C GLY C 366 -16.47 -22.83 11.26
N CYS C 367 -16.46 -23.95 11.98
CA CYS C 367 -17.69 -24.66 12.35
C CYS C 367 -17.72 -25.27 13.79
N PRO C 368 -17.96 -24.42 14.83
CA PRO C 368 -18.10 -24.88 16.23
C PRO C 368 -19.20 -25.92 16.42
N GLY C 369 -18.99 -26.87 17.34
CA GLY C 369 -19.98 -27.93 17.63
C GLY C 369 -19.90 -29.20 16.80
N TRP C 370 -18.92 -29.26 15.89
CA TRP C 370 -18.70 -30.41 15.00
C TRP C 370 -17.23 -30.84 15.10
N VAL C 371 -16.96 -32.07 14.66
CA VAL C 371 -15.59 -32.60 14.60
C VAL C 371 -15.32 -33.22 13.25
N ARG C 372 -14.04 -33.24 12.86
CA ARG C 372 -13.61 -33.89 11.62
C ARG C 372 -12.92 -35.22 11.99
N ILE C 373 -13.35 -36.30 11.34
CA ILE C 373 -12.78 -37.62 11.55
C ILE C 373 -12.30 -38.13 10.19
N SER C 374 -10.99 -38.03 9.96
CA SER C 374 -10.37 -38.50 8.72
C SER C 374 -10.41 -40.02 8.69
N TYR C 375 -10.89 -40.59 7.57
CA TYR C 375 -10.93 -42.05 7.40
C TYR C 375 -9.95 -42.60 6.34
N CYS C 376 -8.90 -41.82 6.06
CA CYS C 376 -7.76 -42.23 5.22
C CYS C 376 -6.82 -42.87 6.24
N VAL C 377 -7.25 -44.05 6.70
CA VAL C 377 -6.62 -44.80 7.77
C VAL C 377 -6.73 -46.30 7.49
N ASP C 378 -6.20 -47.13 8.39
CA ASP C 378 -6.28 -48.59 8.27
C ASP C 378 -7.72 -48.99 8.60
N ARG C 379 -8.28 -49.91 7.81
CA ARG C 379 -9.65 -50.40 7.99
C ARG C 379 -9.86 -51.07 9.36
N GLU C 380 -8.88 -51.85 9.79
CA GLU C 380 -8.93 -52.55 11.09
C GLU C 380 -8.91 -51.60 12.30
N MSE C 381 -8.26 -50.44 12.13
CA MSE C 381 -8.21 -49.44 13.20
CA MSE C 381 -8.22 -49.43 13.20
C MSE C 381 -9.63 -48.90 13.44
O MSE C 381 -10.04 -48.73 14.60
CB MSE C 381 -7.19 -48.35 12.85
CB MSE C 381 -7.29 -48.26 12.83
CG MSE C 381 -7.01 -47.29 13.94
CG MSE C 381 -6.95 -47.33 14.01
SE MSE C 381 -8.44 -45.99 13.90
SE MSE C 381 -6.08 -45.67 13.47
CE MSE C 381 -7.70 -44.72 12.62
CE MSE C 381 -7.59 -44.77 12.64
N ILE C 382 -10.37 -48.65 12.36
CA ILE C 382 -11.77 -48.17 12.45
C ILE C 382 -12.62 -49.19 13.22
N LYS C 383 -12.43 -50.47 12.90
CA LYS C 383 -13.14 -51.57 13.58
C LYS C 383 -12.77 -51.67 15.07
N HIS C 384 -11.47 -51.55 15.37
CA HIS C 384 -10.97 -51.59 16.76
C HIS C 384 -11.31 -50.33 17.59
N SER C 385 -11.60 -49.21 16.92
CA SER C 385 -11.98 -47.98 17.60
C SER C 385 -13.41 -47.99 18.16
N MSE C 386 -14.27 -48.88 17.66
CA MSE C 386 -15.71 -48.88 18.02
C MSE C 386 -16.07 -48.94 19.50
O MSE C 386 -16.86 -48.10 19.94
CB MSE C 386 -16.52 -49.87 17.14
CG MSE C 386 -16.68 -49.36 15.70
SE MSE C 386 -17.62 -47.62 15.57
CE MSE C 386 -16.80 -46.96 13.98
N PRO C 387 -15.51 -49.88 20.28
CA PRO C 387 -15.72 -49.87 21.74
C PRO C 387 -15.37 -48.50 22.41
N ALA C 388 -14.26 -47.91 21.99
CA ALA C 388 -13.82 -46.58 22.46
C ALA C 388 -14.85 -45.51 22.12
N PHE C 389 -15.37 -45.53 20.89
CA PHE C 389 -16.42 -44.59 20.47
C PHE C 389 -17.70 -44.73 21.30
N GLU C 390 -18.10 -45.97 21.57
CA GLU C 390 -19.28 -46.26 22.41
C GLU C 390 -19.05 -45.82 23.86
N LYS C 391 -17.83 -46.04 24.36
CA LYS C 391 -17.44 -45.62 25.73
C LYS C 391 -17.41 -44.08 25.85
N ILE C 392 -16.95 -43.39 24.80
CA ILE C 392 -17.01 -41.90 24.73
C ILE C 392 -18.48 -41.43 24.71
N TYR C 393 -19.32 -42.18 24.00
CA TYR C 393 -20.77 -41.89 23.89
C TYR C 393 -21.50 -42.00 25.24
N LYS C 394 -21.16 -43.04 26.02
CA LYS C 394 -21.69 -43.25 27.40
C LYS C 394 -21.42 -42.09 28.37
N LYS C 395 -20.23 -41.49 28.28
CA LYS C 395 -19.83 -40.34 29.13
C LYS C 395 -20.89 -39.21 29.12
N TYR C 396 -21.42 -38.92 27.94
CA TYR C 396 -22.44 -37.89 27.73
C TYR C 396 -23.87 -38.38 27.91
N ASN C 397 -24.13 -39.64 27.55
CA ASN C 397 -25.47 -40.24 27.58
C ASN C 397 -25.58 -41.41 28.56
N LYS C 398 -25.80 -41.03 29.82
CA LYS C 398 -25.93 -41.97 30.94
C LYS C 398 -27.39 -42.38 31.05
N GLY D 1 -8.84 1.13 -12.42
CA GLY D 1 -7.69 0.18 -12.45
C GLY D 1 -7.99 -1.14 -13.14
N MSE D 2 -6.95 -1.93 -13.36
CA MSE D 2 -7.04 -3.25 -14.02
C MSE D 2 -7.69 -4.26 -13.05
O MSE D 2 -7.49 -4.13 -11.83
CB MSE D 2 -5.63 -3.69 -14.42
CG MSE D 2 -5.50 -4.86 -15.34
SE MSE D 2 -3.61 -5.12 -15.85
CE MSE D 2 -3.40 -3.64 -16.97
N VAL D 3 -8.44 -5.23 -13.58
CA VAL D 3 -9.12 -6.27 -12.77
C VAL D 3 -8.10 -7.03 -11.91
N VAL D 4 -7.06 -7.50 -12.56
CA VAL D 4 -5.97 -8.22 -11.90
C VAL D 4 -4.93 -7.22 -11.37
N ASN D 5 -3.98 -7.72 -10.59
CA ASN D 5 -2.87 -6.90 -10.07
C ASN D 5 -1.97 -6.52 -11.24
N GLU D 6 -1.81 -5.21 -11.45
CA GLU D 6 -1.01 -4.71 -12.59
C GLU D 6 0.44 -5.11 -12.55
N SER D 7 1.06 -5.12 -11.35
CA SER D 7 2.47 -5.52 -11.23
CA SER D 7 2.47 -5.51 -11.25
C SER D 7 2.65 -6.99 -11.63
N MSE D 8 1.68 -7.83 -11.29
CA MSE D 8 1.71 -9.26 -11.65
C MSE D 8 1.48 -9.41 -13.14
O MSE D 8 2.19 -10.18 -13.80
CB MSE D 8 0.67 -10.09 -10.87
CG MSE D 8 0.89 -10.16 -9.36
SE MSE D 8 2.65 -10.74 -8.85
CE MSE D 8 3.46 -8.95 -8.61
N TYR D 9 0.51 -8.66 -13.67
CA TYR D 9 0.27 -8.60 -15.12
C TYR D 9 1.57 -8.29 -15.89
N GLN D 10 2.27 -7.20 -15.51
CA GLN D 10 3.55 -6.79 -16.12
C GLN D 10 4.63 -7.85 -15.98
N LEU D 11 4.74 -8.41 -14.78
CA LEU D 11 5.72 -9.46 -14.50
C LEU D 11 5.50 -10.68 -15.40
N GLY D 12 4.24 -11.05 -15.63
CA GLY D 12 3.89 -12.17 -16.49
C GLY D 12 3.91 -11.90 -17.99
N SER D 13 3.90 -10.63 -18.39
CA SER D 13 3.90 -10.24 -19.82
C SER D 13 5.24 -9.70 -20.35
N VAL D 14 6.14 -9.26 -19.47
CA VAL D 14 7.46 -8.73 -19.90
C VAL D 14 8.31 -9.88 -20.49
N ARG D 15 8.76 -9.72 -21.73
CA ARG D 15 9.52 -10.78 -22.44
C ARG D 15 11.00 -10.82 -22.01
N SER D 16 11.55 -12.02 -21.86
CA SER D 16 12.97 -12.16 -21.53
C SER D 16 13.78 -12.05 -22.84
N ALA D 17 14.71 -11.11 -22.87
CA ALA D 17 15.61 -10.86 -23.99
C ALA D 17 16.58 -12.03 -24.25
N ILE D 18 17.01 -12.72 -23.18
CA ILE D 18 17.93 -13.86 -23.27
C ILE D 18 17.18 -15.07 -23.87
N ARG D 19 15.96 -15.31 -23.39
CA ARG D 19 15.08 -16.38 -23.95
C ARG D 19 14.69 -16.07 -25.41
N GLU D 20 14.44 -14.80 -25.71
CA GLU D 20 14.13 -14.33 -27.05
C GLU D 20 15.30 -14.58 -28.02
N LEU D 21 16.51 -14.27 -27.55
CA LEU D 21 17.76 -14.49 -28.30
C LEU D 21 17.95 -15.98 -28.58
N PHE D 22 17.63 -16.83 -27.59
CA PHE D 22 17.65 -18.28 -27.78
C PHE D 22 16.66 -18.73 -28.87
N GLU D 23 15.44 -18.17 -28.84
CA GLU D 23 14.42 -18.45 -29.86
C GLU D 23 14.84 -17.90 -31.23
N TYR D 24 15.47 -16.72 -31.23
CA TYR D 24 16.02 -16.12 -32.46
C TYR D 24 17.07 -17.02 -33.11
N GLY D 25 17.92 -17.66 -32.30
CA GLY D 25 18.94 -18.61 -32.80
C GLY D 25 18.39 -19.81 -33.53
N LYS D 26 17.27 -20.35 -33.01
CA LYS D 26 16.59 -21.50 -33.63
C LYS D 26 15.99 -21.13 -34.99
N LYS D 27 15.39 -19.94 -35.09
CA LYS D 27 14.85 -19.40 -36.34
C LYS D 27 15.97 -19.18 -37.38
N ARG D 28 17.09 -18.61 -36.92
CA ARG D 28 18.30 -18.43 -37.75
C ARG D 28 18.91 -19.77 -38.17
N ALA D 29 18.85 -20.77 -37.28
CA ALA D 29 19.31 -22.15 -37.58
C ALA D 29 18.62 -22.69 -38.84
N ALA D 30 17.32 -22.41 -38.99
CA ALA D 30 16.53 -22.82 -40.16
C ALA D 30 16.90 -22.15 -41.50
N ILE D 31 17.69 -21.08 -41.47
CA ILE D 31 18.10 -20.29 -42.64
C ILE D 31 19.56 -20.59 -42.98
N VAL D 32 20.45 -20.33 -42.01
CA VAL D 32 21.92 -20.50 -42.18
C VAL D 32 22.51 -21.83 -41.71
N GLY D 33 21.70 -22.69 -41.08
CA GLY D 33 22.14 -24.01 -40.58
C GLY D 33 22.51 -23.94 -39.11
N LYS D 34 22.21 -25.01 -38.36
CA LYS D 34 22.50 -25.12 -36.89
C LYS D 34 23.97 -24.80 -36.57
N GLU D 35 24.87 -25.36 -37.38
CA GLU D 35 26.33 -25.24 -37.28
C GLU D 35 26.91 -23.84 -37.54
N ASN D 36 26.12 -22.94 -38.17
CA ASN D 36 26.51 -21.55 -38.49
C ASN D 36 25.83 -20.49 -37.63
N VAL D 37 25.28 -20.91 -36.50
CA VAL D 37 24.70 -20.03 -35.49
C VAL D 37 25.45 -20.35 -34.19
N TYR D 38 26.06 -19.33 -33.59
CA TYR D 38 26.91 -19.46 -32.39
C TYR D 38 26.17 -18.84 -31.21
N ASP D 39 25.38 -19.69 -30.55
CA ASP D 39 24.50 -19.32 -29.45
C ASP D 39 25.14 -19.49 -28.07
N PHE D 40 25.51 -18.37 -27.46
CA PHE D 40 26.09 -18.31 -26.13
C PHE D 40 25.10 -17.54 -25.21
N SER D 41 23.79 -17.72 -25.43
CA SER D 41 22.76 -16.95 -24.69
C SER D 41 22.38 -17.52 -23.32
N ILE D 42 21.43 -18.45 -23.25
CA ILE D 42 20.90 -18.95 -21.97
C ILE D 42 21.87 -19.90 -21.24
N GLY D 43 21.88 -19.78 -19.90
CA GLY D 43 22.79 -20.51 -19.03
C GLY D 43 22.19 -21.75 -18.40
N ASN D 44 21.73 -22.68 -19.24
CA ASN D 44 21.13 -23.94 -18.76
C ASN D 44 22.21 -25.02 -18.67
N PRO D 45 22.32 -25.74 -17.50
CA PRO D 45 23.32 -26.81 -17.38
C PRO D 45 23.30 -27.75 -18.57
N SER D 46 24.45 -27.92 -19.20
CA SER D 46 24.60 -28.73 -20.43
C SER D 46 25.23 -30.11 -20.24
N ILE D 47 25.87 -30.37 -19.09
CA ILE D 47 26.46 -31.68 -18.77
C ILE D 47 25.39 -32.56 -18.07
N PRO D 48 25.43 -33.90 -18.29
CA PRO D 48 24.41 -34.74 -17.68
C PRO D 48 24.67 -34.94 -16.18
N ALA D 49 23.61 -35.26 -15.44
CA ALA D 49 23.69 -35.57 -14.01
C ALA D 49 24.48 -36.88 -13.84
N PRO D 50 25.24 -37.03 -12.72
CA PRO D 50 25.96 -38.30 -12.50
C PRO D 50 25.00 -39.51 -12.36
N GLN D 51 25.45 -40.72 -12.69
CA GLN D 51 24.58 -41.92 -12.61
C GLN D 51 23.94 -42.16 -11.24
N ILE D 52 24.59 -41.72 -10.15
CA ILE D 52 24.08 -41.85 -8.77
C ILE D 52 22.67 -41.22 -8.57
N VAL D 53 22.37 -40.15 -9.31
CA VAL D 53 21.04 -39.50 -9.28
C VAL D 53 19.96 -40.42 -9.81
N ASN D 54 20.10 -40.82 -11.08
CA ASN D 54 19.13 -41.71 -11.74
C ASN D 54 19.08 -43.11 -11.12
N ASP D 55 20.23 -43.67 -10.75
CA ASP D 55 20.32 -44.99 -10.08
C ASP D 55 19.55 -44.99 -8.76
N THR D 56 19.69 -43.91 -7.98
CA THR D 56 18.97 -43.75 -6.71
C THR D 56 17.46 -43.62 -6.93
N ILE D 57 17.03 -42.87 -7.97
CA ILE D 57 15.60 -42.72 -8.33
C ILE D 57 14.96 -44.08 -8.73
N LYS D 58 15.71 -44.92 -9.44
CA LYS D 58 15.28 -46.30 -9.74
C LYS D 58 15.20 -47.12 -8.44
N GLU D 59 16.24 -47.02 -7.61
CA GLU D 59 16.30 -47.71 -6.30
C GLU D 59 15.26 -47.23 -5.27
N LEU D 60 14.88 -45.95 -5.31
CA LEU D 60 13.84 -45.39 -4.42
C LEU D 60 12.45 -45.85 -4.87
N VAL D 61 12.16 -45.67 -6.16
CA VAL D 61 10.87 -46.09 -6.76
C VAL D 61 10.60 -47.60 -6.62
N THR D 62 11.67 -48.42 -6.70
CA THR D 62 11.56 -49.88 -6.62
C THR D 62 11.49 -50.46 -5.20
N ASP D 63 12.32 -49.94 -4.28
CA ASP D 63 12.44 -50.50 -2.90
C ASP D 63 11.61 -49.80 -1.82
N TYR D 64 11.64 -48.47 -1.82
CA TYR D 64 10.99 -47.64 -0.80
C TYR D 64 9.47 -47.69 -0.94
N ASP D 65 8.75 -47.81 0.18
CA ASP D 65 7.26 -47.87 0.23
C ASP D 65 6.65 -46.69 -0.52
N SER D 66 5.69 -46.97 -1.42
CA SER D 66 5.07 -45.95 -2.29
C SER D 66 4.36 -44.81 -1.53
N VAL D 67 3.60 -45.15 -0.49
CA VAL D 67 2.86 -44.14 0.31
C VAL D 67 3.83 -43.20 1.05
N ALA D 68 4.86 -43.77 1.69
CA ALA D 68 5.91 -43.00 2.38
C ALA D 68 6.85 -42.26 1.42
N LEU D 69 7.21 -42.91 0.29
CA LEU D 69 8.08 -42.29 -0.73
C LEU D 69 7.49 -41.00 -1.35
N HIS D 70 6.20 -41.02 -1.66
CA HIS D 70 5.52 -39.87 -2.28
C HIS D 70 4.72 -39.01 -1.28
N GLY D 71 4.76 -39.36 0.00
CA GLY D 71 4.03 -38.64 1.04
C GLY D 71 4.63 -37.30 1.38
N TYR D 72 3.82 -36.43 2.00
CA TYR D 72 4.32 -35.14 2.47
C TYR D 72 5.41 -35.41 3.50
N THR D 73 6.54 -34.72 3.35
CA THR D 73 7.58 -34.71 4.37
C THR D 73 7.17 -33.54 5.27
N SER D 74 7.91 -33.30 6.35
CA SER D 74 7.68 -32.11 7.18
C SER D 74 8.01 -30.87 6.35
N ALA D 75 7.51 -29.71 6.79
CA ALA D 75 7.71 -28.41 6.12
C ALA D 75 9.16 -28.06 5.79
N GLN D 76 10.05 -28.33 6.74
CA GLN D 76 11.49 -28.09 6.59
C GLN D 76 12.25 -29.23 5.89
N GLY D 77 11.58 -30.35 5.63
CA GLY D 77 12.14 -31.49 4.91
C GLY D 77 12.48 -32.62 5.85
N ASP D 78 12.77 -33.78 5.28
CA ASP D 78 13.15 -34.96 6.06
C ASP D 78 14.36 -34.65 6.94
N VAL D 79 14.26 -35.02 8.23
CA VAL D 79 15.37 -34.87 9.19
C VAL D 79 16.65 -35.57 8.67
N GLU D 80 16.47 -36.70 7.98
CA GLU D 80 17.55 -37.50 7.37
C GLU D 80 18.29 -36.73 6.28
N THR D 81 17.53 -36.06 5.40
CA THR D 81 18.09 -35.21 4.33
C THR D 81 18.89 -34.07 4.94
N ARG D 82 18.29 -33.36 5.90
CA ARG D 82 18.95 -32.25 6.59
C ARG D 82 20.22 -32.68 7.35
N ALA D 83 20.15 -33.86 7.99
CA ALA D 83 21.29 -34.45 8.73
C ALA D 83 22.49 -34.79 7.83
N ALA D 84 22.20 -35.31 6.63
CA ALA D 84 23.23 -35.66 5.64
C ALA D 84 23.92 -34.41 5.10
N ILE D 85 23.16 -33.33 4.89
CA ILE D 85 23.69 -32.05 4.41
C ILE D 85 24.59 -31.43 5.50
N ALA D 86 24.07 -31.33 6.72
CA ALA D 86 24.83 -30.82 7.88
C ALA D 86 26.15 -31.58 8.08
N GLU D 87 26.10 -32.91 7.98
CA GLU D 87 27.30 -33.77 8.11
C GLU D 87 28.32 -33.49 6.99
N PHE D 88 27.83 -33.41 5.75
CA PHE D 88 28.66 -33.09 4.58
C PHE D 88 29.31 -31.71 4.70
N LEU D 89 28.51 -30.70 5.08
CA LEU D 89 29.01 -29.32 5.27
C LEU D 89 30.08 -29.24 6.38
N ASN D 90 29.83 -29.91 7.51
CA ASN D 90 30.78 -29.97 8.62
C ASN D 90 32.10 -30.65 8.24
N ASN D 91 32.00 -31.77 7.52
CA ASN D 91 33.19 -32.49 7.04
C ASN D 91 34.01 -31.68 6.03
N THR D 92 33.32 -31.07 5.07
CA THR D 92 33.97 -30.31 4.00
C THR D 92 34.54 -28.94 4.42
N HIS D 93 33.84 -28.24 5.31
CA HIS D 93 34.19 -26.85 5.70
C HIS D 93 34.65 -26.59 7.14
N GLY D 94 34.60 -27.60 8.01
CA GLY D 94 34.98 -27.45 9.41
C GLY D 94 33.93 -26.73 10.25
N THR D 95 32.68 -26.71 9.77
CA THR D 95 31.54 -26.07 10.46
C THR D 95 31.00 -26.98 11.59
N HIS D 96 29.97 -26.51 12.30
CA HIS D 96 29.35 -27.23 13.43
C HIS D 96 27.81 -27.23 13.35
N PHE D 97 27.27 -27.45 12.14
CA PHE D 97 25.81 -27.47 11.94
C PHE D 97 25.17 -28.79 12.35
N ASN D 98 23.86 -28.72 12.64
CA ASN D 98 23.01 -29.90 12.87
C ASN D 98 21.87 -29.84 11.86
N ALA D 99 21.01 -30.85 11.80
CA ALA D 99 19.86 -30.89 10.87
C ALA D 99 18.94 -29.68 11.03
N ASP D 100 18.73 -29.24 12.29
CA ASP D 100 17.87 -28.08 12.60
C ASP D 100 18.35 -26.72 12.04
N ASN D 101 19.59 -26.65 11.52
CA ASN D 101 20.09 -25.47 10.80
C ASN D 101 19.63 -25.39 9.33
N LEU D 102 19.02 -26.46 8.80
CA LEU D 102 18.58 -26.50 7.39
C LEU D 102 17.05 -26.48 7.21
N TYR D 103 16.61 -25.88 6.10
CA TYR D 103 15.21 -25.83 5.66
C TYR D 103 15.24 -26.15 4.17
N MSE D 104 14.67 -27.30 3.78
CA MSE D 104 14.70 -27.78 2.39
C MSE D 104 13.72 -26.99 1.52
O MSE D 104 12.56 -26.82 1.88
CB MSE D 104 14.40 -29.29 2.29
CG MSE D 104 15.30 -30.20 3.14
SE MSE D 104 17.20 -29.93 2.89
CE MSE D 104 17.26 -30.35 1.02
N THR D 105 14.20 -26.55 0.36
CA THR D 105 13.43 -25.73 -0.57
C THR D 105 13.37 -26.33 -1.98
N MSE D 106 12.55 -25.68 -2.81
CA MSE D 106 12.35 -26.03 -4.21
C MSE D 106 13.19 -25.11 -5.08
O MSE D 106 12.67 -24.38 -5.93
CB MSE D 106 10.87 -25.95 -4.52
CG MSE D 106 10.07 -26.83 -3.58
SE MSE D 106 8.28 -27.07 -4.17
CE MSE D 106 7.57 -25.52 -3.56
N GLY D 107 14.51 -25.16 -4.85
CA GLY D 107 15.50 -24.40 -5.59
C GLY D 107 16.01 -23.13 -4.92
N ALA D 108 16.96 -22.52 -5.60
CA ALA D 108 17.57 -21.25 -5.20
C ALA D 108 16.60 -20.08 -5.30
N ALA D 109 15.71 -20.10 -6.29
CA ALA D 109 14.67 -19.08 -6.45
C ALA D 109 13.76 -19.07 -5.21
N ALA D 110 13.41 -20.26 -4.73
CA ALA D 110 12.63 -20.45 -3.52
C ALA D 110 13.44 -20.03 -2.28
N SER D 111 14.71 -20.47 -2.20
CA SER D 111 15.60 -20.12 -1.08
C SER D 111 15.77 -18.61 -0.93
N LEU D 112 16.15 -17.97 -2.03
CA LEU D 112 16.30 -16.49 -2.06
C LEU D 112 14.99 -15.77 -1.71
N SER D 113 13.87 -16.24 -2.28
CA SER D 113 12.54 -15.67 -1.99
C SER D 113 12.20 -15.77 -0.50
N ILE D 114 12.47 -16.92 0.10
CA ILE D 114 12.23 -17.13 1.54
C ILE D 114 13.05 -16.15 2.42
N CYS D 115 14.31 -15.92 2.06
CA CYS D 115 15.21 -15.05 2.82
C CYS D 115 14.75 -13.59 2.80
N PHE D 116 14.41 -13.06 1.61
CA PHE D 116 13.94 -11.68 1.50
C PHE D 116 12.57 -11.52 2.18
N ARG D 117 11.70 -12.54 2.02
CA ARG D 117 10.36 -12.52 2.63
C ARG D 117 10.44 -12.59 4.17
N ALA D 118 11.36 -13.41 4.70
CA ALA D 118 11.54 -13.53 6.16
C ALA D 118 12.08 -12.25 6.81
N LEU D 119 12.99 -11.58 6.12
CA LEU D 119 13.67 -10.35 6.60
C LEU D 119 12.95 -9.01 6.37
N THR D 120 12.15 -8.88 5.32
CA THR D 120 11.53 -7.58 4.99
C THR D 120 10.38 -7.24 5.93
N SER D 121 10.51 -6.11 6.64
CA SER D 121 9.49 -5.61 7.57
C SER D 121 8.97 -4.19 7.26
N ASP D 122 9.49 -3.56 6.21
CA ASP D 122 9.07 -2.20 5.80
C ASP D 122 9.29 -2.03 4.29
N ALA D 123 8.41 -1.25 3.68
CA ALA D 123 8.43 -0.93 2.24
C ALA D 123 9.76 -0.32 1.78
N TYR D 124 10.40 0.47 2.64
CA TYR D 124 11.69 1.12 2.29
C TYR D 124 12.94 0.32 2.61
N ASP D 125 12.79 -0.96 2.99
CA ASP D 125 13.91 -1.87 3.22
C ASP D 125 14.69 -2.07 1.92
N GLU D 126 16.02 -2.05 2.04
CA GLU D 126 16.93 -2.18 0.92
C GLU D 126 17.78 -3.44 1.07
N PHE D 127 17.92 -4.17 -0.05
CA PHE D 127 18.85 -5.29 -0.17
C PHE D 127 19.87 -4.88 -1.22
N ILE D 128 21.15 -5.03 -0.88
CA ILE D 128 22.24 -4.64 -1.77
C ILE D 128 22.70 -5.80 -2.64
N THR D 129 22.93 -5.53 -3.93
CA THR D 129 23.48 -6.50 -4.87
C THR D 129 24.76 -5.85 -5.43
N ILE D 130 25.78 -6.68 -5.65
CA ILE D 130 27.08 -6.24 -6.15
C ILE D 130 27.08 -6.51 -7.65
N ALA D 131 27.15 -5.45 -8.47
CA ALA D 131 27.18 -5.58 -9.92
C ALA D 131 28.51 -6.18 -10.35
N PRO D 132 28.54 -7.01 -11.44
CA PRO D 132 27.41 -7.49 -12.23
C PRO D 132 26.63 -8.60 -11.48
N TYR D 133 25.30 -8.57 -11.55
CA TYR D 133 24.46 -9.50 -10.80
C TYR D 133 23.32 -10.11 -11.61
N PHE D 134 22.77 -11.21 -11.07
CA PHE D 134 21.62 -11.96 -11.62
C PHE D 134 20.36 -11.04 -11.52
N PRO D 135 19.82 -10.53 -12.65
CA PRO D 135 18.71 -9.52 -12.58
C PRO D 135 17.42 -9.93 -11.85
N GLU D 136 17.17 -11.24 -11.76
CA GLU D 136 16.00 -11.79 -11.05
C GLU D 136 15.98 -11.44 -9.55
N TYR D 137 17.12 -11.09 -8.95
CA TYR D 137 17.14 -10.63 -7.57
C TYR D 137 16.19 -9.46 -7.34
N LYS D 138 16.06 -8.57 -8.34
CA LYS D 138 15.12 -7.44 -8.27
C LYS D 138 13.68 -7.95 -8.10
N VAL D 139 13.31 -8.99 -8.86
CA VAL D 139 12.00 -9.59 -8.78
C VAL D 139 11.76 -10.21 -7.40
N PHE D 140 12.76 -10.96 -6.90
CA PHE D 140 12.63 -11.59 -5.58
C PHE D 140 12.60 -10.54 -4.45
N VAL D 141 13.46 -9.53 -4.52
CA VAL D 141 13.49 -8.44 -3.53
C VAL D 141 12.20 -7.61 -3.56
N ASN D 142 11.70 -7.25 -4.75
CA ASN D 142 10.43 -6.48 -4.86
C ASN D 142 9.24 -7.32 -4.43
N ALA D 143 9.24 -8.61 -4.81
CA ALA D 143 8.16 -9.52 -4.38
C ALA D 143 8.07 -9.65 -2.85
N ALA D 144 9.19 -9.45 -2.14
CA ALA D 144 9.22 -9.45 -0.68
C ALA D 144 8.74 -8.13 -0.07
N GLY D 145 8.58 -7.08 -0.90
CA GLY D 145 8.17 -5.74 -0.47
C GLY D 145 9.32 -4.81 -0.16
N ALA D 146 10.51 -5.11 -0.72
CA ALA D 146 11.75 -4.34 -0.50
C ALA D 146 12.29 -3.80 -1.82
N ARG D 147 13.31 -2.94 -1.73
CA ARG D 147 13.99 -2.34 -2.89
C ARG D 147 15.42 -2.89 -3.06
N LEU D 148 15.86 -3.04 -4.31
CA LEU D 148 17.20 -3.52 -4.66
C LEU D 148 18.11 -2.30 -4.87
N VAL D 149 19.34 -2.35 -4.33
CA VAL D 149 20.34 -1.27 -4.45
C VAL D 149 21.60 -1.90 -5.08
N GLU D 150 22.10 -1.28 -6.17
CA GLU D 150 23.26 -1.80 -6.91
C GLU D 150 24.56 -1.10 -6.54
N VAL D 151 25.60 -1.90 -6.31
CA VAL D 151 26.94 -1.38 -6.09
C VAL D 151 27.61 -1.49 -7.46
N PRO D 152 28.20 -0.38 -7.99
CA PRO D 152 28.87 -0.47 -9.30
C PRO D 152 30.02 -1.51 -9.33
N ALA D 153 30.12 -2.20 -10.46
CA ALA D 153 31.12 -3.27 -10.66
C ALA D 153 32.59 -2.88 -10.47
N ASP D 154 33.37 -3.82 -9.92
CA ASP D 154 34.83 -3.72 -9.83
C ASP D 154 35.28 -4.32 -11.16
N THR D 155 35.44 -3.47 -12.18
CA THR D 155 35.86 -3.93 -13.52
C THR D 155 37.33 -4.35 -13.66
N GLU D 156 38.16 -4.13 -12.63
CA GLU D 156 39.58 -4.52 -12.63
CA GLU D 156 39.57 -4.53 -12.65
C GLU D 156 39.76 -5.98 -12.21
N HIS D 157 39.06 -6.41 -11.15
CA HIS D 157 39.15 -7.79 -10.60
C HIS D 157 37.84 -8.53 -10.28
N PHE D 158 36.70 -7.86 -10.44
CA PHE D 158 35.37 -8.43 -10.17
C PHE D 158 35.21 -9.03 -8.77
N GLN D 159 35.78 -8.30 -7.82
CA GLN D 159 35.67 -8.60 -6.40
C GLN D 159 34.61 -7.59 -5.95
N ILE D 160 34.86 -6.80 -4.89
CA ILE D 160 33.89 -5.82 -4.40
C ILE D 160 34.55 -4.45 -4.27
N ASP D 161 33.87 -3.42 -4.79
CA ASP D 161 34.29 -2.04 -4.65
C ASP D 161 33.76 -1.69 -3.25
N PHE D 162 34.61 -1.83 -2.23
CA PHE D 162 34.19 -1.60 -0.83
C PHE D 162 33.77 -0.18 -0.46
N ASP D 163 34.47 0.82 -1.01
CA ASP D 163 34.10 2.23 -0.80
C ASP D 163 32.68 2.50 -1.33
N ALA D 164 32.39 1.99 -2.52
CA ALA D 164 31.06 2.11 -3.13
C ALA D 164 30.00 1.33 -2.35
N LEU D 165 30.34 0.12 -1.88
CA LEU D 165 29.42 -0.68 -1.03
C LEU D 165 29.07 0.06 0.26
N GLU D 166 30.10 0.52 0.97
CA GLU D 166 29.96 1.24 2.25
C GLU D 166 29.07 2.49 2.16
N GLU D 167 29.24 3.23 1.08
CA GLU D 167 28.48 4.43 0.77
C GLU D 167 26.97 4.15 0.59
N ARG D 168 26.64 2.94 0.12
CA ARG D 168 25.27 2.50 -0.15
C ARG D 168 24.59 1.72 1.00
N ILE D 169 25.31 1.53 2.12
CA ILE D 169 24.76 0.93 3.33
C ILE D 169 24.15 2.08 4.14
N ASN D 170 22.94 1.88 4.65
CA ASN D 170 22.25 2.88 5.48
C ASN D 170 21.26 2.22 6.46
N ALA D 171 20.48 3.03 7.18
CA ALA D 171 19.48 2.55 8.17
C ALA D 171 18.48 1.53 7.61
N HIS D 172 18.15 1.63 6.32
CA HIS D 172 17.21 0.73 5.65
C HIS D 172 17.84 -0.58 5.15
N THR D 173 19.16 -0.71 5.24
CA THR D 173 19.90 -1.88 4.71
C THR D 173 19.68 -3.14 5.54
N ARG D 174 18.95 -4.08 4.94
CA ARG D 174 18.62 -5.36 5.56
CA ARG D 174 18.60 -5.38 5.56
C ARG D 174 19.62 -6.46 5.22
N GLY D 175 20.19 -6.40 4.03
CA GLY D 175 21.16 -7.39 3.62
C GLY D 175 21.95 -7.08 2.37
N VAL D 176 23.06 -7.81 2.20
CA VAL D 176 23.93 -7.74 1.04
C VAL D 176 23.88 -9.13 0.40
N ILE D 177 23.46 -9.17 -0.85
CA ILE D 177 23.35 -10.40 -1.62
C ILE D 177 24.71 -10.60 -2.27
N ILE D 178 25.34 -11.75 -2.04
CA ILE D 178 26.61 -12.12 -2.69
C ILE D 178 26.38 -13.40 -3.49
N ASN D 179 27.08 -13.51 -4.62
CA ASN D 179 26.96 -14.65 -5.53
C ASN D 179 28.36 -15.03 -5.99
N SER D 180 28.93 -16.05 -5.34
CA SER D 180 30.27 -16.55 -5.62
C SER D 180 30.34 -18.09 -5.53
N PRO D 181 30.70 -18.79 -6.63
CA PRO D 181 30.97 -18.31 -7.99
C PRO D 181 29.82 -17.49 -8.60
N ASN D 182 30.18 -16.46 -9.36
CA ASN D 182 29.24 -15.46 -9.87
C ASN D 182 28.62 -15.67 -11.27
N ASN D 183 27.32 -15.37 -11.36
CA ASN D 183 26.59 -15.22 -12.61
C ASN D 183 26.34 -13.70 -12.63
N PRO D 184 26.78 -12.97 -13.67
CA PRO D 184 27.40 -13.33 -14.95
C PRO D 184 28.93 -13.32 -15.13
N SER D 185 29.69 -12.83 -14.16
CA SER D 185 31.15 -12.63 -14.32
C SER D 185 32.04 -13.86 -14.23
N GLY D 186 31.56 -14.91 -13.53
CA GLY D 186 32.37 -16.08 -13.24
C GLY D 186 33.46 -15.87 -12.18
N THR D 187 33.42 -14.73 -11.49
CA THR D 187 34.38 -14.41 -10.44
C THR D 187 34.06 -15.26 -9.21
N VAL D 188 35.10 -15.49 -8.40
CA VAL D 188 34.99 -16.18 -7.13
C VAL D 188 35.58 -15.19 -6.12
N TYR D 189 34.80 -14.83 -5.09
CA TYR D 189 35.32 -13.93 -4.05
C TYR D 189 36.35 -14.66 -3.19
N SER D 190 37.52 -14.02 -3.04
CA SER D 190 38.60 -14.56 -2.23
C SER D 190 38.28 -14.44 -0.75
N GLU D 191 39.12 -15.07 0.08
CA GLU D 191 38.97 -15.01 1.54
C GLU D 191 39.13 -13.58 2.06
N GLU D 192 40.05 -12.84 1.45
CA GLU D 192 40.30 -11.43 1.79
C GLU D 192 39.04 -10.59 1.53
N THR D 193 38.41 -10.78 0.38
CA THR D 193 37.14 -10.11 0.03
C THR D 193 36.05 -10.50 1.03
N ILE D 194 35.92 -11.79 1.34
CA ILE D 194 34.93 -12.26 2.33
C ILE D 194 35.22 -11.69 3.74
N LYS D 195 36.49 -11.62 4.14
CA LYS D 195 36.90 -11.05 5.43
C LYS D 195 36.61 -9.53 5.52
N LYS D 196 36.97 -8.79 4.47
CA LYS D 196 36.71 -7.33 4.41
C LYS D 196 35.22 -6.99 4.41
N LEU D 197 34.41 -7.81 3.73
CA LEU D 197 32.95 -7.65 3.70
C LEU D 197 32.38 -7.87 5.10
N SER D 198 32.84 -8.96 5.74
CA SER D 198 32.40 -9.31 7.10
C SER D 198 32.70 -8.22 8.11
N ASP D 199 33.94 -7.69 8.07
CA ASP D 199 34.36 -6.58 8.95
C ASP D 199 33.48 -5.33 8.70
N LEU D 200 33.25 -5.00 7.43
CA LEU D 200 32.42 -3.84 7.04
C LEU D 200 30.99 -3.99 7.54
N LEU D 201 30.38 -5.14 7.25
CA LEU D 201 28.99 -5.42 7.67
C LEU D 201 28.83 -5.53 9.20
N GLU D 202 29.86 -6.00 9.90
CA GLU D 202 29.87 -6.04 11.37
C GLU D 202 29.86 -4.60 11.90
N LYS D 203 30.77 -3.77 11.40
CA LYS D 203 30.87 -2.34 11.75
C LYS D 203 29.55 -1.59 11.51
N LYS D 204 29.00 -1.70 10.31
CA LYS D 204 27.76 -1.00 9.96
C LYS D 204 26.52 -1.54 10.69
N SER D 205 26.51 -2.84 11.04
CA SER D 205 25.40 -3.44 11.82
C SER D 205 25.28 -2.79 13.22
N LYS D 206 26.44 -2.53 13.82
CA LYS D 206 26.51 -1.79 15.09
C LYS D 206 25.99 -0.35 14.90
N GLU D 207 26.48 0.33 13.84
CA GLU D 207 26.09 1.73 13.57
CA GLU D 207 26.10 1.73 13.55
C GLU D 207 24.58 1.93 13.42
N ILE D 208 23.92 1.09 12.62
CA ILE D 208 22.45 1.20 12.44
C ILE D 208 21.62 0.57 13.57
N GLY D 209 22.26 -0.17 14.47
CA GLY D 209 21.60 -0.82 15.61
C GLY D 209 20.75 -2.00 15.22
N ARG D 210 21.20 -2.74 14.19
CA ARG D 210 20.44 -3.85 13.61
C ARG D 210 21.34 -4.72 12.71
N PRO D 211 21.22 -6.07 12.77
CA PRO D 211 22.07 -6.91 11.90
C PRO D 211 21.83 -6.73 10.40
N ILE D 212 22.91 -6.70 9.62
CA ILE D 212 22.83 -6.66 8.17
C ILE D 212 23.21 -8.08 7.76
N PHE D 213 22.27 -8.82 7.19
CA PHE D 213 22.59 -10.19 6.73
C PHE D 213 23.37 -10.27 5.45
N ILE D 214 24.11 -11.37 5.31
CA ILE D 214 24.72 -11.76 4.06
C ILE D 214 23.81 -12.89 3.55
N ILE D 215 23.24 -12.73 2.37
CA ILE D 215 22.44 -13.76 1.70
C ILE D 215 23.41 -14.27 0.63
N ALA D 216 23.98 -15.45 0.87
CA ALA D 216 24.95 -16.09 -0.03
C ALA D 216 24.25 -16.98 -1.05
N ASP D 217 24.25 -16.56 -2.31
CA ASP D 217 23.62 -17.30 -3.40
C ASP D 217 24.69 -18.25 -3.96
N GLU D 218 24.64 -19.53 -3.54
CA GLU D 218 25.69 -20.53 -3.88
C GLU D 218 25.43 -21.73 -4.83
N PRO D 219 24.50 -21.62 -5.82
CA PRO D 219 24.31 -22.79 -6.70
C PRO D 219 25.51 -23.20 -7.56
N TYR D 220 26.48 -22.30 -7.79
CA TYR D 220 27.69 -22.60 -8.58
C TYR D 220 28.90 -23.00 -7.72
N ARG D 221 28.73 -23.15 -6.39
CA ARG D 221 29.80 -23.50 -5.44
C ARG D 221 30.82 -24.54 -5.93
N GLU D 222 30.32 -25.61 -6.55
CA GLU D 222 31.16 -26.72 -7.04
C GLU D 222 31.72 -26.50 -8.45
N ILE D 223 31.13 -25.56 -9.20
CA ILE D 223 31.62 -25.20 -10.53
C ILE D 223 32.73 -24.15 -10.29
N VAL D 224 33.91 -24.65 -9.93
CA VAL D 224 35.09 -23.83 -9.63
C VAL D 224 36.30 -24.56 -10.23
N TYR D 225 37.24 -23.80 -10.80
CA TYR D 225 38.38 -24.35 -11.56
C TYR D 225 39.74 -24.06 -10.96
N ASP D 226 40.75 -24.83 -11.39
CA ASP D 226 42.17 -24.70 -10.97
C ASP D 226 42.41 -24.82 -9.45
N GLY D 227 41.55 -25.57 -8.76
CA GLY D 227 41.64 -25.72 -7.31
C GLY D 227 41.39 -24.44 -6.51
N ILE D 228 40.67 -23.46 -7.08
CA ILE D 228 40.39 -22.21 -6.39
C ILE D 228 39.44 -22.50 -5.22
N LYS D 229 39.67 -21.82 -4.09
CA LYS D 229 38.88 -22.02 -2.87
C LYS D 229 37.70 -21.04 -2.80
N VAL D 230 36.53 -21.54 -2.43
CA VAL D 230 35.31 -20.75 -2.25
C VAL D 230 35.08 -20.70 -0.72
N PRO D 231 35.49 -19.60 -0.02
CA PRO D 231 35.31 -19.52 1.44
C PRO D 231 33.87 -19.73 1.87
N PHE D 232 33.64 -20.56 2.89
CA PHE D 232 32.28 -20.82 3.38
C PHE D 232 31.97 -19.66 4.32
N VAL D 233 31.05 -18.81 3.89
CA VAL D 233 30.80 -17.48 4.50
C VAL D 233 30.34 -17.47 5.94
N THR D 234 29.61 -18.49 6.37
CA THR D 234 29.10 -18.56 7.76
C THR D 234 30.23 -18.55 8.80
N LYS D 235 31.38 -19.11 8.44
CA LYS D 235 32.57 -19.08 9.29
C LYS D 235 33.16 -17.68 9.48
N TYR D 236 32.95 -16.80 8.48
CA TYR D 236 33.49 -15.42 8.50
C TYR D 236 32.54 -14.36 9.05
N TYR D 237 31.23 -14.57 8.92
CA TYR D 237 30.22 -13.59 9.38
C TYR D 237 29.07 -14.37 10.05
N ASP D 238 28.69 -13.93 11.25
CA ASP D 238 27.64 -14.61 12.05
C ASP D 238 26.25 -14.58 11.41
N ASN D 239 25.83 -13.42 10.95
CA ASN D 239 24.51 -13.24 10.32
C ASN D 239 24.55 -13.51 8.81
N THR D 240 24.75 -14.79 8.49
CA THR D 240 24.80 -15.28 7.13
C THR D 240 23.71 -16.33 6.91
N LEU D 241 22.94 -16.15 5.84
CA LEU D 241 21.95 -17.11 5.37
C LEU D 241 22.49 -17.57 4.03
N VAL D 242 22.71 -18.87 3.86
CA VAL D 242 23.22 -19.44 2.60
C VAL D 242 22.06 -20.06 1.86
N CYS D 243 22.00 -19.80 0.55
CA CYS D 243 21.00 -20.34 -0.37
C CYS D 243 21.74 -21.24 -1.35
N TYR D 244 21.27 -22.48 -1.45
CA TYR D 244 21.88 -23.47 -2.32
C TYR D 244 20.81 -24.31 -3.02
N SER D 245 21.14 -24.78 -4.22
CA SER D 245 20.34 -25.75 -4.95
C SER D 245 21.25 -26.74 -5.65
N TYR D 246 20.66 -27.84 -6.10
CA TYR D 246 21.37 -28.89 -6.85
C TYR D 246 21.13 -28.75 -8.37
N SER D 247 20.85 -27.52 -8.83
CA SER D 247 20.55 -27.25 -10.25
C SER D 247 21.78 -27.38 -11.13
N LYS D 248 22.93 -26.87 -10.67
CA LYS D 248 24.18 -26.93 -11.42
C LYS D 248 25.11 -28.06 -10.96
N SER D 249 25.13 -28.36 -9.66
CA SER D 249 25.98 -29.42 -9.09
C SER D 249 25.59 -30.81 -9.62
N LEU D 250 24.29 -31.14 -9.57
CA LEU D 250 23.77 -32.42 -10.10
C LEU D 250 23.04 -32.29 -11.46
N SER D 251 23.01 -31.11 -12.09
CA SER D 251 22.29 -30.89 -13.37
C SER D 251 20.81 -31.28 -13.28
N LEU D 252 20.15 -30.79 -12.22
CA LEU D 252 18.72 -31.04 -11.95
C LEU D 252 17.93 -29.72 -11.82
N PRO D 253 18.08 -28.79 -12.79
CA PRO D 253 17.43 -27.49 -12.67
C PRO D 253 15.90 -27.54 -12.60
N GLY D 254 15.28 -28.34 -13.48
CA GLY D 254 13.83 -28.48 -13.52
C GLY D 254 13.18 -29.29 -12.42
N GLU D 255 13.96 -29.98 -11.60
CA GLU D 255 13.45 -30.84 -10.52
C GLU D 255 13.19 -30.09 -9.20
N ARG D 256 13.77 -28.89 -9.04
CA ARG D 256 13.46 -28.00 -7.90
C ARG D 256 13.81 -28.59 -6.54
N ILE D 257 15.11 -28.69 -6.24
CA ILE D 257 15.59 -29.18 -4.94
C ILE D 257 16.79 -28.32 -4.47
N GLY D 258 16.69 -27.84 -3.23
CA GLY D 258 17.72 -26.96 -2.64
C GLY D 258 17.52 -26.75 -1.15
N TYR D 259 18.13 -25.70 -0.59
CA TYR D 259 17.98 -25.39 0.84
C TYR D 259 18.38 -23.96 1.24
N VAL D 260 17.97 -23.61 2.46
CA VAL D 260 18.37 -22.38 3.17
C VAL D 260 19.06 -22.89 4.44
N LEU D 261 20.21 -22.29 4.75
CA LEU D 261 21.02 -22.64 5.93
C LEU D 261 20.95 -21.46 6.90
N VAL D 262 20.45 -21.73 8.11
CA VAL D 262 20.32 -20.75 9.20
C VAL D 262 21.20 -21.19 10.39
N PRO D 263 22.47 -20.73 10.43
CA PRO D 263 23.35 -21.12 11.54
C PRO D 263 22.88 -20.70 12.93
N ASP D 264 23.41 -21.35 13.97
CA ASP D 264 23.11 -20.99 15.36
C ASP D 264 23.71 -19.63 15.72
N GLU D 265 24.77 -19.26 15.01
CA GLU D 265 25.54 -18.04 15.24
C GLU D 265 24.84 -16.77 14.78
N VAL D 266 23.71 -16.86 14.08
CA VAL D 266 22.90 -15.66 13.74
C VAL D 266 22.34 -15.05 15.04
N TYR D 267 22.05 -13.74 15.04
CA TYR D 267 21.57 -12.99 16.24
C TYR D 267 20.58 -13.78 17.17
N ASP D 268 19.63 -14.48 16.54
CA ASP D 268 18.62 -15.31 17.21
C ASP D 268 18.16 -16.34 16.15
N LYS D 269 18.72 -17.55 16.22
CA LYS D 269 18.43 -18.66 15.30
C LYS D 269 16.97 -19.07 15.38
N ALA D 270 16.46 -19.23 16.59
CA ALA D 270 15.06 -19.59 16.82
C ALA D 270 14.10 -18.59 16.12
N GLU D 271 14.38 -17.28 16.26
CA GLU D 271 13.53 -16.23 15.66
C GLU D 271 13.66 -16.19 14.13
N LEU D 272 14.89 -16.30 13.62
CA LEU D 272 15.11 -16.27 12.17
C LEU D 272 14.61 -17.55 11.50
N TYR D 273 14.87 -18.72 12.09
CA TYR D 273 14.42 -20.03 11.52
C TYR D 273 12.90 -20.12 11.46
N ALA D 274 12.22 -19.60 12.48
CA ALA D 274 10.75 -19.48 12.48
C ALA D 274 10.30 -18.55 11.34
N ALA D 275 10.95 -17.40 11.18
CA ALA D 275 10.59 -16.47 10.07
C ALA D 275 10.81 -17.13 8.70
N VAL D 276 11.90 -17.88 8.55
CA VAL D 276 12.19 -18.68 7.36
C VAL D 276 11.06 -19.70 7.12
N CYS D 277 10.63 -20.39 8.19
CA CYS D 277 9.51 -21.36 8.10
C CYS D 277 8.21 -20.68 7.68
N GLY D 278 7.91 -19.54 8.29
CA GLY D 278 6.72 -18.77 7.96
C GLY D 278 6.69 -18.24 6.54
N ALA D 279 7.83 -17.75 6.05
CA ALA D 279 7.96 -17.25 4.68
C ALA D 279 7.71 -18.35 3.65
N GLY D 280 8.24 -19.54 3.91
CA GLY D 280 8.04 -20.68 3.04
C GLY D 280 6.56 -21.02 2.90
N ARG D 281 5.86 -20.95 4.03
CA ARG D 281 4.42 -21.23 4.11
C ARG D 281 3.60 -20.16 3.37
N ALA D 282 3.91 -18.89 3.65
CA ALA D 282 3.31 -17.72 2.98
C ALA D 282 3.47 -17.72 1.47
N LEU D 283 4.61 -18.23 0.98
CA LEU D 283 4.90 -18.36 -0.46
C LEU D 283 4.21 -19.58 -1.14
N GLY D 284 3.44 -20.37 -0.37
CA GLY D 284 2.70 -21.52 -0.88
C GLY D 284 3.47 -22.81 -0.93
N TYR D 285 4.59 -22.89 -0.19
CA TYR D 285 5.40 -24.11 -0.15
C TYR D 285 4.90 -24.98 1.00
N VAL D 286 4.77 -26.28 0.75
CA VAL D 286 4.37 -27.27 1.75
C VAL D 286 5.61 -28.10 2.13
N CYS D 287 6.35 -28.58 1.13
CA CYS D 287 7.65 -29.25 1.32
C CYS D 287 8.37 -29.42 -0.02
N ALA D 288 9.67 -29.71 0.05
CA ALA D 288 10.46 -29.97 -1.16
C ALA D 288 10.04 -31.34 -1.72
N PRO D 289 10.17 -31.55 -3.05
CA PRO D 289 9.79 -32.82 -3.67
C PRO D 289 10.40 -34.06 -2.96
N SER D 290 9.51 -34.83 -2.32
CA SER D 290 9.86 -36.01 -1.49
C SER D 290 10.85 -37.01 -2.10
N LEU D 291 10.64 -37.36 -3.37
CA LEU D 291 11.52 -38.26 -4.11
C LEU D 291 12.95 -37.74 -4.11
N PHE D 292 13.08 -36.46 -4.46
CA PHE D 292 14.38 -35.78 -4.57
C PHE D 292 15.07 -35.53 -3.22
N GLN D 293 14.29 -35.34 -2.13
CA GLN D 293 14.87 -35.18 -0.77
C GLN D 293 15.57 -36.48 -0.36
N LYS D 294 14.88 -37.60 -0.56
CA LYS D 294 15.39 -38.94 -0.23
C LYS D 294 16.61 -39.31 -1.11
N MSE D 295 16.59 -38.85 -2.37
CA MSE D 295 17.68 -39.08 -3.31
CA MSE D 295 17.68 -39.07 -3.32
C MSE D 295 18.95 -38.34 -2.87
O MSE D 295 20.06 -38.90 -2.92
CB MSE D 295 17.23 -38.72 -4.75
CB MSE D 295 17.26 -38.59 -4.71
CG MSE D 295 18.30 -38.78 -5.86
CG MSE D 295 18.23 -38.85 -5.86
SE MSE D 295 19.36 -37.15 -6.09
SE MSE D 295 17.79 -37.72 -7.39
CE MSE D 295 18.01 -35.93 -6.62
CE MSE D 295 18.19 -35.96 -6.66
N ILE D 296 18.80 -37.08 -2.42
CA ILE D 296 19.91 -36.23 -1.91
C ILE D 296 20.74 -36.84 -0.76
N VAL D 297 20.11 -37.67 0.07
CA VAL D 297 20.78 -38.37 1.20
C VAL D 297 21.98 -39.21 0.74
N LYS D 298 21.86 -39.80 -0.46
CA LYS D 298 22.90 -40.64 -1.07
C LYS D 298 23.86 -39.93 -2.05
N CYS D 299 23.51 -38.71 -2.51
CA CYS D 299 24.29 -37.95 -3.50
C CYS D 299 25.20 -36.82 -2.97
N GLN D 300 25.44 -36.79 -1.65
CA GLN D 300 26.28 -35.75 -1.02
C GLN D 300 27.72 -35.86 -1.55
N GLY D 301 28.24 -34.75 -2.07
CA GLY D 301 29.58 -34.71 -2.67
C GLY D 301 29.64 -35.09 -4.15
N ALA D 302 28.54 -35.61 -4.70
CA ALA D 302 28.47 -36.01 -6.11
C ALA D 302 28.29 -34.79 -6.99
N THR D 303 28.98 -34.79 -8.14
CA THR D 303 28.87 -33.74 -9.16
C THR D 303 28.99 -34.32 -10.56
N GLY D 304 28.51 -33.56 -11.55
CA GLY D 304 28.64 -33.93 -12.95
C GLY D 304 30.08 -33.72 -13.40
N ASP D 305 30.36 -33.99 -14.68
CA ASP D 305 31.70 -33.81 -15.26
C ASP D 305 32.00 -32.31 -15.40
N ILE D 306 32.41 -31.68 -14.28
CA ILE D 306 32.71 -30.23 -14.20
C ILE D 306 33.87 -29.85 -15.16
N ASN D 307 34.81 -30.76 -15.36
CA ASN D 307 35.93 -30.59 -16.29
C ASN D 307 35.50 -30.25 -17.74
N ALA D 308 34.32 -30.77 -18.15
CA ALA D 308 33.73 -30.46 -19.47
C ALA D 308 33.53 -28.95 -19.66
N TYR D 309 33.12 -28.25 -18.59
CA TYR D 309 32.97 -26.79 -18.60
C TYR D 309 34.34 -26.09 -18.63
N LYS D 310 35.33 -26.60 -17.89
CA LYS D 310 36.70 -26.03 -17.85
C LYS D 310 37.36 -26.03 -19.23
N GLU D 311 37.20 -27.13 -19.97
CA GLU D 311 37.74 -27.27 -21.34
C GLU D 311 37.19 -26.16 -22.25
N ASN D 312 35.85 -26.00 -22.22
CA ASN D 312 35.17 -24.92 -22.94
C ASN D 312 35.68 -23.52 -22.54
N ARG D 313 35.82 -23.28 -21.23
CA ARG D 313 36.37 -22.00 -20.70
C ARG D 313 37.71 -21.68 -21.35
N ASP D 314 38.63 -22.65 -21.27
CA ASP D 314 39.99 -22.51 -21.80
C ASP D 314 40.03 -22.26 -23.31
N LEU D 315 39.24 -23.05 -24.05
CA LEU D 315 39.14 -22.95 -25.52
C LEU D 315 38.56 -21.58 -25.93
N LEU D 316 37.49 -21.15 -25.25
CA LEU D 316 36.86 -19.84 -25.51
C LEU D 316 37.76 -18.67 -25.08
N TYR D 317 38.40 -18.77 -23.91
CA TYR D 317 39.31 -17.73 -23.41
C TYR D 317 40.48 -17.51 -24.36
N GLU D 318 41.20 -18.60 -24.66
CA GLU D 318 42.37 -18.60 -25.55
C GLU D 318 42.04 -18.06 -26.95
N GLY D 319 40.94 -18.54 -27.53
CA GLY D 319 40.48 -18.14 -28.87
C GLY D 319 40.15 -16.66 -29.02
N LEU D 320 39.29 -16.14 -28.14
CA LEU D 320 38.91 -14.70 -28.14
C LEU D 320 40.07 -13.77 -27.81
N THR D 321 40.93 -14.21 -26.88
CA THR D 321 42.13 -13.45 -26.48
C THR D 321 43.12 -13.37 -27.65
N ARG D 322 43.31 -14.50 -28.35
CA ARG D 322 44.17 -14.58 -29.55
C ARG D 322 43.69 -13.61 -30.64
N ILE D 323 42.37 -13.51 -30.81
CA ILE D 323 41.74 -12.56 -31.75
C ILE D 323 41.99 -11.10 -31.33
N GLY D 324 41.98 -10.82 -30.03
CA GLY D 324 42.20 -9.45 -29.49
C GLY D 324 41.20 -8.95 -28.44
N TYR D 325 40.21 -9.76 -28.07
CA TYR D 325 39.23 -9.37 -27.06
C TYR D 325 39.83 -9.38 -25.65
N HIS D 326 39.32 -8.49 -24.80
CA HIS D 326 39.68 -8.44 -23.40
C HIS D 326 38.65 -9.30 -22.67
N CYS D 327 39.08 -10.49 -22.23
CA CYS D 327 38.24 -11.42 -21.48
C CYS D 327 38.66 -11.45 -20.02
N PHE D 328 37.70 -11.41 -19.10
CA PHE D 328 38.00 -11.59 -17.67
C PHE D 328 38.01 -13.11 -17.50
N LYS D 329 39.16 -13.69 -17.17
CA LYS D 329 39.28 -15.15 -17.03
C LYS D 329 38.51 -15.61 -15.78
N PRO D 330 37.40 -16.38 -15.96
CA PRO D 330 36.60 -16.74 -14.78
C PRO D 330 37.18 -17.90 -14.00
N ASP D 331 37.02 -17.87 -12.67
CA ASP D 331 37.43 -18.95 -11.78
C ASP D 331 36.30 -19.93 -11.48
N GLY D 332 35.06 -19.53 -11.73
CA GLY D 332 33.90 -20.39 -11.48
C GLY D 332 32.69 -20.08 -12.34
N ALA D 333 31.63 -20.88 -12.17
CA ALA D 333 30.39 -20.82 -12.99
C ALA D 333 30.71 -21.21 -14.45
N PHE D 334 29.81 -20.94 -15.40
CA PHE D 334 30.03 -21.23 -16.83
C PHE D 334 29.65 -20.07 -17.75
N TYR D 335 30.05 -18.87 -17.34
CA TYR D 335 29.81 -17.64 -18.07
C TYR D 335 31.10 -16.86 -18.17
N MSE D 336 31.43 -16.36 -19.37
CA MSE D 336 32.61 -15.53 -19.54
C MSE D 336 32.18 -14.10 -19.79
O MSE D 336 31.27 -13.84 -20.61
CB MSE D 336 33.53 -16.02 -20.63
CG MSE D 336 34.91 -15.39 -20.54
SE MSE D 336 36.11 -16.15 -21.78
CE MSE D 336 36.25 -18.00 -21.09
N PHE D 337 32.86 -13.18 -19.10
CA PHE D 337 32.58 -11.76 -19.15
C PHE D 337 33.68 -11.15 -20.04
N VAL D 338 33.25 -10.51 -21.13
CA VAL D 338 34.16 -9.92 -22.13
C VAL D 338 33.78 -8.45 -22.33
N LYS D 339 34.77 -7.59 -22.54
CA LYS D 339 34.47 -6.17 -22.77
C LYS D 339 34.01 -5.99 -24.21
N ALA D 340 32.99 -5.15 -24.40
CA ALA D 340 32.45 -4.84 -25.70
C ALA D 340 33.46 -4.01 -26.48
N LEU D 341 33.50 -4.18 -27.80
CA LEU D 341 34.45 -3.44 -28.65
C LEU D 341 34.11 -1.94 -28.83
N GLU D 342 32.97 -1.51 -28.29
CA GLU D 342 32.58 -0.10 -28.10
C GLU D 342 31.91 0.03 -26.72
N ASP D 343 31.69 1.27 -26.27
CA ASP D 343 31.05 1.51 -24.97
C ASP D 343 29.59 1.03 -24.94
N ASP D 344 28.89 1.13 -26.08
CA ASP D 344 27.50 0.67 -26.19
C ASP D 344 27.50 -0.85 -26.44
N SER D 345 27.24 -1.60 -25.37
CA SER D 345 27.21 -3.07 -25.38
C SER D 345 26.02 -3.59 -26.21
N ASN D 346 24.90 -2.87 -26.16
CA ASN D 346 23.71 -3.24 -26.95
C ASN D 346 24.02 -3.20 -28.46
N ALA D 347 24.59 -2.09 -28.91
CA ALA D 347 25.03 -1.91 -30.30
C ALA D 347 26.09 -2.94 -30.69
N PHE D 348 27.00 -3.26 -29.77
CA PHE D 348 28.02 -4.29 -30.00
C PHE D 348 27.38 -5.68 -30.14
N CYS D 349 26.42 -6.00 -29.27
CA CYS D 349 25.67 -7.26 -29.35
C CYS D 349 24.89 -7.37 -30.67
N GLU D 350 24.41 -6.24 -31.19
CA GLU D 350 23.77 -6.20 -32.53
C GLU D 350 24.74 -6.51 -33.64
N LYS D 351 25.90 -5.86 -33.60
CA LYS D 351 26.97 -6.09 -34.57
C LYS D 351 27.41 -7.56 -34.58
N ALA D 352 27.49 -8.16 -33.39
CA ALA D 352 27.78 -9.59 -33.24
C ALA D 352 26.65 -10.43 -33.85
N LYS D 353 25.41 -9.98 -33.65
CA LYS D 353 24.23 -10.68 -34.18
C LYS D 353 24.19 -10.73 -35.73
N GLU D 354 24.89 -9.80 -36.40
CA GLU D 354 25.06 -9.79 -37.87
C GLU D 354 25.84 -11.01 -38.37
N GLU D 355 26.75 -11.54 -37.55
CA GLU D 355 27.53 -12.75 -37.89
C GLU D 355 27.01 -13.98 -37.13
N ASP D 356 25.75 -13.94 -36.71
CA ASP D 356 25.08 -15.03 -36.00
C ASP D 356 25.79 -15.50 -34.71
N VAL D 357 26.45 -14.56 -34.04
CA VAL D 357 27.09 -14.78 -32.75
C VAL D 357 26.09 -14.18 -31.78
N LEU D 358 25.44 -15.03 -31.00
CA LEU D 358 24.41 -14.64 -30.03
C LEU D 358 25.03 -14.55 -28.62
N ILE D 359 25.29 -13.31 -28.20
CA ILE D 359 25.89 -12.97 -26.90
C ILE D 359 24.94 -11.99 -26.17
N VAL D 360 25.10 -11.86 -24.85
CA VAL D 360 24.18 -11.04 -24.02
C VAL D 360 24.85 -9.78 -23.45
N ALA D 361 24.23 -8.62 -23.69
CA ALA D 361 24.73 -7.33 -23.18
C ALA D 361 24.61 -7.35 -21.66
N ALA D 362 25.67 -6.87 -20.99
CA ALA D 362 25.75 -6.87 -19.52
C ALA D 362 25.00 -5.69 -18.85
N ASP D 363 24.29 -4.88 -19.66
CA ASP D 363 23.53 -3.73 -19.19
C ASP D 363 22.46 -4.16 -18.18
N GLY D 364 21.75 -5.24 -18.49
CA GLY D 364 20.73 -5.84 -17.61
C GLY D 364 21.26 -6.41 -16.30
N PHE D 365 22.53 -6.82 -16.30
CA PHE D 365 23.23 -7.31 -15.10
C PHE D 365 23.89 -6.15 -14.29
N GLY D 366 23.69 -4.90 -14.73
CA GLY D 366 24.21 -3.72 -14.08
C GLY D 366 25.62 -3.34 -14.47
N CYS D 367 26.06 -3.73 -15.68
CA CYS D 367 27.43 -3.47 -16.12
C CYS D 367 27.57 -3.14 -17.62
N PRO D 368 27.19 -1.91 -18.03
CA PRO D 368 27.39 -1.44 -19.43
C PRO D 368 28.84 -1.57 -19.95
N GLY D 369 28.97 -1.69 -21.26
CA GLY D 369 30.28 -1.90 -21.92
C GLY D 369 30.87 -3.31 -21.88
N TRP D 370 30.17 -4.25 -21.23
CA TRP D 370 30.59 -5.63 -21.12
C TRP D 370 29.49 -6.55 -21.66
N VAL D 371 29.87 -7.78 -21.98
CA VAL D 371 28.95 -8.81 -22.46
C VAL D 371 29.18 -10.14 -21.73
N ARG D 372 28.12 -10.96 -21.67
CA ARG D 372 28.19 -12.29 -21.10
C ARG D 372 28.12 -13.34 -22.21
N ILE D 373 29.06 -14.29 -22.21
CA ILE D 373 29.14 -15.40 -23.15
C ILE D 373 29.07 -16.71 -22.33
N SER D 374 27.92 -17.37 -22.36
CA SER D 374 27.72 -18.66 -21.66
C SER D 374 28.46 -19.74 -22.44
N TYR D 375 29.32 -20.51 -21.75
CA TYR D 375 30.06 -21.62 -22.40
C TYR D 375 29.58 -23.01 -21.93
N CYS D 376 28.32 -23.09 -21.47
CA CYS D 376 27.65 -24.36 -21.15
C CYS D 376 26.93 -24.71 -22.46
N VAL D 377 27.77 -25.00 -23.46
CA VAL D 377 27.42 -25.24 -24.85
C VAL D 377 28.32 -26.37 -25.39
N ASP D 378 28.13 -26.75 -26.65
CA ASP D 378 28.97 -27.78 -27.29
C ASP D 378 30.37 -27.19 -27.56
N ARG D 379 31.42 -27.96 -27.24
CA ARG D 379 32.81 -27.56 -27.44
C ARG D 379 33.14 -27.28 -28.91
N GLU D 380 32.58 -28.09 -29.82
CA GLU D 380 32.83 -27.95 -31.26
C GLU D 380 32.23 -26.68 -31.85
N MSE D 381 31.12 -26.21 -31.27
CA MSE D 381 30.53 -24.94 -31.69
C MSE D 381 31.47 -23.76 -31.36
O MSE D 381 31.55 -22.81 -32.14
CB MSE D 381 29.13 -24.75 -31.10
CG MSE D 381 28.46 -23.46 -31.54
SE MSE D 381 28.89 -21.99 -30.35
CE MSE D 381 27.51 -22.39 -29.06
N ILE D 382 32.17 -23.83 -30.22
CA ILE D 382 33.15 -22.80 -29.80
C ILE D 382 34.28 -22.67 -30.83
N LYS D 383 34.72 -23.82 -31.36
CA LYS D 383 35.72 -23.86 -32.44
C LYS D 383 35.19 -23.23 -33.72
N HIS D 384 33.95 -23.59 -34.10
CA HIS D 384 33.32 -23.04 -35.32
C HIS D 384 32.96 -21.55 -35.25
N SER D 385 32.83 -21.01 -34.03
CA SER D 385 32.50 -19.59 -33.84
C SER D 385 33.66 -18.60 -34.02
N MSE D 386 34.91 -19.06 -33.92
CA MSE D 386 36.09 -18.16 -33.99
C MSE D 386 36.22 -17.32 -35.27
O MSE D 386 36.52 -16.13 -35.16
CB MSE D 386 37.39 -18.91 -33.67
CG MSE D 386 37.45 -19.43 -32.25
SE MSE D 386 37.36 -17.99 -30.97
CE MSE D 386 36.82 -18.98 -29.40
N PRO D 387 36.03 -17.92 -36.47
CA PRO D 387 35.98 -17.10 -37.69
C PRO D 387 34.96 -15.96 -37.58
N ALA D 388 33.78 -16.25 -37.00
CA ALA D 388 32.73 -15.24 -36.77
C ALA D 388 33.17 -14.12 -35.81
N PHE D 389 33.76 -14.51 -34.67
CA PHE D 389 34.31 -13.55 -33.67
C PHE D 389 35.44 -12.66 -34.24
N GLU D 390 36.24 -13.21 -35.15
CA GLU D 390 37.34 -12.45 -35.78
C GLU D 390 36.76 -11.45 -36.78
N LYS D 391 35.73 -11.86 -37.53
CA LYS D 391 35.01 -10.97 -38.45
C LYS D 391 34.33 -9.81 -37.65
N ILE D 392 33.76 -10.13 -36.48
CA ILE D 392 33.19 -9.11 -35.57
C ILE D 392 34.30 -8.12 -35.13
N TYR D 393 35.45 -8.68 -34.73
CA TYR D 393 36.63 -7.89 -34.32
C TYR D 393 37.14 -7.02 -35.47
N LYS D 394 37.15 -7.58 -36.68
CA LYS D 394 37.52 -6.81 -37.90
C LYS D 394 36.63 -5.58 -38.15
N LYS D 395 35.37 -5.60 -37.71
CA LYS D 395 34.47 -4.44 -37.86
C LYS D 395 34.92 -3.21 -37.06
N TYR D 396 35.58 -3.43 -35.91
CA TYR D 396 36.05 -2.36 -35.01
C TYR D 396 37.53 -2.01 -35.09
N ASN D 397 38.35 -2.98 -35.49
CA ASN D 397 39.81 -2.81 -35.61
C ASN D 397 40.29 -3.36 -36.96
N LYS D 398 40.14 -2.55 -38.01
CA LYS D 398 40.54 -2.92 -39.38
C LYS D 398 42.06 -2.80 -39.60
N1 PLP E . 6.76 27.95 -0.23
C2 PLP E . 7.89 28.63 0.23
C2A PLP E . 9.18 28.49 -0.49
C3 PLP E . 7.80 29.47 1.37
O3 PLP E . 8.89 30.15 1.82
C4 PLP E . 6.57 29.59 2.06
C4A PLP E . 6.67 30.13 3.48
O4A PLP E . 6.89 29.36 4.41
C5 PLP E . 5.43 28.89 1.57
C6 PLP E . 5.54 28.07 0.42
C5A PLP E . 4.09 28.93 2.25
O4P PLP E . 3.24 29.93 1.77
P PLP E . 1.73 29.97 2.33
O1P PLP E . 0.80 30.44 1.25
O2P PLP E . 1.65 30.97 3.45
O3P PLP E . 1.29 28.63 2.82
C1 EDO F . -0.87 39.13 -7.98
O1 EDO F . -2.16 39.72 -8.17
C2 EDO F . 0.15 40.20 -8.31
O2 EDO F . 0.25 41.11 -7.22
C1 EDO G . 25.64 36.11 24.72
O1 EDO G . 27.02 36.28 25.02
C2 EDO G . 24.96 35.39 25.86
O2 EDO G . 23.84 34.64 25.36
N1 PLP H . -20.83 17.76 9.91
C2 PLP H . -22.15 17.74 9.46
C2A PLP H . -23.09 16.76 10.05
C3 PLP H . -22.56 18.64 8.47
O3 PLP H . -23.87 18.64 8.05
C4 PLP H . -21.64 19.57 7.93
C4A PLP H . -22.09 20.47 6.81
O4A PLP H . -21.74 20.26 5.65
C5 PLP H . -20.29 19.57 8.42
C6 PLP H . -19.89 18.66 9.41
C5A PLP H . -19.24 20.50 7.88
O4P PLP H . -19.23 21.80 8.43
P PLP H . -18.02 22.78 7.99
O1P PLP H . -17.70 23.74 9.11
O2P PLP H . -18.47 23.53 6.78
O3P PLP H . -16.80 21.98 7.64
CL CL I . -15.21 2.36 4.08
C1 EDO J . -22.03 29.70 19.19
O1 EDO J . -22.85 30.75 19.73
C2 EDO J . -20.88 29.42 20.15
O2 EDO J . -20.25 30.67 20.46
C1 EDO K . -8.88 2.71 28.39
O1 EDO K . -10.03 3.42 27.93
C2 EDO K . -8.54 1.51 27.51
O2 EDO K . -7.90 0.49 28.30
C1 EDO L . -15.09 -3.36 7.65
O1 EDO L . -15.49 -2.19 6.93
C2 EDO L . -13.85 -3.91 6.99
O2 EDO L . -12.78 -2.93 7.04
C1 EDO M . -35.08 31.22 6.47
O1 EDO M . -34.58 29.91 6.18
C2 EDO M . -35.12 32.07 5.19
O2 EDO M . -36.46 32.32 4.71
C1 EDO N . -25.58 18.77 3.77
O1 EDO N . -25.31 17.39 3.46
C2 EDO N . -25.34 19.63 2.53
O2 EDO N . -26.43 19.53 1.63
C1 EDO O . -12.30 -9.00 17.27
O1 EDO O . -12.10 -8.19 18.43
C2 EDO O . -11.26 -8.73 16.18
O2 EDO O . -11.87 -8.58 14.90
C1 EDO P . -54.34 18.89 -5.46
O1 EDO P . -54.76 18.36 -4.20
C2 EDO P . -52.86 18.71 -5.63
O2 EDO P . -52.25 19.98 -5.38
C1 EDO Q . -19.21 2.24 4.94
O1 EDO Q . -20.14 1.16 5.09
C2 EDO Q . -19.64 3.18 3.83
O2 EDO Q . -19.71 2.48 2.58
C1 EDO R . -11.52 2.88 0.98
O1 EDO R . -10.16 2.88 0.56
C2 EDO R . -12.17 1.59 0.52
O2 EDO R . -13.51 1.46 1.03
N1 PLP S . -6.97 -28.01 -0.85
C2 PLP S . -7.60 -28.83 0.08
C2A PLP S . -9.08 -28.70 0.25
C3 PLP S . -6.84 -29.74 0.85
O3 PLP S . -7.47 -30.54 1.77
C4 PLP S . -5.43 -29.82 0.66
C4A PLP S . -4.59 -30.61 1.66
O4A PLP S . -4.93 -30.71 2.84
C5 PLP S . -4.83 -28.97 -0.32
C6 PLP S . -5.61 -28.07 -1.06
C5A PLP S . -3.35 -28.95 -0.62
O4P PLP S . -3.10 -29.85 -1.67
P PLP S . -1.62 -30.06 -2.28
O1P PLP S . -1.63 -30.37 -3.75
O2P PLP S . -0.98 -31.23 -1.59
O3P PLP S . -0.87 -28.77 -2.05
C1 EDO T . -6.69 -38.31 -12.01
O1 EDO T . -7.55 -39.33 -12.50
C2 EDO T . -5.95 -37.60 -13.14
O2 EDO T . -6.81 -37.34 -14.26
N1 PLP U . 21.28 -17.84 -8.62
C2 PLP U . 22.08 -17.52 -9.72
C2A PLP U . 23.22 -16.56 -9.55
C3 PLP U . 21.81 -18.11 -10.97
O3 PLP U . 22.58 -17.80 -12.04
C4 PLP U . 20.73 -19.01 -11.13
C4A PLP U . 20.54 -19.67 -12.48
O4A PLP U . 19.56 -19.37 -13.19
C5 PLP U . 19.95 -19.31 -9.99
C6 PLP U . 20.22 -18.72 -8.75
C5A PLP U . 18.76 -20.24 -10.03
O4P PLP U . 18.99 -21.48 -9.39
P PLP U . 17.73 -22.47 -9.17
O1P PLP U . 17.94 -23.38 -7.99
O2P PLP U . 17.53 -23.30 -10.41
O3P PLP U . 16.51 -21.61 -8.83
CL CL V . 14.08 -1.82 -6.66
#